data_3ECC
# 
_entry.id   3ECC 
# 
_audit_conform.dict_name       mmcif_pdbx.dic 
_audit_conform.dict_version    5.387 
_audit_conform.dict_location   http://mmcif.pdb.org/dictionaries/ascii/mmcif_pdbx.dic 
# 
loop_
_database_2.database_id 
_database_2.database_code 
_database_2.pdbx_database_accession 
_database_2.pdbx_DOI 
PDB   3ECC         pdb_00003ecc 10.2210/pdb3ecc/pdb 
RCSB  RCSB049144   ?            ?                   
WWPDB D_1000049144 ?            ?                   
# 
loop_
_pdbx_audit_revision_history.ordinal 
_pdbx_audit_revision_history.data_content_type 
_pdbx_audit_revision_history.major_revision 
_pdbx_audit_revision_history.minor_revision 
_pdbx_audit_revision_history.revision_date 
1 'Structure model' 1 0 2008-11-25 
2 'Structure model' 1 1 2011-07-13 
3 'Structure model' 1 2 2017-10-25 
4 'Structure model' 1 3 2024-02-21 
# 
_pdbx_audit_revision_details.ordinal             1 
_pdbx_audit_revision_details.revision_ordinal    1 
_pdbx_audit_revision_details.data_content_type   'Structure model' 
_pdbx_audit_revision_details.provider            repository 
_pdbx_audit_revision_details.type                'Initial release' 
_pdbx_audit_revision_details.description         ? 
_pdbx_audit_revision_details.details             ? 
# 
loop_
_pdbx_audit_revision_group.ordinal 
_pdbx_audit_revision_group.revision_ordinal 
_pdbx_audit_revision_group.data_content_type 
_pdbx_audit_revision_group.group 
1 2 'Structure model' 'Version format compliance' 
2 3 'Structure model' 'Refinement description'    
3 4 'Structure model' 'Data collection'           
4 4 'Structure model' 'Database references'       
5 4 'Structure model' 'Derived calculations'      
# 
loop_
_pdbx_audit_revision_category.ordinal 
_pdbx_audit_revision_category.revision_ordinal 
_pdbx_audit_revision_category.data_content_type 
_pdbx_audit_revision_category.category 
1 3 'Structure model' software           
2 4 'Structure model' chem_comp_atom     
3 4 'Structure model' chem_comp_bond     
4 4 'Structure model' database_2         
5 4 'Structure model' struct_ref_seq_dif 
6 4 'Structure model' struct_site        
# 
loop_
_pdbx_audit_revision_item.ordinal 
_pdbx_audit_revision_item.revision_ordinal 
_pdbx_audit_revision_item.data_content_type 
_pdbx_audit_revision_item.item 
1 3 'Structure model' '_software.classification'            
2 4 'Structure model' '_database_2.pdbx_DOI'                
3 4 'Structure model' '_database_2.pdbx_database_accession' 
4 4 'Structure model' '_struct_ref_seq_dif.details'         
5 4 'Structure model' '_struct_site.pdbx_auth_asym_id'      
6 4 'Structure model' '_struct_site.pdbx_auth_comp_id'      
7 4 'Structure model' '_struct_site.pdbx_auth_seq_id'       
# 
_pdbx_database_status.status_code                     REL 
_pdbx_database_status.entry_id                        3ECC 
_pdbx_database_status.recvd_initial_deposition_date   2008-08-29 
_pdbx_database_status.deposit_site                    RCSB 
_pdbx_database_status.process_site                    RCSB 
_pdbx_database_status.status_code_sf                  REL 
_pdbx_database_status.status_code_mr                  ? 
_pdbx_database_status.SG_entry                        ? 
_pdbx_database_status.pdb_format_compatible           Y 
_pdbx_database_status.status_code_cs                  ? 
_pdbx_database_status.methods_development_category    ? 
_pdbx_database_status.status_code_nmr_data            ? 
# 
_pdbx_database_related.db_name        PDB 
_pdbx_database_related.db_id          3EC2 
_pdbx_database_related.details        . 
_pdbx_database_related.content_type   unspecified 
# 
loop_
_audit_author.name 
_audit_author.pdbx_ordinal 
'Mott, M.L.'      1 
'Erzberger, J.P.' 2 
'Coons, M.M.'     3 
'Berger, J.'      4 
# 
_citation.id                        primary 
_citation.title                     
'Structural synergy and molecular crosstalk between bacterial helicase loaders and replication initiators.' 
_citation.journal_abbrev            'Cell(Cambridge,Mass.)' 
_citation.journal_volume            135 
_citation.page_first                623 
_citation.page_last                 634 
_citation.year                      2008 
_citation.journal_id_ASTM           CELLB5 
_citation.country                   US 
_citation.journal_id_ISSN           0092-8674 
_citation.journal_id_CSD            0998 
_citation.book_publisher            ? 
_citation.pdbx_database_id_PubMed   19013274 
_citation.pdbx_database_id_DOI      10.1016/j.cell.2008.09.058 
# 
loop_
_citation_author.citation_id 
_citation_author.name 
_citation_author.ordinal 
_citation_author.identifier_ORCID 
primary 'Mott, M.L.'      1 ? 
primary 'Erzberger, J.P.' 2 ? 
primary 'Coons, M.M.'     3 ? 
primary 'Berger, J.M.'    4 ? 
# 
loop_
_entity.id 
_entity.type 
_entity.src_method 
_entity.pdbx_description 
_entity.formula_weight 
_entity.pdbx_number_of_molecules 
_entity.pdbx_ec 
_entity.pdbx_mutation 
_entity.pdbx_fragment 
_entity.details 
1 polymer     man 'DNA replication protein DnaC' 21248.309 1  ? ? ? ? 
2 non-polymer syn "ADENOSINE-5'-DIPHOSPHATE"     427.201   1  ? ? ? ? 
3 non-polymer syn 'MAGNESIUM ION'                24.305    1  ? ? ? ? 
4 non-polymer syn 'BERYLLIUM TRIFLUORIDE ION'    66.007    1  ? ? ? ? 
5 water       nat water                          18.015    45 ? ? ? ? 
# 
_entity_poly.entity_id                      1 
_entity_poly.type                           'polypeptide(L)' 
_entity_poly.nstd_linkage                   no 
_entity_poly.nstd_monomer                   no 
_entity_poly.pdbx_seq_one_letter_code       
;AKRYWNANLDTYHPKNVSQNRALLTIRVFVHNFNPEEGKGLTFVGSPGVGKTHLAVATLKAIYEKKGIRGYFFDTKDLIF
RLKHLMDEGKDTKFLKTVLNSPVLVLDDLGSERLSDWQRELISYIITYRYNNLKSTIITTNYSLQREEESSVRISADLAS
RLGENVVSKIYEMNELLVIKGSDLR
;
_entity_poly.pdbx_seq_one_letter_code_can   
;AKRYWNANLDTYHPKNVSQNRALLTIRVFVHNFNPEEGKGLTFVGSPGVGKTHLAVATLKAIYEKKGIRGYFFDTKDLIF
RLKHLMDEGKDTKFLKTVLNSPVLVLDDLGSERLSDWQRELISYIITYRYNNLKSTIITTNYSLQREEESSVRISADLAS
RLGENVVSKIYEMNELLVIKGSDLR
;
_entity_poly.pdbx_strand_id                 A 
_entity_poly.pdbx_target_identifier         ? 
# 
loop_
_pdbx_entity_nonpoly.entity_id 
_pdbx_entity_nonpoly.name 
_pdbx_entity_nonpoly.comp_id 
2 "ADENOSINE-5'-DIPHOSPHATE"  ADP 
3 'MAGNESIUM ION'             MG  
4 'BERYLLIUM TRIFLUORIDE ION' BEF 
5 water                       HOH 
# 
loop_
_entity_poly_seq.entity_id 
_entity_poly_seq.num 
_entity_poly_seq.mon_id 
_entity_poly_seq.hetero 
1 1   ALA n 
1 2   LYS n 
1 3   ARG n 
1 4   TYR n 
1 5   TRP n 
1 6   ASN n 
1 7   ALA n 
1 8   ASN n 
1 9   LEU n 
1 10  ASP n 
1 11  THR n 
1 12  TYR n 
1 13  HIS n 
1 14  PRO n 
1 15  LYS n 
1 16  ASN n 
1 17  VAL n 
1 18  SER n 
1 19  GLN n 
1 20  ASN n 
1 21  ARG n 
1 22  ALA n 
1 23  LEU n 
1 24  LEU n 
1 25  THR n 
1 26  ILE n 
1 27  ARG n 
1 28  VAL n 
1 29  PHE n 
1 30  VAL n 
1 31  HIS n 
1 32  ASN n 
1 33  PHE n 
1 34  ASN n 
1 35  PRO n 
1 36  GLU n 
1 37  GLU n 
1 38  GLY n 
1 39  LYS n 
1 40  GLY n 
1 41  LEU n 
1 42  THR n 
1 43  PHE n 
1 44  VAL n 
1 45  GLY n 
1 46  SER n 
1 47  PRO n 
1 48  GLY n 
1 49  VAL n 
1 50  GLY n 
1 51  LYS n 
1 52  THR n 
1 53  HIS n 
1 54  LEU n 
1 55  ALA n 
1 56  VAL n 
1 57  ALA n 
1 58  THR n 
1 59  LEU n 
1 60  LYS n 
1 61  ALA n 
1 62  ILE n 
1 63  TYR n 
1 64  GLU n 
1 65  LYS n 
1 66  LYS n 
1 67  GLY n 
1 68  ILE n 
1 69  ARG n 
1 70  GLY n 
1 71  TYR n 
1 72  PHE n 
1 73  PHE n 
1 74  ASP n 
1 75  THR n 
1 76  LYS n 
1 77  ASP n 
1 78  LEU n 
1 79  ILE n 
1 80  PHE n 
1 81  ARG n 
1 82  LEU n 
1 83  LYS n 
1 84  HIS n 
1 85  LEU n 
1 86  MET n 
1 87  ASP n 
1 88  GLU n 
1 89  GLY n 
1 90  LYS n 
1 91  ASP n 
1 92  THR n 
1 93  LYS n 
1 94  PHE n 
1 95  LEU n 
1 96  LYS n 
1 97  THR n 
1 98  VAL n 
1 99  LEU n 
1 100 ASN n 
1 101 SER n 
1 102 PRO n 
1 103 VAL n 
1 104 LEU n 
1 105 VAL n 
1 106 LEU n 
1 107 ASP n 
1 108 ASP n 
1 109 LEU n 
1 110 GLY n 
1 111 SER n 
1 112 GLU n 
1 113 ARG n 
1 114 LEU n 
1 115 SER n 
1 116 ASP n 
1 117 TRP n 
1 118 GLN n 
1 119 ARG n 
1 120 GLU n 
1 121 LEU n 
1 122 ILE n 
1 123 SER n 
1 124 TYR n 
1 125 ILE n 
1 126 ILE n 
1 127 THR n 
1 128 TYR n 
1 129 ARG n 
1 130 TYR n 
1 131 ASN n 
1 132 ASN n 
1 133 LEU n 
1 134 LYS n 
1 135 SER n 
1 136 THR n 
1 137 ILE n 
1 138 ILE n 
1 139 THR n 
1 140 THR n 
1 141 ASN n 
1 142 TYR n 
1 143 SER n 
1 144 LEU n 
1 145 GLN n 
1 146 ARG n 
1 147 GLU n 
1 148 GLU n 
1 149 GLU n 
1 150 SER n 
1 151 SER n 
1 152 VAL n 
1 153 ARG n 
1 154 ILE n 
1 155 SER n 
1 156 ALA n 
1 157 ASP n 
1 158 LEU n 
1 159 ALA n 
1 160 SER n 
1 161 ARG n 
1 162 LEU n 
1 163 GLY n 
1 164 GLU n 
1 165 ASN n 
1 166 VAL n 
1 167 VAL n 
1 168 SER n 
1 169 LYS n 
1 170 ILE n 
1 171 TYR n 
1 172 GLU n 
1 173 MET n 
1 174 ASN n 
1 175 GLU n 
1 176 LEU n 
1 177 LEU n 
1 178 VAL n 
1 179 ILE n 
1 180 LYS n 
1 181 GLY n 
1 182 SER n 
1 183 ASP n 
1 184 LEU n 
1 185 ARG n 
# 
_entity_src_gen.entity_id                          1 
_entity_src_gen.pdbx_src_id                        1 
_entity_src_gen.pdbx_alt_source_flag               sample 
_entity_src_gen.pdbx_seq_type                      ? 
_entity_src_gen.pdbx_beg_seq_num                   ? 
_entity_src_gen.pdbx_end_seq_num                   ? 
_entity_src_gen.gene_src_common_name               ? 
_entity_src_gen.gene_src_genus                     ? 
_entity_src_gen.pdbx_gene_src_gene                 'dnaC, aq_910' 
_entity_src_gen.gene_src_species                   ? 
_entity_src_gen.gene_src_strain                    ? 
_entity_src_gen.gene_src_tissue                    ? 
_entity_src_gen.gene_src_tissue_fraction           ? 
_entity_src_gen.gene_src_details                   ? 
_entity_src_gen.pdbx_gene_src_fragment             ? 
_entity_src_gen.pdbx_gene_src_scientific_name      'Aquifex aeolicus' 
_entity_src_gen.pdbx_gene_src_ncbi_taxonomy_id     63363 
_entity_src_gen.pdbx_gene_src_variant              ? 
_entity_src_gen.pdbx_gene_src_cell_line            ? 
_entity_src_gen.pdbx_gene_src_atcc                 ? 
_entity_src_gen.pdbx_gene_src_organ                ? 
_entity_src_gen.pdbx_gene_src_organelle            ? 
_entity_src_gen.pdbx_gene_src_cell                 ? 
_entity_src_gen.pdbx_gene_src_cellular_location    ? 
_entity_src_gen.host_org_common_name               ? 
_entity_src_gen.pdbx_host_org_scientific_name      'Escherichia coli' 
_entity_src_gen.pdbx_host_org_ncbi_taxonomy_id     562 
_entity_src_gen.host_org_genus                     ? 
_entity_src_gen.pdbx_host_org_gene                 ? 
_entity_src_gen.pdbx_host_org_organ                ? 
_entity_src_gen.host_org_species                   ? 
_entity_src_gen.pdbx_host_org_tissue               ? 
_entity_src_gen.pdbx_host_org_tissue_fraction      ? 
_entity_src_gen.pdbx_host_org_strain               ? 
_entity_src_gen.pdbx_host_org_variant              ? 
_entity_src_gen.pdbx_host_org_cell_line            ? 
_entity_src_gen.pdbx_host_org_atcc                 ? 
_entity_src_gen.pdbx_host_org_culture_collection   ? 
_entity_src_gen.pdbx_host_org_cell                 ? 
_entity_src_gen.pdbx_host_org_organelle            ? 
_entity_src_gen.pdbx_host_org_cellular_location    ? 
_entity_src_gen.pdbx_host_org_vector_type          ? 
_entity_src_gen.pdbx_host_org_vector               ? 
_entity_src_gen.host_org_details                   ? 
_entity_src_gen.expression_system_id               ? 
_entity_src_gen.plasmid_name                       ? 
_entity_src_gen.plasmid_details                    ? 
_entity_src_gen.pdbx_description                   ? 
# 
loop_
_chem_comp.id 
_chem_comp.type 
_chem_comp.mon_nstd_flag 
_chem_comp.name 
_chem_comp.pdbx_synonyms 
_chem_comp.formula 
_chem_comp.formula_weight 
ADP non-polymer         n "ADENOSINE-5'-DIPHOSPHATE"  ? 'C10 H15 N5 O10 P2' 427.201 
ALA 'L-peptide linking' y ALANINE                     ? 'C3 H7 N O2'        89.093  
ARG 'L-peptide linking' y ARGININE                    ? 'C6 H15 N4 O2 1'    175.209 
ASN 'L-peptide linking' y ASPARAGINE                  ? 'C4 H8 N2 O3'       132.118 
ASP 'L-peptide linking' y 'ASPARTIC ACID'             ? 'C4 H7 N O4'        133.103 
BEF non-polymer         . 'BERYLLIUM TRIFLUORIDE ION' ? 'Be F3 -1'          66.007  
GLN 'L-peptide linking' y GLUTAMINE                   ? 'C5 H10 N2 O3'      146.144 
GLU 'L-peptide linking' y 'GLUTAMIC ACID'             ? 'C5 H9 N O4'        147.129 
GLY 'peptide linking'   y GLYCINE                     ? 'C2 H5 N O2'        75.067  
HIS 'L-peptide linking' y HISTIDINE                   ? 'C6 H10 N3 O2 1'    156.162 
HOH non-polymer         . WATER                       ? 'H2 O'              18.015  
ILE 'L-peptide linking' y ISOLEUCINE                  ? 'C6 H13 N O2'       131.173 
LEU 'L-peptide linking' y LEUCINE                     ? 'C6 H13 N O2'       131.173 
LYS 'L-peptide linking' y LYSINE                      ? 'C6 H15 N2 O2 1'    147.195 
MET 'L-peptide linking' y METHIONINE                  ? 'C5 H11 N O2 S'     149.211 
MG  non-polymer         . 'MAGNESIUM ION'             ? 'Mg 2'              24.305  
PHE 'L-peptide linking' y PHENYLALANINE               ? 'C9 H11 N O2'       165.189 
PRO 'L-peptide linking' y PROLINE                     ? 'C5 H9 N O2'        115.130 
SER 'L-peptide linking' y SERINE                      ? 'C3 H7 N O3'        105.093 
THR 'L-peptide linking' y THREONINE                   ? 'C4 H9 N O3'        119.119 
TRP 'L-peptide linking' y TRYPTOPHAN                  ? 'C11 H12 N2 O2'     204.225 
TYR 'L-peptide linking' y TYROSINE                    ? 'C9 H11 N O3'       181.189 
VAL 'L-peptide linking' y VALINE                      ? 'C5 H11 N O2'       117.146 
# 
loop_
_pdbx_poly_seq_scheme.asym_id 
_pdbx_poly_seq_scheme.entity_id 
_pdbx_poly_seq_scheme.seq_id 
_pdbx_poly_seq_scheme.mon_id 
_pdbx_poly_seq_scheme.ndb_seq_num 
_pdbx_poly_seq_scheme.pdb_seq_num 
_pdbx_poly_seq_scheme.auth_seq_num 
_pdbx_poly_seq_scheme.pdb_mon_id 
_pdbx_poly_seq_scheme.auth_mon_id 
_pdbx_poly_seq_scheme.pdb_strand_id 
_pdbx_poly_seq_scheme.pdb_ins_code 
_pdbx_poly_seq_scheme.hetero 
A 1 1   ALA 1   42  42  ALA ALA A . n 
A 1 2   LYS 2   43  43  LYS LYS A . n 
A 1 3   ARG 3   44  44  ARG ARG A . n 
A 1 4   TYR 4   45  45  TYR TYR A . n 
A 1 5   TRP 5   46  46  TRP TRP A . n 
A 1 6   ASN 6   47  47  ASN ASN A . n 
A 1 7   ALA 7   48  48  ALA ALA A . n 
A 1 8   ASN 8   49  49  ASN ASN A . n 
A 1 9   LEU 9   50  50  LEU LEU A . n 
A 1 10  ASP 10  51  51  ASP ASP A . n 
A 1 11  THR 11  52  52  THR THR A . n 
A 1 12  TYR 12  53  53  TYR TYR A . n 
A 1 13  HIS 13  54  54  HIS HIS A . n 
A 1 14  PRO 14  55  55  PRO PRO A . n 
A 1 15  LYS 15  56  56  LYS LYS A . n 
A 1 16  ASN 16  57  57  ASN ASN A . n 
A 1 17  VAL 17  58  58  VAL VAL A . n 
A 1 18  SER 18  59  59  SER SER A . n 
A 1 19  GLN 19  60  60  GLN GLN A . n 
A 1 20  ASN 20  61  61  ASN ASN A . n 
A 1 21  ARG 21  62  62  ARG ARG A . n 
A 1 22  ALA 22  63  63  ALA ALA A . n 
A 1 23  LEU 23  64  64  LEU LEU A . n 
A 1 24  LEU 24  65  65  LEU LEU A . n 
A 1 25  THR 25  66  66  THR THR A . n 
A 1 26  ILE 26  67  67  ILE ILE A . n 
A 1 27  ARG 27  68  68  ARG ARG A . n 
A 1 28  VAL 28  69  69  VAL VAL A . n 
A 1 29  PHE 29  70  70  PHE PHE A . n 
A 1 30  VAL 30  71  71  VAL VAL A . n 
A 1 31  HIS 31  72  72  HIS HIS A . n 
A 1 32  ASN 32  73  73  ASN ASN A . n 
A 1 33  PHE 33  74  74  PHE PHE A . n 
A 1 34  ASN 34  75  75  ASN ASN A . n 
A 1 35  PRO 35  76  76  PRO PRO A . n 
A 1 36  GLU 36  77  77  GLU GLU A . n 
A 1 37  GLU 37  78  78  GLU GLU A . n 
A 1 38  GLY 38  79  79  GLY GLY A . n 
A 1 39  LYS 39  80  80  LYS LYS A . n 
A 1 40  GLY 40  81  81  GLY GLY A . n 
A 1 41  LEU 41  82  82  LEU LEU A . n 
A 1 42  THR 42  83  83  THR THR A . n 
A 1 43  PHE 43  84  84  PHE PHE A . n 
A 1 44  VAL 44  85  85  VAL VAL A . n 
A 1 45  GLY 45  86  86  GLY GLY A . n 
A 1 46  SER 46  87  87  SER SER A . n 
A 1 47  PRO 47  88  88  PRO PRO A . n 
A 1 48  GLY 48  89  89  GLY GLY A . n 
A 1 49  VAL 49  90  90  VAL VAL A . n 
A 1 50  GLY 50  91  91  GLY GLY A . n 
A 1 51  LYS 51  92  92  LYS LYS A . n 
A 1 52  THR 52  93  93  THR THR A . n 
A 1 53  HIS 53  94  94  HIS HIS A . n 
A 1 54  LEU 54  95  95  LEU LEU A . n 
A 1 55  ALA 55  96  96  ALA ALA A . n 
A 1 56  VAL 56  97  97  VAL VAL A . n 
A 1 57  ALA 57  98  98  ALA ALA A . n 
A 1 58  THR 58  99  99  THR THR A . n 
A 1 59  LEU 59  100 100 LEU LEU A . n 
A 1 60  LYS 60  101 101 LYS LYS A . n 
A 1 61  ALA 61  102 102 ALA ALA A . n 
A 1 62  ILE 62  103 103 ILE ILE A . n 
A 1 63  TYR 63  104 104 TYR TYR A . n 
A 1 64  GLU 64  105 105 GLU GLU A . n 
A 1 65  LYS 65  106 106 LYS LYS A . n 
A 1 66  LYS 66  107 107 LYS LYS A . n 
A 1 67  GLY 67  108 108 GLY GLY A . n 
A 1 68  ILE 68  109 109 ILE ILE A . n 
A 1 69  ARG 69  110 110 ARG ARG A . n 
A 1 70  GLY 70  111 111 GLY GLY A . n 
A 1 71  TYR 71  112 112 TYR TYR A . n 
A 1 72  PHE 72  113 113 PHE PHE A . n 
A 1 73  PHE 73  114 114 PHE PHE A . n 
A 1 74  ASP 74  115 115 ASP ASP A . n 
A 1 75  THR 75  116 116 THR THR A . n 
A 1 76  LYS 76  117 117 LYS LYS A . n 
A 1 77  ASP 77  118 118 ASP ASP A . n 
A 1 78  LEU 78  119 119 LEU LEU A . n 
A 1 79  ILE 79  120 120 ILE ILE A . n 
A 1 80  PHE 80  121 121 PHE PHE A . n 
A 1 81  ARG 81  122 122 ARG ARG A . n 
A 1 82  LEU 82  123 123 LEU LEU A . n 
A 1 83  LYS 83  124 124 LYS LYS A . n 
A 1 84  HIS 84  125 125 HIS HIS A . n 
A 1 85  LEU 85  126 126 LEU LEU A . n 
A 1 86  MET 86  127 127 MET MET A . n 
A 1 87  ASP 87  128 128 ASP ASP A . n 
A 1 88  GLU 88  129 129 GLU GLU A . n 
A 1 89  GLY 89  130 130 GLY GLY A . n 
A 1 90  LYS 90  131 131 LYS LYS A . n 
A 1 91  ASP 91  132 132 ASP ASP A . n 
A 1 92  THR 92  133 133 THR THR A . n 
A 1 93  LYS 93  134 134 LYS LYS A . n 
A 1 94  PHE 94  135 135 PHE PHE A . n 
A 1 95  LEU 95  136 136 LEU LEU A . n 
A 1 96  LYS 96  137 137 LYS LYS A . n 
A 1 97  THR 97  138 138 THR THR A . n 
A 1 98  VAL 98  139 139 VAL VAL A . n 
A 1 99  LEU 99  140 140 LEU LEU A . n 
A 1 100 ASN 100 141 141 ASN ASN A . n 
A 1 101 SER 101 142 142 SER SER A . n 
A 1 102 PRO 102 143 143 PRO PRO A . n 
A 1 103 VAL 103 144 144 VAL VAL A . n 
A 1 104 LEU 104 145 145 LEU LEU A . n 
A 1 105 VAL 105 146 146 VAL VAL A . n 
A 1 106 LEU 106 147 147 LEU LEU A . n 
A 1 107 ASP 107 148 148 ASP ASP A . n 
A 1 108 ASP 108 149 149 ASP ASP A . n 
A 1 109 LEU 109 150 150 LEU LEU A . n 
A 1 110 GLY 110 151 151 GLY GLY A . n 
A 1 111 SER 111 152 152 SER SER A . n 
A 1 112 GLU 112 153 153 GLU GLU A . n 
A 1 113 ARG 113 154 154 ARG ARG A . n 
A 1 114 LEU 114 155 155 LEU LEU A . n 
A 1 115 SER 115 156 156 SER SER A . n 
A 1 116 ASP 116 157 157 ASP ASP A . n 
A 1 117 TRP 117 158 158 TRP TRP A . n 
A 1 118 GLN 118 159 159 GLN GLN A . n 
A 1 119 ARG 119 160 160 ARG ARG A . n 
A 1 120 GLU 120 161 161 GLU GLU A . n 
A 1 121 LEU 121 162 162 LEU LEU A . n 
A 1 122 ILE 122 163 163 ILE ILE A . n 
A 1 123 SER 123 164 164 SER SER A . n 
A 1 124 TYR 124 165 165 TYR TYR A . n 
A 1 125 ILE 125 166 166 ILE ILE A . n 
A 1 126 ILE 126 167 167 ILE ILE A . n 
A 1 127 THR 127 168 168 THR THR A . n 
A 1 128 TYR 128 169 169 TYR TYR A . n 
A 1 129 ARG 129 170 170 ARG ARG A . n 
A 1 130 TYR 130 171 171 TYR TYR A . n 
A 1 131 ASN 131 172 172 ASN ASN A . n 
A 1 132 ASN 132 173 173 ASN ASN A . n 
A 1 133 LEU 133 174 174 LEU LEU A . n 
A 1 134 LYS 134 175 175 LYS LYS A . n 
A 1 135 SER 135 176 176 SER SER A . n 
A 1 136 THR 136 177 177 THR THR A . n 
A 1 137 ILE 137 178 178 ILE ILE A . n 
A 1 138 ILE 138 179 179 ILE ILE A . n 
A 1 139 THR 139 180 180 THR THR A . n 
A 1 140 THR 140 181 181 THR THR A . n 
A 1 141 ASN 141 182 182 ASN ASN A . n 
A 1 142 TYR 142 183 183 TYR TYR A . n 
A 1 143 SER 143 184 184 SER SER A . n 
A 1 144 LEU 144 185 185 LEU LEU A . n 
A 1 145 GLN 145 186 186 GLN GLN A . n 
A 1 146 ARG 146 187 187 ARG ARG A . n 
A 1 147 GLU 147 188 ?   ?   ?   A . n 
A 1 148 GLU 148 189 ?   ?   ?   A . n 
A 1 149 GLU 149 190 ?   ?   ?   A . n 
A 1 150 SER 150 191 191 SER SER A . n 
A 1 151 SER 151 192 192 SER SER A . n 
A 1 152 VAL 152 193 193 VAL VAL A . n 
A 1 153 ARG 153 194 194 ARG ARG A . n 
A 1 154 ILE 154 195 195 ILE ILE A . n 
A 1 155 SER 155 196 196 SER SER A . n 
A 1 156 ALA 156 197 197 ALA ALA A . n 
A 1 157 ASP 157 198 198 ASP ASP A . n 
A 1 158 LEU 158 199 199 LEU LEU A . n 
A 1 159 ALA 159 200 200 ALA ALA A . n 
A 1 160 SER 160 201 201 SER SER A . n 
A 1 161 ARG 161 202 202 ARG ARG A . n 
A 1 162 LEU 162 203 203 LEU LEU A . n 
A 1 163 GLY 163 204 204 GLY GLY A . n 
A 1 164 GLU 164 205 205 GLU GLU A . n 
A 1 165 ASN 165 206 206 ASN ASN A . n 
A 1 166 VAL 166 207 207 VAL VAL A . n 
A 1 167 VAL 167 208 208 VAL VAL A . n 
A 1 168 SER 168 209 209 SER SER A . n 
A 1 169 LYS 169 210 210 LYS LYS A . n 
A 1 170 ILE 170 211 211 ILE ILE A . n 
A 1 171 TYR 171 212 212 TYR TYR A . n 
A 1 172 GLU 172 213 213 GLU GLU A . n 
A 1 173 MET 173 214 214 MET MET A . n 
A 1 174 ASN 174 215 215 ASN ASN A . n 
A 1 175 GLU 175 216 216 GLU GLU A . n 
A 1 176 LEU 176 217 217 LEU LEU A . n 
A 1 177 LEU 177 218 218 LEU LEU A . n 
A 1 178 VAL 178 219 219 VAL VAL A . n 
A 1 179 ILE 179 220 220 ILE ILE A . n 
A 1 180 LYS 180 221 221 LYS LYS A . n 
A 1 181 GLY 181 222 222 GLY GLY A . n 
A 1 182 SER 182 223 223 SER SER A . n 
A 1 183 ASP 183 224 224 ASP ASP A . n 
A 1 184 LEU 184 225 225 LEU LEU A . n 
A 1 185 ARG 185 226 226 ARG ARG A . n 
# 
loop_
_pdbx_nonpoly_scheme.asym_id 
_pdbx_nonpoly_scheme.entity_id 
_pdbx_nonpoly_scheme.mon_id 
_pdbx_nonpoly_scheme.ndb_seq_num 
_pdbx_nonpoly_scheme.pdb_seq_num 
_pdbx_nonpoly_scheme.auth_seq_num 
_pdbx_nonpoly_scheme.pdb_mon_id 
_pdbx_nonpoly_scheme.auth_mon_id 
_pdbx_nonpoly_scheme.pdb_strand_id 
_pdbx_nonpoly_scheme.pdb_ins_code 
B 2 ADP 1  500  500  ADP ADP A . 
C 3 MG  1  300  300  MG  MG  A . 
D 4 BEF 1  1554 1554 BEF BEF A . 
E 5 HOH 1  1    1    HOH WAT A . 
E 5 HOH 2  2    2    HOH WAT A . 
E 5 HOH 3  3    3    HOH WAT A . 
E 5 HOH 4  4    4    HOH WAT A . 
E 5 HOH 5  5    5    HOH WAT A . 
E 5 HOH 6  6    6    HOH WAT A . 
E 5 HOH 7  7    7    HOH WAT A . 
E 5 HOH 8  8    8    HOH WAT A . 
E 5 HOH 9  9    9    HOH WAT A . 
E 5 HOH 10 10   10   HOH WAT A . 
E 5 HOH 11 11   11   HOH WAT A . 
E 5 HOH 12 12   12   HOH WAT A . 
E 5 HOH 13 13   13   HOH WAT A . 
E 5 HOH 14 14   14   HOH WAT A . 
E 5 HOH 15 15   15   HOH WAT A . 
E 5 HOH 16 16   16   HOH WAT A . 
E 5 HOH 17 17   17   HOH WAT A . 
E 5 HOH 18 18   18   HOH WAT A . 
E 5 HOH 19 19   19   HOH WAT A . 
E 5 HOH 20 20   20   HOH WAT A . 
E 5 HOH 21 21   21   HOH WAT A . 
E 5 HOH 22 22   22   HOH WAT A . 
E 5 HOH 23 23   23   HOH WAT A . 
E 5 HOH 24 24   24   HOH WAT A . 
E 5 HOH 25 25   25   HOH WAT A . 
E 5 HOH 26 26   26   HOH WAT A . 
E 5 HOH 27 27   27   HOH WAT A . 
E 5 HOH 28 28   28   HOH WAT A . 
E 5 HOH 29 29   29   HOH WAT A . 
E 5 HOH 30 30   30   HOH WAT A . 
E 5 HOH 31 31   31   HOH WAT A . 
E 5 HOH 32 32   32   HOH WAT A . 
E 5 HOH 33 33   33   HOH WAT A . 
E 5 HOH 34 34   34   HOH WAT A . 
E 5 HOH 35 35   35   HOH WAT A . 
E 5 HOH 36 36   36   HOH WAT A . 
E 5 HOH 37 37   37   HOH WAT A . 
E 5 HOH 38 38   38   HOH WAT A . 
E 5 HOH 39 39   39   HOH WAT A . 
E 5 HOH 40 40   40   HOH WAT A . 
E 5 HOH 41 41   41   HOH WAT A . 
E 5 HOH 42 227  42   HOH WAT A . 
E 5 HOH 43 228  43   HOH WAT A . 
E 5 HOH 44 229  44   HOH WAT A . 
E 5 HOH 45 230  45   HOH WAT A . 
# 
loop_
_software.name 
_software.classification 
_software.version 
_software.citation_id 
_software.pdbx_ordinal 
ELVES  refinement       . ? 1 
REFMAC refinement       . ? 2 
DENZO  'data reduction' . ? 3 
SCALA  'data scaling'   . ? 4 
REFMAC phasing          . ? 5 
# 
_cell.entry_id           3ECC 
_cell.length_a           84.582 
_cell.length_b           84.582 
_cell.length_c           49.587 
_cell.angle_alpha        90.00 
_cell.angle_beta         90.00 
_cell.angle_gamma        120.00 
_cell.Z_PDB              6 
_cell.pdbx_unique_axis   ? 
_cell.length_a_esd       ? 
_cell.length_b_esd       ? 
_cell.length_c_esd       ? 
_cell.angle_alpha_esd    ? 
_cell.angle_beta_esd     ? 
_cell.angle_gamma_esd    ? 
# 
_symmetry.entry_id                         3ECC 
_symmetry.space_group_name_H-M             'P 61' 
_symmetry.pdbx_full_space_group_name_H-M   ? 
_symmetry.cell_setting                     ? 
_symmetry.Int_Tables_number                169 
_symmetry.space_group_name_Hall            ? 
# 
_exptl.entry_id          3ECC 
_exptl.method            'X-RAY DIFFRACTION' 
_exptl.crystals_number   1 
# 
_exptl_crystal.id                    1 
_exptl_crystal.density_meas          ? 
_exptl_crystal.density_Matthews      2.41 
_exptl_crystal.density_percent_sol   48.96 
_exptl_crystal.description           ? 
# 
_exptl_crystal_grow.crystal_id      1 
_exptl_crystal_grow.method          ? 
_exptl_crystal_grow.temp            294 
_exptl_crystal_grow.temp_details    ? 
_exptl_crystal_grow.pH              8.0 
_exptl_crystal_grow.pdbx_pH_range   ? 
_exptl_crystal_grow.pdbx_details    
'50mM Tris, 1% PEG 6000, 1mM TCEP, 2mM ADP, 5mM MgCl2, 4mM BeCl2, 12mM NaF, pH 8.0, VAPOR DIFFUSION, HANGING DROP, temperature 294K' 
# 
_diffrn.id                     1 
_diffrn.ambient_temp           100 
_diffrn.ambient_temp_details   ? 
_diffrn.crystal_id             1 
# 
_diffrn_detector.diffrn_id              1 
_diffrn_detector.detector               CCD 
_diffrn_detector.type                   'ADSC QUANTUM 210' 
_diffrn_detector.pdbx_collection_date   2006-10-07 
_diffrn_detector.details                ? 
# 
_diffrn_radiation.diffrn_id                        1 
_diffrn_radiation.wavelength_id                    1 
_diffrn_radiation.pdbx_monochromatic_or_laue_m_l   M 
_diffrn_radiation.monochromator                    ? 
_diffrn_radiation.pdbx_diffrn_protocol             'SINGLE WAVELENGTH' 
_diffrn_radiation.pdbx_scattering_type             x-ray 
# 
_diffrn_radiation_wavelength.id           1 
_diffrn_radiation_wavelength.wavelength   1.11588 
_diffrn_radiation_wavelength.wt           1.0 
# 
_diffrn_source.diffrn_id                   1 
_diffrn_source.source                      SYNCHROTRON 
_diffrn_source.type                        'ALS BEAMLINE 8.3.1' 
_diffrn_source.pdbx_synchrotron_site       ALS 
_diffrn_source.pdbx_synchrotron_beamline   8.3.1 
_diffrn_source.pdbx_wavelength             1.11588 
_diffrn_source.pdbx_wavelength_list        ? 
# 
_reflns.entry_id                     3ECC 
_reflns.observed_criterion_sigma_I   2.000 
_reflns.observed_criterion_sigma_F   ? 
_reflns.d_resolution_low             73.000 
_reflns.d_resolution_high            2.120 
_reflns.number_obs                   5408 
_reflns.number_all                   ? 
_reflns.percent_possible_obs         ? 
_reflns.pdbx_Rmerge_I_obs            ? 
_reflns.pdbx_Rsym_value              5.70000 
_reflns.pdbx_netI_over_sigmaI        11.6000 
_reflns.B_iso_Wilson_estimate        ? 
_reflns.pdbx_redundancy              3.900 
_reflns.pdbx_diffrn_id               1 
_reflns.pdbx_ordinal                 1 
# 
_reflns_shell.d_res_high             2.12 
_reflns_shell.d_res_low              2.23 
_reflns_shell.percent_possible_all   ? 
_reflns_shell.Rmerge_I_obs           ? 
_reflns_shell.pdbx_Rsym_value        0.59700 
_reflns_shell.meanI_over_sigI_obs    1.800 
_reflns_shell.pdbx_redundancy        2.70 
_reflns_shell.pdbx_diffrn_id         ? 
_reflns_shell.pdbx_ordinal           1 
# 
_refine.entry_id                                 3ECC 
_refine.ls_number_reflns_obs                     5408 
_refine.ls_number_reflns_all                     5408 
_refine.pdbx_ls_sigma_I                          ? 
_refine.pdbx_ls_sigma_F                          ? 
_refine.pdbx_data_cutoff_high_absF               ? 
_refine.pdbx_data_cutoff_low_absF                ? 
_refine.pdbx_data_cutoff_high_rms_absF           ? 
_refine.ls_d_res_low                             50.00 
_refine.ls_d_res_high                            2.70 
_refine.ls_percent_reflns_obs                    ? 
_refine.ls_R_factor_obs                          0.263 
_refine.ls_R_factor_all                          ? 
_refine.ls_R_factor_R_work                       0.263 
_refine.ls_R_factor_R_free                       0.294 
_refine.ls_R_factor_R_free_error                 ? 
_refine.ls_R_factor_R_free_error_details         ? 
_refine.ls_percent_reflns_R_free                 ? 
_refine.ls_number_reflns_R_free                  259 
_refine.ls_number_parameters                     ? 
_refine.ls_number_restraints                     ? 
_refine.occupancy_min                            ? 
_refine.occupancy_max                            ? 
_refine.correlation_coeff_Fo_to_Fc               ? 
_refine.correlation_coeff_Fo_to_Fc_free          ? 
_refine.B_iso_mean                               57.47 
_refine.aniso_B[1][1]                            -5.13000 
_refine.aniso_B[2][2]                            -5.13000 
_refine.aniso_B[3][3]                            7.69000 
_refine.aniso_B[1][2]                            -2.56000 
_refine.aniso_B[1][3]                            0.00000 
_refine.aniso_B[2][3]                            0.00000 
_refine.solvent_model_details                    ? 
_refine.solvent_model_param_ksol                 ? 
_refine.solvent_model_param_bsol                 ? 
_refine.pdbx_solvent_vdw_probe_radii             ? 
_refine.pdbx_solvent_ion_probe_radii             ? 
_refine.pdbx_solvent_shrinkage_radii             ? 
_refine.pdbx_ls_cross_valid_method               ? 
_refine.details                                  ? 
_refine.pdbx_starting_model                      ? 
_refine.pdbx_method_to_determine_struct          'MOLECULAR REPLACEMENT' 
_refine.pdbx_isotropic_thermal_model             ? 
_refine.pdbx_stereochemistry_target_values       ? 
_refine.pdbx_stereochem_target_val_spec_case     ? 
_refine.pdbx_R_Free_selection_details            RANDOM 
_refine.pdbx_overall_ESU_R                       ? 
_refine.pdbx_overall_ESU_R_Free                  ? 
_refine.overall_SU_ML                            ? 
_refine.pdbx_overall_phase_error                 ? 
_refine.overall_SU_B                             ? 
_refine.pdbx_refine_id                           'X-RAY DIFFRACTION' 
_refine.pdbx_diffrn_id                           1 
_refine.pdbx_TLS_residual_ADP_flag               ? 
_refine.overall_SU_R_Cruickshank_DPI             ? 
_refine.pdbx_overall_SU_R_free_Cruickshank_DPI   ? 
_refine.pdbx_overall_SU_R_Blow_DPI               ? 
_refine.pdbx_overall_SU_R_free_Blow_DPI          ? 
# 
_refine_hist.pdbx_refine_id                   'X-RAY DIFFRACTION' 
_refine_hist.cycle_id                         LAST 
_refine_hist.pdbx_number_atoms_protein        1471 
_refine_hist.pdbx_number_atoms_nucleic_acid   0 
_refine_hist.pdbx_number_atoms_ligand         32 
_refine_hist.number_atoms_solvent             45 
_refine_hist.number_atoms_total               1548 
_refine_hist.d_res_high                       2.70 
_refine_hist.d_res_low                        50.00 
# 
_struct.entry_id                  3ECC 
_struct.title                     'Crystal structure of the DnaC helicase loader in complex with ADP-BeF3' 
_struct.pdbx_model_details        ? 
_struct.pdbx_CASP_flag            ? 
_struct.pdbx_model_type_details   ? 
# 
_struct_keywords.entry_id        3ECC 
_struct_keywords.pdbx_keywords   REPLICATION 
_struct_keywords.text            'Helicase loader, replication initiation factor, ATP-binding, Nucleotide-binding, REPLICATION' 
# 
loop_
_struct_asym.id 
_struct_asym.pdbx_blank_PDB_chainid_flag 
_struct_asym.pdbx_modified 
_struct_asym.entity_id 
_struct_asym.details 
A N N 1 ? 
B N N 2 ? 
C N N 3 ? 
D N N 4 ? 
E N N 5 ? 
# 
_struct_ref.id                         1 
_struct_ref.db_name                    UNP 
_struct_ref.db_code                    O67056_AQUAE 
_struct_ref.pdbx_db_accession          O67056 
_struct_ref.entity_id                  1 
_struct_ref.pdbx_seq_one_letter_code   
;KRYWNANLDTYHPKNVSQNRALLTIRVFVHNFNPEEGKGLTFVGSPGVGKTHLAVATLKAIYEKKGIRGYFFDTKDLIFR
LKHLMDEGKDTKFLKTVLNSPVLVLDDLGSERLSDWQRELISYIITYRYNNLKSTIITTNYSLQREEESSVRISADLASR
LGENVVSKIYEMNELLVIKGSDLR
;
_struct_ref.pdbx_align_begin           43 
_struct_ref.pdbx_db_isoform            ? 
# 
_struct_ref_seq.align_id                      1 
_struct_ref_seq.ref_id                        1 
_struct_ref_seq.pdbx_PDB_id_code              3ECC 
_struct_ref_seq.pdbx_strand_id                A 
_struct_ref_seq.seq_align_beg                 2 
_struct_ref_seq.pdbx_seq_align_beg_ins_code   ? 
_struct_ref_seq.seq_align_end                 185 
_struct_ref_seq.pdbx_seq_align_end_ins_code   ? 
_struct_ref_seq.pdbx_db_accession             O67056 
_struct_ref_seq.db_align_beg                  43 
_struct_ref_seq.pdbx_db_align_beg_ins_code    ? 
_struct_ref_seq.db_align_end                  226 
_struct_ref_seq.pdbx_db_align_end_ins_code    ? 
_struct_ref_seq.pdbx_auth_seq_align_beg       43 
_struct_ref_seq.pdbx_auth_seq_align_end       226 
# 
_struct_ref_seq_dif.align_id                     1 
_struct_ref_seq_dif.pdbx_pdb_id_code             3ECC 
_struct_ref_seq_dif.mon_id                       ALA 
_struct_ref_seq_dif.pdbx_pdb_strand_id           A 
_struct_ref_seq_dif.seq_num                      1 
_struct_ref_seq_dif.pdbx_pdb_ins_code            ? 
_struct_ref_seq_dif.pdbx_seq_db_name             UNP 
_struct_ref_seq_dif.pdbx_seq_db_accession_code   O67056 
_struct_ref_seq_dif.db_mon_id                    ? 
_struct_ref_seq_dif.pdbx_seq_db_seq_num          ? 
_struct_ref_seq_dif.details                      'expression tag' 
_struct_ref_seq_dif.pdbx_auth_seq_num            42 
_struct_ref_seq_dif.pdbx_ordinal                 1 
# 
_pdbx_struct_assembly.id                   1 
_pdbx_struct_assembly.details              author_and_software_defined_assembly 
_pdbx_struct_assembly.method_details       PISA 
_pdbx_struct_assembly.oligomeric_details   monomeric 
_pdbx_struct_assembly.oligomeric_count     1 
# 
_pdbx_struct_assembly_gen.assembly_id       1 
_pdbx_struct_assembly_gen.oper_expression   1 
_pdbx_struct_assembly_gen.asym_id_list      A,B,C,D,E 
# 
_pdbx_struct_oper_list.id                   1 
_pdbx_struct_oper_list.type                 'identity operation' 
_pdbx_struct_oper_list.name                 1_555 
_pdbx_struct_oper_list.symmetry_operation   x,y,z 
_pdbx_struct_oper_list.matrix[1][1]         1.0000000000 
_pdbx_struct_oper_list.matrix[1][2]         0.0000000000 
_pdbx_struct_oper_list.matrix[1][3]         0.0000000000 
_pdbx_struct_oper_list.vector[1]            0.0000000000 
_pdbx_struct_oper_list.matrix[2][1]         0.0000000000 
_pdbx_struct_oper_list.matrix[2][2]         1.0000000000 
_pdbx_struct_oper_list.matrix[2][3]         0.0000000000 
_pdbx_struct_oper_list.vector[2]            0.0000000000 
_pdbx_struct_oper_list.matrix[3][1]         0.0000000000 
_pdbx_struct_oper_list.matrix[3][2]         0.0000000000 
_pdbx_struct_oper_list.matrix[3][3]         1.0000000000 
_pdbx_struct_oper_list.vector[3]            0.0000000000 
# 
_struct_biol.id        1 
_struct_biol.details   ? 
# 
loop_
_struct_conf.conf_type_id 
_struct_conf.id 
_struct_conf.pdbx_PDB_helix_id 
_struct_conf.beg_label_comp_id 
_struct_conf.beg_label_asym_id 
_struct_conf.beg_label_seq_id 
_struct_conf.pdbx_beg_PDB_ins_code 
_struct_conf.end_label_comp_id 
_struct_conf.end_label_asym_id 
_struct_conf.end_label_seq_id 
_struct_conf.pdbx_end_PDB_ins_code 
_struct_conf.beg_auth_comp_id 
_struct_conf.beg_auth_asym_id 
_struct_conf.beg_auth_seq_id 
_struct_conf.end_auth_comp_id 
_struct_conf.end_auth_asym_id 
_struct_conf.end_auth_seq_id 
_struct_conf.pdbx_PDB_helix_class 
_struct_conf.details 
_struct_conf.pdbx_PDB_helix_length 
HELX_P HELX_P1 1 ASN A 16  ? ASN A 32  ? ASN A 57  ASN A 73  1 ? 17 
HELX_P HELX_P2 2 GLY A 50  ? LYS A 66  ? GLY A 91  LYS A 107 1 ? 17 
HELX_P HELX_P3 3 THR A 75  ? ASP A 87  ? THR A 116 ASP A 128 1 ? 13 
HELX_P HELX_P4 4 THR A 92  ? ASN A 100 ? THR A 133 ASN A 141 1 ? 9  
HELX_P HELX_P5 5 SER A 115 ? ASN A 132 ? SER A 156 ASN A 173 1 ? 18 
HELX_P HELX_P6 6 VAL A 152 ? GLY A 163 ? VAL A 193 GLY A 204 1 ? 12 
HELX_P HELX_P7 7 GLY A 163 ? MET A 173 ? GLY A 204 MET A 214 1 ? 11 
# 
_struct_conf_type.id          HELX_P 
_struct_conf_type.criteria    ? 
_struct_conf_type.reference   ? 
# 
_struct_sheet.id               A 
_struct_sheet.type             ? 
_struct_sheet.number_strands   5 
_struct_sheet.details          ? 
# 
loop_
_struct_sheet_order.sheet_id 
_struct_sheet_order.range_id_1 
_struct_sheet_order.range_id_2 
_struct_sheet_order.offset 
_struct_sheet_order.sense 
A 1 2 ? parallel 
A 2 3 ? parallel 
A 3 4 ? parallel 
A 4 5 ? parallel 
# 
loop_
_struct_sheet_range.sheet_id 
_struct_sheet_range.id 
_struct_sheet_range.beg_label_comp_id 
_struct_sheet_range.beg_label_asym_id 
_struct_sheet_range.beg_label_seq_id 
_struct_sheet_range.pdbx_beg_PDB_ins_code 
_struct_sheet_range.end_label_comp_id 
_struct_sheet_range.end_label_asym_id 
_struct_sheet_range.end_label_seq_id 
_struct_sheet_range.pdbx_end_PDB_ins_code 
_struct_sheet_range.beg_auth_comp_id 
_struct_sheet_range.beg_auth_asym_id 
_struct_sheet_range.beg_auth_seq_id 
_struct_sheet_range.end_auth_comp_id 
_struct_sheet_range.end_auth_asym_id 
_struct_sheet_range.end_auth_seq_id 
A 1 TYR A 71  ? ASP A 74  ? TYR A 112 ASP A 115 
A 2 LEU A 104 ? ASP A 107 ? LEU A 145 ASP A 148 
A 3 THR A 136 ? ASN A 141 ? THR A 177 ASN A 182 
A 4 GLY A 40  ? GLY A 45  ? GLY A 81  GLY A 86  
A 5 ASN A 174 ? VAL A 178 ? ASN A 215 VAL A 219 
# 
loop_
_pdbx_struct_sheet_hbond.sheet_id 
_pdbx_struct_sheet_hbond.range_id_1 
_pdbx_struct_sheet_hbond.range_id_2 
_pdbx_struct_sheet_hbond.range_1_label_atom_id 
_pdbx_struct_sheet_hbond.range_1_label_comp_id 
_pdbx_struct_sheet_hbond.range_1_label_asym_id 
_pdbx_struct_sheet_hbond.range_1_label_seq_id 
_pdbx_struct_sheet_hbond.range_1_PDB_ins_code 
_pdbx_struct_sheet_hbond.range_1_auth_atom_id 
_pdbx_struct_sheet_hbond.range_1_auth_comp_id 
_pdbx_struct_sheet_hbond.range_1_auth_asym_id 
_pdbx_struct_sheet_hbond.range_1_auth_seq_id 
_pdbx_struct_sheet_hbond.range_2_label_atom_id 
_pdbx_struct_sheet_hbond.range_2_label_comp_id 
_pdbx_struct_sheet_hbond.range_2_label_asym_id 
_pdbx_struct_sheet_hbond.range_2_label_seq_id 
_pdbx_struct_sheet_hbond.range_2_PDB_ins_code 
_pdbx_struct_sheet_hbond.range_2_auth_atom_id 
_pdbx_struct_sheet_hbond.range_2_auth_comp_id 
_pdbx_struct_sheet_hbond.range_2_auth_asym_id 
_pdbx_struct_sheet_hbond.range_2_auth_seq_id 
A 1 2 N PHE A 73  ? N PHE A 114 O ASP A 107 ? O ASP A 148 
A 2 3 N LEU A 104 ? N LEU A 145 O ILE A 137 ? O ILE A 178 
A 3 4 O ILE A 138 ? O ILE A 179 N PHE A 43  ? N PHE A 84  
A 4 5 N THR A 42  ? N THR A 83  O LEU A 177 ? O LEU A 218 
# 
loop_
_struct_site.id 
_struct_site.pdbx_evidence_code 
_struct_site.pdbx_auth_asym_id 
_struct_site.pdbx_auth_comp_id 
_struct_site.pdbx_auth_seq_id 
_struct_site.pdbx_auth_ins_code 
_struct_site.pdbx_num_residues 
_struct_site.details 
AC1 Software A ADP 500 ? 15 'BINDING SITE FOR RESIDUE ADP A 500' 
AC2 Software A MG  300 ? 3  'BINDING SITE FOR RESIDUE MG A 300'  
AC3 Software ? ?   ?   ? 10 'BINDING SITE FOR RESIDUE BEF A1554' 
# 
loop_
_struct_site_gen.id 
_struct_site_gen.site_id 
_struct_site_gen.pdbx_num_res 
_struct_site_gen.label_comp_id 
_struct_site_gen.label_asym_id 
_struct_site_gen.label_seq_id 
_struct_site_gen.pdbx_auth_ins_code 
_struct_site_gen.auth_comp_id 
_struct_site_gen.auth_asym_id 
_struct_site_gen.auth_seq_id 
_struct_site_gen.label_atom_id 
_struct_site_gen.label_alt_id 
_struct_site_gen.symmetry 
_struct_site_gen.details 
1  AC1 15 TYR A 4   ? TYR A 45   . ? 1_555 ? 
2  AC1 15 TYR A 12  ? TYR A 53   . ? 1_555 ? 
3  AC1 15 HIS A 13  ? HIS A 54   . ? 1_555 ? 
4  AC1 15 GLN A 19  ? GLN A 60   . ? 1_555 ? 
5  AC1 15 GLY A 48  ? GLY A 89   . ? 1_555 ? 
6  AC1 15 VAL A 49  ? VAL A 90   . ? 1_555 ? 
7  AC1 15 GLY A 50  ? GLY A 91   . ? 1_555 ? 
8  AC1 15 LYS A 51  ? LYS A 92   . ? 1_555 ? 
9  AC1 15 THR A 52  ? THR A 93   . ? 1_555 ? 
10 AC1 15 HIS A 53  ? HIS A 94   . ? 1_555 ? 
11 AC1 15 TYR A 130 ? TYR A 171  . ? 5_554 ? 
12 AC1 15 GLU A 172 ? GLU A 213  . ? 5_554 ? 
13 AC1 15 ARG A 185 ? ARG A 226  . ? 1_555 ? 
14 AC1 15 MG  C .   ? MG  A 300  . ? 1_555 ? 
15 AC1 15 BEF D .   ? BEF A 1554 . ? 1_555 ? 
16 AC2 3  THR A 52  ? THR A 93   . ? 1_555 ? 
17 AC2 3  ADP B .   ? ADP A 500  . ? 1_555 ? 
18 AC2 3  BEF D .   ? BEF A 1554 . ? 1_555 ? 
19 AC3 10 PRO A 47  ? PRO A 88   . ? 1_555 ? 
20 AC3 10 LYS A 51  ? LYS A 92   . ? 1_555 ? 
21 AC3 10 THR A 52  ? THR A 93   . ? 1_555 ? 
22 AC3 10 ASP A 108 ? ASP A 149  . ? 1_555 ? 
23 AC3 10 ASN A 141 ? ASN A 182  . ? 1_555 ? 
24 AC3 10 ASN A 165 ? ASN A 206  . ? 5_554 ? 
25 AC3 10 LYS A 169 ? LYS A 210  . ? 5_554 ? 
26 AC3 10 ARG A 185 ? ARG A 226  . ? 1_555 ? 
27 AC3 10 MG  C .   ? MG  A 300  . ? 1_555 ? 
28 AC3 10 ADP B .   ? ADP A 500  . ? 1_555 ? 
# 
_pdbx_validate_close_contact.id               1 
_pdbx_validate_close_contact.PDB_model_num    1 
_pdbx_validate_close_contact.auth_atom_id_1   MG 
_pdbx_validate_close_contact.auth_asym_id_1   A 
_pdbx_validate_close_contact.auth_comp_id_1   MG 
_pdbx_validate_close_contact.auth_seq_id_1    300 
_pdbx_validate_close_contact.PDB_ins_code_1   ? 
_pdbx_validate_close_contact.label_alt_id_1   ? 
_pdbx_validate_close_contact.auth_atom_id_2   F2 
_pdbx_validate_close_contact.auth_asym_id_2   A 
_pdbx_validate_close_contact.auth_comp_id_2   BEF 
_pdbx_validate_close_contact.auth_seq_id_2    1554 
_pdbx_validate_close_contact.PDB_ins_code_2   ? 
_pdbx_validate_close_contact.label_alt_id_2   ? 
_pdbx_validate_close_contact.dist             1.47 
# 
loop_
_pdbx_validate_torsion.id 
_pdbx_validate_torsion.PDB_model_num 
_pdbx_validate_torsion.auth_comp_id 
_pdbx_validate_torsion.auth_asym_id 
_pdbx_validate_torsion.auth_seq_id 
_pdbx_validate_torsion.PDB_ins_code 
_pdbx_validate_torsion.label_alt_id 
_pdbx_validate_torsion.phi 
_pdbx_validate_torsion.psi 
1 1 LEU A 50  ? ? -66.30 2.25    
2 1 GLU A 153 ? ? -99.74 -148.01 
3 1 SER A 184 ? ? -74.81 -84.26  
4 1 ASP A 224 ? ? 81.07  6.76    
5 1 LEU A 225 ? ? 55.58  -133.32 
# 
loop_
_pdbx_unobs_or_zero_occ_residues.id 
_pdbx_unobs_or_zero_occ_residues.PDB_model_num 
_pdbx_unobs_or_zero_occ_residues.polymer_flag 
_pdbx_unobs_or_zero_occ_residues.occupancy_flag 
_pdbx_unobs_or_zero_occ_residues.auth_asym_id 
_pdbx_unobs_or_zero_occ_residues.auth_comp_id 
_pdbx_unobs_or_zero_occ_residues.auth_seq_id 
_pdbx_unobs_or_zero_occ_residues.PDB_ins_code 
_pdbx_unobs_or_zero_occ_residues.label_asym_id 
_pdbx_unobs_or_zero_occ_residues.label_comp_id 
_pdbx_unobs_or_zero_occ_residues.label_seq_id 
1 1 Y 1 A GLU 188 ? A GLU 147 
2 1 Y 1 A GLU 189 ? A GLU 148 
3 1 Y 1 A GLU 190 ? A GLU 149 
# 
loop_
_chem_comp_atom.comp_id 
_chem_comp_atom.atom_id 
_chem_comp_atom.type_symbol 
_chem_comp_atom.pdbx_aromatic_flag 
_chem_comp_atom.pdbx_stereo_config 
_chem_comp_atom.pdbx_ordinal 
ADP PB     P  N N 1   
ADP O1B    O  N N 2   
ADP O2B    O  N N 3   
ADP O3B    O  N N 4   
ADP PA     P  N S 5   
ADP O1A    O  N N 6   
ADP O2A    O  N N 7   
ADP O3A    O  N N 8   
ADP "O5'"  O  N N 9   
ADP "C5'"  C  N N 10  
ADP "C4'"  C  N R 11  
ADP "O4'"  O  N N 12  
ADP "C3'"  C  N S 13  
ADP "O3'"  O  N N 14  
ADP "C2'"  C  N R 15  
ADP "O2'"  O  N N 16  
ADP "C1'"  C  N R 17  
ADP N9     N  Y N 18  
ADP C8     C  Y N 19  
ADP N7     N  Y N 20  
ADP C5     C  Y N 21  
ADP C6     C  Y N 22  
ADP N6     N  N N 23  
ADP N1     N  Y N 24  
ADP C2     C  Y N 25  
ADP N3     N  Y N 26  
ADP C4     C  Y N 27  
ADP HOB2   H  N N 28  
ADP HOB3   H  N N 29  
ADP HOA2   H  N N 30  
ADP "H5'1" H  N N 31  
ADP "H5'2" H  N N 32  
ADP "H4'"  H  N N 33  
ADP "H3'"  H  N N 34  
ADP "HO3'" H  N N 35  
ADP "H2'"  H  N N 36  
ADP "HO2'" H  N N 37  
ADP "H1'"  H  N N 38  
ADP H8     H  N N 39  
ADP HN61   H  N N 40  
ADP HN62   H  N N 41  
ADP H2     H  N N 42  
ALA N      N  N N 43  
ALA CA     C  N S 44  
ALA C      C  N N 45  
ALA O      O  N N 46  
ALA CB     C  N N 47  
ALA OXT    O  N N 48  
ALA H      H  N N 49  
ALA H2     H  N N 50  
ALA HA     H  N N 51  
ALA HB1    H  N N 52  
ALA HB2    H  N N 53  
ALA HB3    H  N N 54  
ALA HXT    H  N N 55  
ARG N      N  N N 56  
ARG CA     C  N S 57  
ARG C      C  N N 58  
ARG O      O  N N 59  
ARG CB     C  N N 60  
ARG CG     C  N N 61  
ARG CD     C  N N 62  
ARG NE     N  N N 63  
ARG CZ     C  N N 64  
ARG NH1    N  N N 65  
ARG NH2    N  N N 66  
ARG OXT    O  N N 67  
ARG H      H  N N 68  
ARG H2     H  N N 69  
ARG HA     H  N N 70  
ARG HB2    H  N N 71  
ARG HB3    H  N N 72  
ARG HG2    H  N N 73  
ARG HG3    H  N N 74  
ARG HD2    H  N N 75  
ARG HD3    H  N N 76  
ARG HE     H  N N 77  
ARG HH11   H  N N 78  
ARG HH12   H  N N 79  
ARG HH21   H  N N 80  
ARG HH22   H  N N 81  
ARG HXT    H  N N 82  
ASN N      N  N N 83  
ASN CA     C  N S 84  
ASN C      C  N N 85  
ASN O      O  N N 86  
ASN CB     C  N N 87  
ASN CG     C  N N 88  
ASN OD1    O  N N 89  
ASN ND2    N  N N 90  
ASN OXT    O  N N 91  
ASN H      H  N N 92  
ASN H2     H  N N 93  
ASN HA     H  N N 94  
ASN HB2    H  N N 95  
ASN HB3    H  N N 96  
ASN HD21   H  N N 97  
ASN HD22   H  N N 98  
ASN HXT    H  N N 99  
ASP N      N  N N 100 
ASP CA     C  N S 101 
ASP C      C  N N 102 
ASP O      O  N N 103 
ASP CB     C  N N 104 
ASP CG     C  N N 105 
ASP OD1    O  N N 106 
ASP OD2    O  N N 107 
ASP OXT    O  N N 108 
ASP H      H  N N 109 
ASP H2     H  N N 110 
ASP HA     H  N N 111 
ASP HB2    H  N N 112 
ASP HB3    H  N N 113 
ASP HD2    H  N N 114 
ASP HXT    H  N N 115 
BEF BE     BE N N 116 
BEF F1     F  N N 117 
BEF F2     F  N N 118 
BEF F3     F  N N 119 
GLN N      N  N N 120 
GLN CA     C  N S 121 
GLN C      C  N N 122 
GLN O      O  N N 123 
GLN CB     C  N N 124 
GLN CG     C  N N 125 
GLN CD     C  N N 126 
GLN OE1    O  N N 127 
GLN NE2    N  N N 128 
GLN OXT    O  N N 129 
GLN H      H  N N 130 
GLN H2     H  N N 131 
GLN HA     H  N N 132 
GLN HB2    H  N N 133 
GLN HB3    H  N N 134 
GLN HG2    H  N N 135 
GLN HG3    H  N N 136 
GLN HE21   H  N N 137 
GLN HE22   H  N N 138 
GLN HXT    H  N N 139 
GLU N      N  N N 140 
GLU CA     C  N S 141 
GLU C      C  N N 142 
GLU O      O  N N 143 
GLU CB     C  N N 144 
GLU CG     C  N N 145 
GLU CD     C  N N 146 
GLU OE1    O  N N 147 
GLU OE2    O  N N 148 
GLU OXT    O  N N 149 
GLU H      H  N N 150 
GLU H2     H  N N 151 
GLU HA     H  N N 152 
GLU HB2    H  N N 153 
GLU HB3    H  N N 154 
GLU HG2    H  N N 155 
GLU HG3    H  N N 156 
GLU HE2    H  N N 157 
GLU HXT    H  N N 158 
GLY N      N  N N 159 
GLY CA     C  N N 160 
GLY C      C  N N 161 
GLY O      O  N N 162 
GLY OXT    O  N N 163 
GLY H      H  N N 164 
GLY H2     H  N N 165 
GLY HA2    H  N N 166 
GLY HA3    H  N N 167 
GLY HXT    H  N N 168 
HIS N      N  N N 169 
HIS CA     C  N S 170 
HIS C      C  N N 171 
HIS O      O  N N 172 
HIS CB     C  N N 173 
HIS CG     C  Y N 174 
HIS ND1    N  Y N 175 
HIS CD2    C  Y N 176 
HIS CE1    C  Y N 177 
HIS NE2    N  Y N 178 
HIS OXT    O  N N 179 
HIS H      H  N N 180 
HIS H2     H  N N 181 
HIS HA     H  N N 182 
HIS HB2    H  N N 183 
HIS HB3    H  N N 184 
HIS HD1    H  N N 185 
HIS HD2    H  N N 186 
HIS HE1    H  N N 187 
HIS HE2    H  N N 188 
HIS HXT    H  N N 189 
HOH O      O  N N 190 
HOH H1     H  N N 191 
HOH H2     H  N N 192 
ILE N      N  N N 193 
ILE CA     C  N S 194 
ILE C      C  N N 195 
ILE O      O  N N 196 
ILE CB     C  N S 197 
ILE CG1    C  N N 198 
ILE CG2    C  N N 199 
ILE CD1    C  N N 200 
ILE OXT    O  N N 201 
ILE H      H  N N 202 
ILE H2     H  N N 203 
ILE HA     H  N N 204 
ILE HB     H  N N 205 
ILE HG12   H  N N 206 
ILE HG13   H  N N 207 
ILE HG21   H  N N 208 
ILE HG22   H  N N 209 
ILE HG23   H  N N 210 
ILE HD11   H  N N 211 
ILE HD12   H  N N 212 
ILE HD13   H  N N 213 
ILE HXT    H  N N 214 
LEU N      N  N N 215 
LEU CA     C  N S 216 
LEU C      C  N N 217 
LEU O      O  N N 218 
LEU CB     C  N N 219 
LEU CG     C  N N 220 
LEU CD1    C  N N 221 
LEU CD2    C  N N 222 
LEU OXT    O  N N 223 
LEU H      H  N N 224 
LEU H2     H  N N 225 
LEU HA     H  N N 226 
LEU HB2    H  N N 227 
LEU HB3    H  N N 228 
LEU HG     H  N N 229 
LEU HD11   H  N N 230 
LEU HD12   H  N N 231 
LEU HD13   H  N N 232 
LEU HD21   H  N N 233 
LEU HD22   H  N N 234 
LEU HD23   H  N N 235 
LEU HXT    H  N N 236 
LYS N      N  N N 237 
LYS CA     C  N S 238 
LYS C      C  N N 239 
LYS O      O  N N 240 
LYS CB     C  N N 241 
LYS CG     C  N N 242 
LYS CD     C  N N 243 
LYS CE     C  N N 244 
LYS NZ     N  N N 245 
LYS OXT    O  N N 246 
LYS H      H  N N 247 
LYS H2     H  N N 248 
LYS HA     H  N N 249 
LYS HB2    H  N N 250 
LYS HB3    H  N N 251 
LYS HG2    H  N N 252 
LYS HG3    H  N N 253 
LYS HD2    H  N N 254 
LYS HD3    H  N N 255 
LYS HE2    H  N N 256 
LYS HE3    H  N N 257 
LYS HZ1    H  N N 258 
LYS HZ2    H  N N 259 
LYS HZ3    H  N N 260 
LYS HXT    H  N N 261 
MET N      N  N N 262 
MET CA     C  N S 263 
MET C      C  N N 264 
MET O      O  N N 265 
MET CB     C  N N 266 
MET CG     C  N N 267 
MET SD     S  N N 268 
MET CE     C  N N 269 
MET OXT    O  N N 270 
MET H      H  N N 271 
MET H2     H  N N 272 
MET HA     H  N N 273 
MET HB2    H  N N 274 
MET HB3    H  N N 275 
MET HG2    H  N N 276 
MET HG3    H  N N 277 
MET HE1    H  N N 278 
MET HE2    H  N N 279 
MET HE3    H  N N 280 
MET HXT    H  N N 281 
MG  MG     MG N N 282 
PHE N      N  N N 283 
PHE CA     C  N S 284 
PHE C      C  N N 285 
PHE O      O  N N 286 
PHE CB     C  N N 287 
PHE CG     C  Y N 288 
PHE CD1    C  Y N 289 
PHE CD2    C  Y N 290 
PHE CE1    C  Y N 291 
PHE CE2    C  Y N 292 
PHE CZ     C  Y N 293 
PHE OXT    O  N N 294 
PHE H      H  N N 295 
PHE H2     H  N N 296 
PHE HA     H  N N 297 
PHE HB2    H  N N 298 
PHE HB3    H  N N 299 
PHE HD1    H  N N 300 
PHE HD2    H  N N 301 
PHE HE1    H  N N 302 
PHE HE2    H  N N 303 
PHE HZ     H  N N 304 
PHE HXT    H  N N 305 
PRO N      N  N N 306 
PRO CA     C  N S 307 
PRO C      C  N N 308 
PRO O      O  N N 309 
PRO CB     C  N N 310 
PRO CG     C  N N 311 
PRO CD     C  N N 312 
PRO OXT    O  N N 313 
PRO H      H  N N 314 
PRO HA     H  N N 315 
PRO HB2    H  N N 316 
PRO HB3    H  N N 317 
PRO HG2    H  N N 318 
PRO HG3    H  N N 319 
PRO HD2    H  N N 320 
PRO HD3    H  N N 321 
PRO HXT    H  N N 322 
SER N      N  N N 323 
SER CA     C  N S 324 
SER C      C  N N 325 
SER O      O  N N 326 
SER CB     C  N N 327 
SER OG     O  N N 328 
SER OXT    O  N N 329 
SER H      H  N N 330 
SER H2     H  N N 331 
SER HA     H  N N 332 
SER HB2    H  N N 333 
SER HB3    H  N N 334 
SER HG     H  N N 335 
SER HXT    H  N N 336 
THR N      N  N N 337 
THR CA     C  N S 338 
THR C      C  N N 339 
THR O      O  N N 340 
THR CB     C  N R 341 
THR OG1    O  N N 342 
THR CG2    C  N N 343 
THR OXT    O  N N 344 
THR H      H  N N 345 
THR H2     H  N N 346 
THR HA     H  N N 347 
THR HB     H  N N 348 
THR HG1    H  N N 349 
THR HG21   H  N N 350 
THR HG22   H  N N 351 
THR HG23   H  N N 352 
THR HXT    H  N N 353 
TRP N      N  N N 354 
TRP CA     C  N S 355 
TRP C      C  N N 356 
TRP O      O  N N 357 
TRP CB     C  N N 358 
TRP CG     C  Y N 359 
TRP CD1    C  Y N 360 
TRP CD2    C  Y N 361 
TRP NE1    N  Y N 362 
TRP CE2    C  Y N 363 
TRP CE3    C  Y N 364 
TRP CZ2    C  Y N 365 
TRP CZ3    C  Y N 366 
TRP CH2    C  Y N 367 
TRP OXT    O  N N 368 
TRP H      H  N N 369 
TRP H2     H  N N 370 
TRP HA     H  N N 371 
TRP HB2    H  N N 372 
TRP HB3    H  N N 373 
TRP HD1    H  N N 374 
TRP HE1    H  N N 375 
TRP HE3    H  N N 376 
TRP HZ2    H  N N 377 
TRP HZ3    H  N N 378 
TRP HH2    H  N N 379 
TRP HXT    H  N N 380 
TYR N      N  N N 381 
TYR CA     C  N S 382 
TYR C      C  N N 383 
TYR O      O  N N 384 
TYR CB     C  N N 385 
TYR CG     C  Y N 386 
TYR CD1    C  Y N 387 
TYR CD2    C  Y N 388 
TYR CE1    C  Y N 389 
TYR CE2    C  Y N 390 
TYR CZ     C  Y N 391 
TYR OH     O  N N 392 
TYR OXT    O  N N 393 
TYR H      H  N N 394 
TYR H2     H  N N 395 
TYR HA     H  N N 396 
TYR HB2    H  N N 397 
TYR HB3    H  N N 398 
TYR HD1    H  N N 399 
TYR HD2    H  N N 400 
TYR HE1    H  N N 401 
TYR HE2    H  N N 402 
TYR HH     H  N N 403 
TYR HXT    H  N N 404 
VAL N      N  N N 405 
VAL CA     C  N S 406 
VAL C      C  N N 407 
VAL O      O  N N 408 
VAL CB     C  N N 409 
VAL CG1    C  N N 410 
VAL CG2    C  N N 411 
VAL OXT    O  N N 412 
VAL H      H  N N 413 
VAL H2     H  N N 414 
VAL HA     H  N N 415 
VAL HB     H  N N 416 
VAL HG11   H  N N 417 
VAL HG12   H  N N 418 
VAL HG13   H  N N 419 
VAL HG21   H  N N 420 
VAL HG22   H  N N 421 
VAL HG23   H  N N 422 
VAL HXT    H  N N 423 
# 
loop_
_chem_comp_bond.comp_id 
_chem_comp_bond.atom_id_1 
_chem_comp_bond.atom_id_2 
_chem_comp_bond.value_order 
_chem_comp_bond.pdbx_aromatic_flag 
_chem_comp_bond.pdbx_stereo_config 
_chem_comp_bond.pdbx_ordinal 
ADP PB    O1B    doub N N 1   
ADP PB    O2B    sing N N 2   
ADP PB    O3B    sing N N 3   
ADP PB    O3A    sing N N 4   
ADP O2B   HOB2   sing N N 5   
ADP O3B   HOB3   sing N N 6   
ADP PA    O1A    doub N N 7   
ADP PA    O2A    sing N N 8   
ADP PA    O3A    sing N N 9   
ADP PA    "O5'"  sing N N 10  
ADP O2A   HOA2   sing N N 11  
ADP "O5'" "C5'"  sing N N 12  
ADP "C5'" "C4'"  sing N N 13  
ADP "C5'" "H5'1" sing N N 14  
ADP "C5'" "H5'2" sing N N 15  
ADP "C4'" "O4'"  sing N N 16  
ADP "C4'" "C3'"  sing N N 17  
ADP "C4'" "H4'"  sing N N 18  
ADP "O4'" "C1'"  sing N N 19  
ADP "C3'" "O3'"  sing N N 20  
ADP "C3'" "C2'"  sing N N 21  
ADP "C3'" "H3'"  sing N N 22  
ADP "O3'" "HO3'" sing N N 23  
ADP "C2'" "O2'"  sing N N 24  
ADP "C2'" "C1'"  sing N N 25  
ADP "C2'" "H2'"  sing N N 26  
ADP "O2'" "HO2'" sing N N 27  
ADP "C1'" N9     sing N N 28  
ADP "C1'" "H1'"  sing N N 29  
ADP N9    C8     sing Y N 30  
ADP N9    C4     sing Y N 31  
ADP C8    N7     doub Y N 32  
ADP C8    H8     sing N N 33  
ADP N7    C5     sing Y N 34  
ADP C5    C6     sing Y N 35  
ADP C5    C4     doub Y N 36  
ADP C6    N6     sing N N 37  
ADP C6    N1     doub Y N 38  
ADP N6    HN61   sing N N 39  
ADP N6    HN62   sing N N 40  
ADP N1    C2     sing Y N 41  
ADP C2    N3     doub Y N 42  
ADP C2    H2     sing N N 43  
ADP N3    C4     sing Y N 44  
ALA N     CA     sing N N 45  
ALA N     H      sing N N 46  
ALA N     H2     sing N N 47  
ALA CA    C      sing N N 48  
ALA CA    CB     sing N N 49  
ALA CA    HA     sing N N 50  
ALA C     O      doub N N 51  
ALA C     OXT    sing N N 52  
ALA CB    HB1    sing N N 53  
ALA CB    HB2    sing N N 54  
ALA CB    HB3    sing N N 55  
ALA OXT   HXT    sing N N 56  
ARG N     CA     sing N N 57  
ARG N     H      sing N N 58  
ARG N     H2     sing N N 59  
ARG CA    C      sing N N 60  
ARG CA    CB     sing N N 61  
ARG CA    HA     sing N N 62  
ARG C     O      doub N N 63  
ARG C     OXT    sing N N 64  
ARG CB    CG     sing N N 65  
ARG CB    HB2    sing N N 66  
ARG CB    HB3    sing N N 67  
ARG CG    CD     sing N N 68  
ARG CG    HG2    sing N N 69  
ARG CG    HG3    sing N N 70  
ARG CD    NE     sing N N 71  
ARG CD    HD2    sing N N 72  
ARG CD    HD3    sing N N 73  
ARG NE    CZ     sing N N 74  
ARG NE    HE     sing N N 75  
ARG CZ    NH1    sing N N 76  
ARG CZ    NH2    doub N N 77  
ARG NH1   HH11   sing N N 78  
ARG NH1   HH12   sing N N 79  
ARG NH2   HH21   sing N N 80  
ARG NH2   HH22   sing N N 81  
ARG OXT   HXT    sing N N 82  
ASN N     CA     sing N N 83  
ASN N     H      sing N N 84  
ASN N     H2     sing N N 85  
ASN CA    C      sing N N 86  
ASN CA    CB     sing N N 87  
ASN CA    HA     sing N N 88  
ASN C     O      doub N N 89  
ASN C     OXT    sing N N 90  
ASN CB    CG     sing N N 91  
ASN CB    HB2    sing N N 92  
ASN CB    HB3    sing N N 93  
ASN CG    OD1    doub N N 94  
ASN CG    ND2    sing N N 95  
ASN ND2   HD21   sing N N 96  
ASN ND2   HD22   sing N N 97  
ASN OXT   HXT    sing N N 98  
ASP N     CA     sing N N 99  
ASP N     H      sing N N 100 
ASP N     H2     sing N N 101 
ASP CA    C      sing N N 102 
ASP CA    CB     sing N N 103 
ASP CA    HA     sing N N 104 
ASP C     O      doub N N 105 
ASP C     OXT    sing N N 106 
ASP CB    CG     sing N N 107 
ASP CB    HB2    sing N N 108 
ASP CB    HB3    sing N N 109 
ASP CG    OD1    doub N N 110 
ASP CG    OD2    sing N N 111 
ASP OD2   HD2    sing N N 112 
ASP OXT   HXT    sing N N 113 
BEF BE    F1     sing N N 114 
BEF BE    F2     sing N N 115 
BEF BE    F3     sing N N 116 
GLN N     CA     sing N N 117 
GLN N     H      sing N N 118 
GLN N     H2     sing N N 119 
GLN CA    C      sing N N 120 
GLN CA    CB     sing N N 121 
GLN CA    HA     sing N N 122 
GLN C     O      doub N N 123 
GLN C     OXT    sing N N 124 
GLN CB    CG     sing N N 125 
GLN CB    HB2    sing N N 126 
GLN CB    HB3    sing N N 127 
GLN CG    CD     sing N N 128 
GLN CG    HG2    sing N N 129 
GLN CG    HG3    sing N N 130 
GLN CD    OE1    doub N N 131 
GLN CD    NE2    sing N N 132 
GLN NE2   HE21   sing N N 133 
GLN NE2   HE22   sing N N 134 
GLN OXT   HXT    sing N N 135 
GLU N     CA     sing N N 136 
GLU N     H      sing N N 137 
GLU N     H2     sing N N 138 
GLU CA    C      sing N N 139 
GLU CA    CB     sing N N 140 
GLU CA    HA     sing N N 141 
GLU C     O      doub N N 142 
GLU C     OXT    sing N N 143 
GLU CB    CG     sing N N 144 
GLU CB    HB2    sing N N 145 
GLU CB    HB3    sing N N 146 
GLU CG    CD     sing N N 147 
GLU CG    HG2    sing N N 148 
GLU CG    HG3    sing N N 149 
GLU CD    OE1    doub N N 150 
GLU CD    OE2    sing N N 151 
GLU OE2   HE2    sing N N 152 
GLU OXT   HXT    sing N N 153 
GLY N     CA     sing N N 154 
GLY N     H      sing N N 155 
GLY N     H2     sing N N 156 
GLY CA    C      sing N N 157 
GLY CA    HA2    sing N N 158 
GLY CA    HA3    sing N N 159 
GLY C     O      doub N N 160 
GLY C     OXT    sing N N 161 
GLY OXT   HXT    sing N N 162 
HIS N     CA     sing N N 163 
HIS N     H      sing N N 164 
HIS N     H2     sing N N 165 
HIS CA    C      sing N N 166 
HIS CA    CB     sing N N 167 
HIS CA    HA     sing N N 168 
HIS C     O      doub N N 169 
HIS C     OXT    sing N N 170 
HIS CB    CG     sing N N 171 
HIS CB    HB2    sing N N 172 
HIS CB    HB3    sing N N 173 
HIS CG    ND1    sing Y N 174 
HIS CG    CD2    doub Y N 175 
HIS ND1   CE1    doub Y N 176 
HIS ND1   HD1    sing N N 177 
HIS CD2   NE2    sing Y N 178 
HIS CD2   HD2    sing N N 179 
HIS CE1   NE2    sing Y N 180 
HIS CE1   HE1    sing N N 181 
HIS NE2   HE2    sing N N 182 
HIS OXT   HXT    sing N N 183 
HOH O     H1     sing N N 184 
HOH O     H2     sing N N 185 
ILE N     CA     sing N N 186 
ILE N     H      sing N N 187 
ILE N     H2     sing N N 188 
ILE CA    C      sing N N 189 
ILE CA    CB     sing N N 190 
ILE CA    HA     sing N N 191 
ILE C     O      doub N N 192 
ILE C     OXT    sing N N 193 
ILE CB    CG1    sing N N 194 
ILE CB    CG2    sing N N 195 
ILE CB    HB     sing N N 196 
ILE CG1   CD1    sing N N 197 
ILE CG1   HG12   sing N N 198 
ILE CG1   HG13   sing N N 199 
ILE CG2   HG21   sing N N 200 
ILE CG2   HG22   sing N N 201 
ILE CG2   HG23   sing N N 202 
ILE CD1   HD11   sing N N 203 
ILE CD1   HD12   sing N N 204 
ILE CD1   HD13   sing N N 205 
ILE OXT   HXT    sing N N 206 
LEU N     CA     sing N N 207 
LEU N     H      sing N N 208 
LEU N     H2     sing N N 209 
LEU CA    C      sing N N 210 
LEU CA    CB     sing N N 211 
LEU CA    HA     sing N N 212 
LEU C     O      doub N N 213 
LEU C     OXT    sing N N 214 
LEU CB    CG     sing N N 215 
LEU CB    HB2    sing N N 216 
LEU CB    HB3    sing N N 217 
LEU CG    CD1    sing N N 218 
LEU CG    CD2    sing N N 219 
LEU CG    HG     sing N N 220 
LEU CD1   HD11   sing N N 221 
LEU CD1   HD12   sing N N 222 
LEU CD1   HD13   sing N N 223 
LEU CD2   HD21   sing N N 224 
LEU CD2   HD22   sing N N 225 
LEU CD2   HD23   sing N N 226 
LEU OXT   HXT    sing N N 227 
LYS N     CA     sing N N 228 
LYS N     H      sing N N 229 
LYS N     H2     sing N N 230 
LYS CA    C      sing N N 231 
LYS CA    CB     sing N N 232 
LYS CA    HA     sing N N 233 
LYS C     O      doub N N 234 
LYS C     OXT    sing N N 235 
LYS CB    CG     sing N N 236 
LYS CB    HB2    sing N N 237 
LYS CB    HB3    sing N N 238 
LYS CG    CD     sing N N 239 
LYS CG    HG2    sing N N 240 
LYS CG    HG3    sing N N 241 
LYS CD    CE     sing N N 242 
LYS CD    HD2    sing N N 243 
LYS CD    HD3    sing N N 244 
LYS CE    NZ     sing N N 245 
LYS CE    HE2    sing N N 246 
LYS CE    HE3    sing N N 247 
LYS NZ    HZ1    sing N N 248 
LYS NZ    HZ2    sing N N 249 
LYS NZ    HZ3    sing N N 250 
LYS OXT   HXT    sing N N 251 
MET N     CA     sing N N 252 
MET N     H      sing N N 253 
MET N     H2     sing N N 254 
MET CA    C      sing N N 255 
MET CA    CB     sing N N 256 
MET CA    HA     sing N N 257 
MET C     O      doub N N 258 
MET C     OXT    sing N N 259 
MET CB    CG     sing N N 260 
MET CB    HB2    sing N N 261 
MET CB    HB3    sing N N 262 
MET CG    SD     sing N N 263 
MET CG    HG2    sing N N 264 
MET CG    HG3    sing N N 265 
MET SD    CE     sing N N 266 
MET CE    HE1    sing N N 267 
MET CE    HE2    sing N N 268 
MET CE    HE3    sing N N 269 
MET OXT   HXT    sing N N 270 
PHE N     CA     sing N N 271 
PHE N     H      sing N N 272 
PHE N     H2     sing N N 273 
PHE CA    C      sing N N 274 
PHE CA    CB     sing N N 275 
PHE CA    HA     sing N N 276 
PHE C     O      doub N N 277 
PHE C     OXT    sing N N 278 
PHE CB    CG     sing N N 279 
PHE CB    HB2    sing N N 280 
PHE CB    HB3    sing N N 281 
PHE CG    CD1    doub Y N 282 
PHE CG    CD2    sing Y N 283 
PHE CD1   CE1    sing Y N 284 
PHE CD1   HD1    sing N N 285 
PHE CD2   CE2    doub Y N 286 
PHE CD2   HD2    sing N N 287 
PHE CE1   CZ     doub Y N 288 
PHE CE1   HE1    sing N N 289 
PHE CE2   CZ     sing Y N 290 
PHE CE2   HE2    sing N N 291 
PHE CZ    HZ     sing N N 292 
PHE OXT   HXT    sing N N 293 
PRO N     CA     sing N N 294 
PRO N     CD     sing N N 295 
PRO N     H      sing N N 296 
PRO CA    C      sing N N 297 
PRO CA    CB     sing N N 298 
PRO CA    HA     sing N N 299 
PRO C     O      doub N N 300 
PRO C     OXT    sing N N 301 
PRO CB    CG     sing N N 302 
PRO CB    HB2    sing N N 303 
PRO CB    HB3    sing N N 304 
PRO CG    CD     sing N N 305 
PRO CG    HG2    sing N N 306 
PRO CG    HG3    sing N N 307 
PRO CD    HD2    sing N N 308 
PRO CD    HD3    sing N N 309 
PRO OXT   HXT    sing N N 310 
SER N     CA     sing N N 311 
SER N     H      sing N N 312 
SER N     H2     sing N N 313 
SER CA    C      sing N N 314 
SER CA    CB     sing N N 315 
SER CA    HA     sing N N 316 
SER C     O      doub N N 317 
SER C     OXT    sing N N 318 
SER CB    OG     sing N N 319 
SER CB    HB2    sing N N 320 
SER CB    HB3    sing N N 321 
SER OG    HG     sing N N 322 
SER OXT   HXT    sing N N 323 
THR N     CA     sing N N 324 
THR N     H      sing N N 325 
THR N     H2     sing N N 326 
THR CA    C      sing N N 327 
THR CA    CB     sing N N 328 
THR CA    HA     sing N N 329 
THR C     O      doub N N 330 
THR C     OXT    sing N N 331 
THR CB    OG1    sing N N 332 
THR CB    CG2    sing N N 333 
THR CB    HB     sing N N 334 
THR OG1   HG1    sing N N 335 
THR CG2   HG21   sing N N 336 
THR CG2   HG22   sing N N 337 
THR CG2   HG23   sing N N 338 
THR OXT   HXT    sing N N 339 
TRP N     CA     sing N N 340 
TRP N     H      sing N N 341 
TRP N     H2     sing N N 342 
TRP CA    C      sing N N 343 
TRP CA    CB     sing N N 344 
TRP CA    HA     sing N N 345 
TRP C     O      doub N N 346 
TRP C     OXT    sing N N 347 
TRP CB    CG     sing N N 348 
TRP CB    HB2    sing N N 349 
TRP CB    HB3    sing N N 350 
TRP CG    CD1    doub Y N 351 
TRP CG    CD2    sing Y N 352 
TRP CD1   NE1    sing Y N 353 
TRP CD1   HD1    sing N N 354 
TRP CD2   CE2    doub Y N 355 
TRP CD2   CE3    sing Y N 356 
TRP NE1   CE2    sing Y N 357 
TRP NE1   HE1    sing N N 358 
TRP CE2   CZ2    sing Y N 359 
TRP CE3   CZ3    doub Y N 360 
TRP CE3   HE3    sing N N 361 
TRP CZ2   CH2    doub Y N 362 
TRP CZ2   HZ2    sing N N 363 
TRP CZ3   CH2    sing Y N 364 
TRP CZ3   HZ3    sing N N 365 
TRP CH2   HH2    sing N N 366 
TRP OXT   HXT    sing N N 367 
TYR N     CA     sing N N 368 
TYR N     H      sing N N 369 
TYR N     H2     sing N N 370 
TYR CA    C      sing N N 371 
TYR CA    CB     sing N N 372 
TYR CA    HA     sing N N 373 
TYR C     O      doub N N 374 
TYR C     OXT    sing N N 375 
TYR CB    CG     sing N N 376 
TYR CB    HB2    sing N N 377 
TYR CB    HB3    sing N N 378 
TYR CG    CD1    doub Y N 379 
TYR CG    CD2    sing Y N 380 
TYR CD1   CE1    sing Y N 381 
TYR CD1   HD1    sing N N 382 
TYR CD2   CE2    doub Y N 383 
TYR CD2   HD2    sing N N 384 
TYR CE1   CZ     doub Y N 385 
TYR CE1   HE1    sing N N 386 
TYR CE2   CZ     sing Y N 387 
TYR CE2   HE2    sing N N 388 
TYR CZ    OH     sing N N 389 
TYR OH    HH     sing N N 390 
TYR OXT   HXT    sing N N 391 
VAL N     CA     sing N N 392 
VAL N     H      sing N N 393 
VAL N     H2     sing N N 394 
VAL CA    C      sing N N 395 
VAL CA    CB     sing N N 396 
VAL CA    HA     sing N N 397 
VAL C     O      doub N N 398 
VAL C     OXT    sing N N 399 
VAL CB    CG1    sing N N 400 
VAL CB    CG2    sing N N 401 
VAL CB    HB     sing N N 402 
VAL CG1   HG11   sing N N 403 
VAL CG1   HG12   sing N N 404 
VAL CG1   HG13   sing N N 405 
VAL CG2   HG21   sing N N 406 
VAL CG2   HG22   sing N N 407 
VAL CG2   HG23   sing N N 408 
VAL OXT   HXT    sing N N 409 
# 
_atom_sites.entry_id                    3ECC 
_atom_sites.fract_transf_matrix[1][1]   0.00370852 
_atom_sites.fract_transf_matrix[1][2]   0.00932863 
_atom_sites.fract_transf_matrix[1][3]   0.00925209 
_atom_sites.fract_transf_matrix[2][1]   -0.00248557 
_atom_sites.fract_transf_matrix[2][2]   0.01323028 
_atom_sites.fract_transf_matrix[2][3]   -0.00227127 
_atom_sites.fract_transf_matrix[3][1]   -0.01794150 
_atom_sites.fract_transf_matrix[3][2]   -0.00182090 
_atom_sites.fract_transf_matrix[3][3]   0.00902745 
_atom_sites.fract_transf_vector[1]      0.368307 
_atom_sites.fract_transf_vector[2]      0.292040 
_atom_sites.fract_transf_vector[3]      0.635623 
# 
loop_
_atom_type.symbol 
BE 
C  
F  
MG 
N  
O  
P  
S  
# 
loop_
_atom_site.group_PDB 
_atom_site.id 
_atom_site.type_symbol 
_atom_site.label_atom_id 
_atom_site.label_alt_id 
_atom_site.label_comp_id 
_atom_site.label_asym_id 
_atom_site.label_entity_id 
_atom_site.label_seq_id 
_atom_site.pdbx_PDB_ins_code 
_atom_site.Cartn_x 
_atom_site.Cartn_y 
_atom_site.Cartn_z 
_atom_site.occupancy 
_atom_site.B_iso_or_equiv 
_atom_site.pdbx_formal_charge 
_atom_site.auth_seq_id 
_atom_site.auth_comp_id 
_atom_site.auth_asym_id 
_atom_site.auth_atom_id 
_atom_site.pdbx_PDB_model_num 
ATOM   1    N  N     . ALA A 1 1   ? 2.147   -8.116  11.398  1.00 57.68 ? 42   ALA A N     1 
ATOM   2    C  CA    . ALA A 1 1   ? 1.360   -7.238  12.301  1.00 57.30 ? 42   ALA A CA    1 
ATOM   3    C  C     . ALA A 1 1   ? 2.270   -6.486  13.279  1.00 57.12 ? 42   ALA A C     1 
ATOM   4    O  O     . ALA A 1 1   ? 2.438   -5.270  13.156  1.00 57.31 ? 42   ALA A O     1 
ATOM   5    C  CB    . ALA A 1 1   ? 0.283   -8.047  13.046  1.00 57.33 ? 42   ALA A CB    1 
ATOM   6    N  N     . LYS A 1 2   ? 2.870   -7.193  14.237  1.00 56.62 ? 43   LYS A N     1 
ATOM   7    C  CA    . LYS A 1 2   ? 3.579   -6.499  15.314  1.00 56.27 ? 43   LYS A CA    1 
ATOM   8    C  C     . LYS A 1 2   ? 5.052   -6.829  15.491  1.00 55.85 ? 43   LYS A C     1 
ATOM   9    O  O     . LYS A 1 2   ? 5.557   -6.900  16.609  1.00 55.78 ? 43   LYS A O     1 
ATOM   10   C  CB    . LYS A 1 2   ? 2.827   -6.593  16.641  1.00 56.65 ? 43   LYS A CB    1 
ATOM   11   C  CG    . LYS A 1 2   ? 1.611   -5.650  16.739  1.00 56.66 ? 43   LYS A CG    1 
ATOM   12   C  CD    . LYS A 1 2   ? 1.619   -4.822  18.019  1.00 56.66 ? 43   LYS A CD    1 
ATOM   13   C  CE    . LYS A 1 2   ? 1.717   -5.682  19.282  1.00 56.55 ? 43   LYS A CE    1 
ATOM   14   N  NZ    . LYS A 1 2   ? 1.713   -4.830  20.507  1.00 57.42 ? 43   LYS A NZ    1 
ATOM   15   N  N     . ARG A 1 3   ? 5.747   -6.983  14.374  1.00 55.22 ? 44   ARG A N     1 
ATOM   16   C  CA    . ARG A 1 3   ? 7.162   -6.694  14.336  1.00 54.85 ? 44   ARG A CA    1 
ATOM   17   C  C     . ARG A 1 3   ? 7.333   -5.168  14.299  1.00 54.63 ? 44   ARG A C     1 
ATOM   18   O  O     . ARG A 1 3   ? 8.362   -4.631  14.721  1.00 54.50 ? 44   ARG A O     1 
ATOM   19   C  CB    . ARG A 1 3   ? 7.810   -7.343  13.113  1.00 55.01 ? 44   ARG A CB    1 
ATOM   20   C  CG    . ARG A 1 3   ? 8.816   -6.464  12.410  1.00 54.93 ? 44   ARG A CG    1 
ATOM   21   C  CD    . ARG A 1 3   ? 9.675   -7.256  11.452  1.00 55.53 ? 44   ARG A CD    1 
ATOM   22   N  NE    . ARG A 1 3   ? 10.979  -7.575  12.022  1.00 56.10 ? 44   ARG A NE    1 
ATOM   23   C  CZ    . ARG A 1 3   ? 11.282  -8.737  12.585  1.00 55.62 ? 44   ARG A CZ    1 
ATOM   24   N  NH1   . ARG A 1 3   ? 10.374  -9.695  12.643  1.00 56.08 ? 44   ARG A NH1   1 
ATOM   25   N  NH2   . ARG A 1 3   ? 12.493  -8.944  13.083  1.00 54.56 ? 44   ARG A NH2   1 
ATOM   26   N  N     . TYR A 1 4   ? 6.304   -4.478  13.815  1.00 54.31 ? 45   TYR A N     1 
ATOM   27   C  CA    . TYR A 1 4   ? 6.305   -3.021  13.768  1.00 54.11 ? 45   TYR A CA    1 
ATOM   28   C  C     . TYR A 1 4   ? 5.443   -2.413  14.883  1.00 54.21 ? 45   TYR A C     1 
ATOM   29   O  O     . TYR A 1 4   ? 4.809   -1.372  14.689  1.00 53.99 ? 45   TYR A O     1 
ATOM   30   C  CB    . TYR A 1 4   ? 5.818   -2.523  12.401  1.00 53.91 ? 45   TYR A CB    1 
ATOM   31   C  CG    . TYR A 1 4   ? 6.514   -3.153  11.206  1.00 53.53 ? 45   TYR A CG    1 
ATOM   32   C  CD1   . TYR A 1 4   ? 7.658   -2.578  10.655  1.00 53.10 ? 45   TYR A CD1   1 
ATOM   33   C  CD2   . TYR A 1 4   ? 6.019   -4.318  10.620  1.00 52.91 ? 45   TYR A CD2   1 
ATOM   34   C  CE1   . TYR A 1 4   ? 8.295   -3.151  9.556   1.00 52.52 ? 45   TYR A CE1   1 
ATOM   35   C  CE2   . TYR A 1 4   ? 6.657   -4.903  9.528   1.00 52.40 ? 45   TYR A CE2   1 
ATOM   36   C  CZ    . TYR A 1 4   ? 7.787   -4.306  8.996   1.00 52.24 ? 45   TYR A CZ    1 
ATOM   37   O  OH    . TYR A 1 4   ? 8.422   -4.867  7.913   1.00 53.16 ? 45   TYR A OH    1 
ATOM   38   N  N     . TRP A 1 5   ? 5.418   -3.069  16.046  1.00 54.31 ? 46   TRP A N     1 
ATOM   39   C  CA    . TRP A 1 5   ? 4.669   -2.566  17.208  1.00 54.35 ? 46   TRP A CA    1 
ATOM   40   C  C     . TRP A 1 5   ? 5.085   -1.132  17.515  1.00 54.94 ? 46   TRP A C     1 
ATOM   41   O  O     . TRP A 1 5   ? 4.308   -0.345  18.071  1.00 54.84 ? 46   TRP A O     1 
ATOM   42   C  CB    . TRP A 1 5   ? 4.917   -3.451  18.438  1.00 54.12 ? 46   TRP A CB    1 
ATOM   43   C  CG    . TRP A 1 5   ? 6.334   -3.400  18.943  1.00 52.99 ? 46   TRP A CG    1 
ATOM   44   C  CD1   . TRP A 1 5   ? 7.373   -4.196  18.551  1.00 51.83 ? 46   TRP A CD1   1 
ATOM   45   C  CD2   . TRP A 1 5   ? 6.866   -2.496  19.917  1.00 52.36 ? 46   TRP A CD2   1 
ATOM   46   N  NE1   . TRP A 1 5   ? 8.518   -3.845  19.223  1.00 51.24 ? 46   TRP A NE1   1 
ATOM   47   C  CE2   . TRP A 1 5   ? 8.235   -2.804  20.068  1.00 51.87 ? 46   TRP A CE2   1 
ATOM   48   C  CE3   . TRP A 1 5   ? 6.322   -1.451  20.675  1.00 52.25 ? 46   TRP A CE3   1 
ATOM   49   C  CZ2   . TRP A 1 5   ? 9.064   -2.106  20.944  1.00 51.39 ? 46   TRP A CZ2   1 
ATOM   50   C  CZ3   . TRP A 1 5   ? 7.148   -0.764  21.550  1.00 51.43 ? 46   TRP A CZ3   1 
ATOM   51   C  CH2   . TRP A 1 5   ? 8.503   -1.090  21.671  1.00 51.38 ? 46   TRP A CH2   1 
ATOM   52   N  N     . ASN A 1 6   ? 6.324   -0.817  17.145  1.00 55.42 ? 47   ASN A N     1 
ATOM   53   C  CA    . ASN A 1 6   ? 6.976   0.437   17.488  1.00 56.14 ? 47   ASN A CA    1 
ATOM   54   C  C     . ASN A 1 6   ? 7.037   1.401   16.310  1.00 56.40 ? 47   ASN A C     1 
ATOM   55   O  O     . ASN A 1 6   ? 7.673   2.451   16.393  1.00 56.18 ? 47   ASN A O     1 
ATOM   56   C  CB    . ASN A 1 6   ? 8.402   0.154   17.943  1.00 56.34 ? 47   ASN A CB    1 
ATOM   57   C  CG    . ASN A 1 6   ? 9.302   -0.297  16.791  1.00 57.67 ? 47   ASN A CG    1 
ATOM   58   O  OD1   . ASN A 1 6   ? 9.117   -1.382  16.220  1.00 57.05 ? 47   ASN A OD1   1 
ATOM   59   N  ND2   . ASN A 1 6   ? 10.262  0.554   16.424  1.00 58.32 ? 47   ASN A ND2   1 
ATOM   60   N  N     . ALA A 1 7   ? 6.401   1.035   15.204  1.00 57.14 ? 48   ALA A N     1 
ATOM   61   C  CA    . ALA A 1 7   ? 6.427   1.874   14.010  1.00 58.08 ? 48   ALA A CA    1 
ATOM   62   C  C     . ALA A 1 7   ? 5.501   3.077   14.144  1.00 58.86 ? 48   ALA A C     1 
ATOM   63   O  O     . ALA A 1 7   ? 4.328   3.022   13.773  1.00 58.97 ? 48   ALA A O     1 
ATOM   64   C  CB    . ALA A 1 7   ? 6.084   1.066   12.772  1.00 57.98 ? 48   ALA A CB    1 
ATOM   65   N  N     . ASN A 1 8   ? 6.044   4.152   14.707  1.00 59.92 ? 49   ASN A N     1 
ATOM   66   C  CA    . ASN A 1 8   ? 5.355   5.424   14.815  1.00 60.96 ? 49   ASN A CA    1 
ATOM   67   C  C     . ASN A 1 8   ? 6.016   6.448   13.911  1.00 61.83 ? 49   ASN A C     1 
ATOM   68   O  O     . ASN A 1 8   ? 7.204   6.333   13.595  1.00 61.79 ? 49   ASN A O     1 
ATOM   69   C  CB    . ASN A 1 8   ? 5.420   5.936   16.250  1.00 60.95 ? 49   ASN A CB    1 
ATOM   70   C  CG    . ASN A 1 8   ? 4.611   5.098   17.201  1.00 61.47 ? 49   ASN A CG    1 
ATOM   71   O  OD1   . ASN A 1 8   ? 3.478   5.450   17.539  1.00 62.55 ? 49   ASN A OD1   1 
ATOM   72   N  ND2   . ASN A 1 8   ? 5.181   3.980   17.646  1.00 60.33 ? 49   ASN A ND2   1 
ATOM   73   N  N     . LEU A 1 9   ? 5.254   7.462   13.510  1.00 62.83 ? 50   LEU A N     1 
ATOM   74   C  CA    . LEU A 1 9   ? 5.835   8.601   12.808  1.00 63.70 ? 50   LEU A CA    1 
ATOM   75   C  C     . LEU A 1 9   ? 6.761   9.367   13.743  1.00 64.49 ? 50   LEU A C     1 
ATOM   76   O  O     . LEU A 1 9   ? 7.343   10.384  13.367  1.00 64.82 ? 50   LEU A O     1 
ATOM   77   C  CB    . LEU A 1 9   ? 4.745   9.528   12.264  1.00 63.60 ? 50   LEU A CB    1 
ATOM   78   C  CG    . LEU A 1 9   ? 4.063   9.150   10.942  1.00 63.01 ? 50   LEU A CG    1 
ATOM   79   C  CD1   . LEU A 1 9   ? 3.093   10.244  10.557  1.00 62.58 ? 50   LEU A CD1   1 
ATOM   80   C  CD2   . LEU A 1 9   ? 5.069   8.902   9.825   1.00 60.85 ? 50   LEU A CD2   1 
ATOM   81   N  N     . ASP A 1 10  ? 6.902   8.850   14.959  1.00 65.41 ? 51   ASP A N     1 
ATOM   82   C  CA    . ASP A 1 10  ? 7.724   9.474   15.987  1.00 66.12 ? 51   ASP A CA    1 
ATOM   83   C  C     . ASP A 1 10  ? 9.026   8.695   16.193  1.00 65.98 ? 51   ASP A C     1 
ATOM   84   O  O     . ASP A 1 10  ? 10.116  9.270   16.203  1.00 65.82 ? 51   ASP A O     1 
ATOM   85   C  CB    . ASP A 1 10  ? 6.938   9.547   17.288  1.00 66.49 ? 51   ASP A CB    1 
ATOM   86   C  CG    . ASP A 1 10  ? 7.405   10.659  18.177  1.00 68.43 ? 51   ASP A CG    1 
ATOM   87   O  OD1   . ASP A 1 10  ? 8.545   10.565  18.689  1.00 69.92 ? 51   ASP A OD1   1 
ATOM   88   O  OD2   . ASP A 1 10  ? 6.630   11.629  18.366  1.00 70.83 ? 51   ASP A OD2   1 
ATOM   89   N  N     . THR A 1 11  ? 8.893   7.381   16.350  1.00 66.04 ? 52   THR A N     1 
ATOM   90   C  CA    . THR A 1 11  ? 10.024  6.456   16.346  1.00 65.79 ? 52   THR A CA    1 
ATOM   91   C  C     . THR A 1 11  ? 10.835  6.567   15.047  1.00 65.44 ? 52   THR A C     1 
ATOM   92   O  O     . THR A 1 11  ? 11.956  6.047   14.947  1.00 65.58 ? 52   THR A O     1 
ATOM   93   C  CB    . THR A 1 11  ? 9.529   4.997   16.505  1.00 65.82 ? 52   THR A CB    1 
ATOM   94   O  OG1   . THR A 1 11  ? 8.756   4.882   17.706  1.00 66.02 ? 52   THR A OG1   1 
ATOM   95   C  CG2   . THR A 1 11  ? 10.702  4.019   16.561  1.00 66.22 ? 52   THR A CG2   1 
ATOM   96   N  N     . TYR A 1 12  ? 10.263  7.248   14.053  1.00 64.88 ? 53   TYR A N     1 
ATOM   97   C  CA    . TYR A 1 12  ? 10.914  7.393   12.758  1.00 63.98 ? 53   TYR A CA    1 
ATOM   98   C  C     . TYR A 1 12  ? 11.916  8.542   12.709  1.00 63.61 ? 53   TYR A C     1 
ATOM   99   O  O     . TYR A 1 12  ? 11.563  9.719   12.864  1.00 63.51 ? 53   TYR A O     1 
ATOM   100  C  CB    . TYR A 1 12  ? 9.899   7.517   11.621  1.00 63.71 ? 53   TYR A CB    1 
ATOM   101  C  CG    . TYR A 1 12  ? 10.483  7.125   10.290  1.00 63.12 ? 53   TYR A CG    1 
ATOM   102  C  CD1   . TYR A 1 12  ? 10.444  5.807   9.858   1.00 62.62 ? 53   TYR A CD1   1 
ATOM   103  C  CD2   . TYR A 1 12  ? 11.106  8.064   9.475   1.00 62.93 ? 53   TYR A CD2   1 
ATOM   104  C  CE1   . TYR A 1 12  ? 11.000  5.430   8.647   1.00 62.58 ? 53   TYR A CE1   1 
ATOM   105  C  CE2   . TYR A 1 12  ? 11.657  7.698   8.256   1.00 62.73 ? 53   TYR A CE2   1 
ATOM   106  C  CZ    . TYR A 1 12  ? 11.594  6.382   7.845   1.00 62.59 ? 53   TYR A CZ    1 
ATOM   107  O  OH    . TYR A 1 12  ? 12.147  6.013   6.640   1.00 63.24 ? 53   TYR A OH    1 
ATOM   108  N  N     . HIS A 1 13  ? 13.174  8.178   12.498  1.00 62.95 ? 54   HIS A N     1 
ATOM   109  C  CA    . HIS A 1 13  ? 14.220  9.139   12.254  1.00 62.43 ? 54   HIS A CA    1 
ATOM   110  C  C     . HIS A 1 13  ? 14.800  8.862   10.881  1.00 61.68 ? 54   HIS A C     1 
ATOM   111  O  O     . HIS A 1 13  ? 15.579  7.924   10.701  1.00 61.67 ? 54   HIS A O     1 
ATOM   112  C  CB    . HIS A 1 13  ? 15.291  9.059   13.342  1.00 62.64 ? 54   HIS A CB    1 
ATOM   113  C  CG    . HIS A 1 13  ? 14.761  9.313   14.717  1.00 63.89 ? 54   HIS A CG    1 
ATOM   114  N  ND1   . HIS A 1 13  ? 14.257  8.309   15.518  1.00 64.74 ? 54   HIS A ND1   1 
ATOM   115  C  CD2   . HIS A 1 13  ? 14.620  10.463  15.421  1.00 65.05 ? 54   HIS A CD2   1 
ATOM   116  C  CE1   . HIS A 1 13  ? 13.846  8.827   16.663  1.00 65.41 ? 54   HIS A CE1   1 
ATOM   117  N  NE2   . HIS A 1 13  ? 14.055  10.132  16.630  1.00 65.44 ? 54   HIS A NE2   1 
ATOM   118  N  N     . PRO A 1 14  ? 14.392  9.669   9.894   1.00 60.98 ? 55   PRO A N     1 
ATOM   119  C  CA    . PRO A 1 14  ? 14.847  9.550   8.515   1.00 60.43 ? 55   PRO A CA    1 
ATOM   120  C  C     . PRO A 1 14  ? 16.359  9.490   8.422   1.00 59.97 ? 55   PRO A C     1 
ATOM   121  O  O     . PRO A 1 14  ? 17.047  10.215  9.137   1.00 59.94 ? 55   PRO A O     1 
ATOM   122  C  CB    . PRO A 1 14  ? 14.325  10.832  7.851   1.00 60.38 ? 55   PRO A CB    1 
ATOM   123  C  CG    . PRO A 1 14  ? 13.697  11.658  8.962   1.00 60.56 ? 55   PRO A CG    1 
ATOM   124  C  CD    . PRO A 1 14  ? 13.374  10.719  10.055  1.00 60.89 ? 55   PRO A CD    1 
ATOM   125  N  N     . LYS A 1 15  ? 16.873  8.635   7.546   1.00 59.49 ? 56   LYS A N     1 
ATOM   126  C  CA    . LYS A 1 15  ? 18.315  8.431   7.457   1.00 59.10 ? 56   LYS A CA    1 
ATOM   127  C  C     . LYS A 1 15  ? 18.914  9.010   6.186   1.00 58.78 ? 56   LYS A C     1 
ATOM   128  O  O     . LYS A 1 15  ? 20.116  8.864   5.939   1.00 58.87 ? 56   LYS A O     1 
ATOM   129  C  CB    . LYS A 1 15  ? 18.674  6.949   7.605   1.00 59.25 ? 56   LYS A CB    1 
ATOM   130  C  CG    . LYS A 1 15  ? 18.458  6.408   9.016   1.00 59.85 ? 56   LYS A CG    1 
ATOM   131  C  CD    . LYS A 1 15  ? 19.616  5.523   9.470   1.00 61.61 ? 56   LYS A CD    1 
ATOM   132  C  CE    . LYS A 1 15  ? 19.426  5.024   10.909  1.00 62.09 ? 56   LYS A CE    1 
ATOM   133  N  NZ    . LYS A 1 15  ? 18.963  6.103   11.839  1.00 62.18 ? 56   LYS A NZ    1 
ATOM   134  N  N     . ASN A 1 16  ? 18.070  9.655   5.376   1.00 58.14 ? 57   ASN A N     1 
ATOM   135  C  CA    . ASN A 1 16  ? 18.522  10.410  4.206   1.00 57.68 ? 57   ASN A CA    1 
ATOM   136  C  C     . ASN A 1 16  ? 17.446  11.376  3.708   1.00 57.42 ? 57   ASN A C     1 
ATOM   137  O  O     . ASN A 1 16  ? 16.368  11.480  4.297   1.00 57.31 ? 57   ASN A O     1 
ATOM   138  C  CB    . ASN A 1 16  ? 18.991  9.477   3.074   1.00 57.51 ? 57   ASN A CB    1 
ATOM   139  C  CG    . ASN A 1 16  ? 17.860  8.678   2.460   1.00 57.85 ? 57   ASN A CG    1 
ATOM   140  O  OD1   . ASN A 1 16  ? 17.218  7.864   3.126   1.00 57.54 ? 57   ASN A OD1   1 
ATOM   141  N  ND2   . ASN A 1 16  ? 17.626  8.890   1.171   1.00 58.46 ? 57   ASN A ND2   1 
ATOM   142  N  N     . VAL A 1 17  ? 17.751  12.088  2.631   1.00 57.14 ? 58   VAL A N     1 
ATOM   143  C  CA    . VAL A 1 17  ? 16.823  13.055  2.064   1.00 57.01 ? 58   VAL A CA    1 
ATOM   144  C  C     . VAL A 1 17  ? 15.489  12.400  1.672   1.00 56.74 ? 58   VAL A C     1 
ATOM   145  O  O     . VAL A 1 17  ? 14.415  12.939  1.965   1.00 56.67 ? 58   VAL A O     1 
ATOM   146  C  CB    . VAL A 1 17  ? 17.453  13.807  0.858   1.00 57.01 ? 58   VAL A CB    1 
ATOM   147  C  CG1   . VAL A 1 17  ? 16.437  14.726  0.212   1.00 57.54 ? 58   VAL A CG1   1 
ATOM   148  C  CG2   . VAL A 1 17  ? 18.670  14.611  1.307   1.00 56.86 ? 58   VAL A CG2   1 
ATOM   149  N  N     . SER A 1 18  ? 15.567  11.230  1.032   1.00 56.46 ? 59   SER A N     1 
ATOM   150  C  CA    . SER A 1 18  ? 14.374  10.475  0.608   1.00 56.17 ? 59   SER A CA    1 
ATOM   151  C  C     . SER A 1 18  ? 13.424  10.213  1.765   1.00 55.84 ? 59   SER A C     1 
ATOM   152  O  O     . SER A 1 18  ? 12.221  10.456  1.658   1.00 55.80 ? 59   SER A O     1 
ATOM   153  C  CB    . SER A 1 18  ? 14.767  9.131   -0.024  1.00 56.18 ? 59   SER A CB    1 
ATOM   154  O  OG    . SER A 1 18  ? 15.082  9.268   -1.393  1.00 57.45 ? 59   SER A OG    1 
ATOM   155  N  N     . GLN A 1 19  ? 13.974  9.704   2.869   1.00 55.34 ? 60   GLN A N     1 
ATOM   156  C  CA    . GLN A 1 19  ? 13.179  9.336   4.034   1.00 54.95 ? 60   GLN A CA    1 
ATOM   157  C  C     . GLN A 1 19  ? 12.592  10.559  4.728   1.00 54.30 ? 60   GLN A C     1 
ATOM   158  O  O     . GLN A 1 19  ? 11.543  10.476  5.366   1.00 53.98 ? 60   GLN A O     1 
ATOM   159  C  CB    . GLN A 1 19  ? 14.029  8.527   5.017   1.00 55.21 ? 60   GLN A CB    1 
ATOM   160  C  CG    . GLN A 1 19  ? 14.256  7.092   4.591   1.00 56.36 ? 60   GLN A CG    1 
ATOM   161  C  CD    . GLN A 1 19  ? 15.380  6.418   5.362   1.00 57.52 ? 60   GLN A CD    1 
ATOM   162  O  OE1   . GLN A 1 19  ? 15.413  6.450   6.595   1.00 57.29 ? 60   GLN A OE1   1 
ATOM   163  N  NE2   . GLN A 1 19  ? 16.304  5.788   4.630   1.00 57.37 ? 60   GLN A NE2   1 
ATOM   164  N  N     . ASN A 1 20  ? 13.280  11.690  4.604   1.00 53.96 ? 61   ASN A N     1 
ATOM   165  C  CA    . ASN A 1 20  ? 12.836  12.934  5.215   1.00 53.75 ? 61   ASN A CA    1 
ATOM   166  C  C     . ASN A 1 20  ? 11.662  13.567  4.479   1.00 53.47 ? 61   ASN A C     1 
ATOM   167  O  O     . ASN A 1 20  ? 10.732  14.067  5.104   1.00 53.53 ? 61   ASN A O     1 
ATOM   168  C  CB    . ASN A 1 20  ? 13.991  13.936  5.318   1.00 53.70 ? 61   ASN A CB    1 
ATOM   169  C  CG    . ASN A 1 20  ? 13.575  15.225  6.001   1.00 54.22 ? 61   ASN A CG    1 
ATOM   170  O  OD1   . ASN A 1 20  ? 13.371  15.260  7.219   1.00 55.22 ? 61   ASN A OD1   1 
ATOM   171  N  ND2   . ASN A 1 20  ? 13.419  16.286  5.218   1.00 53.17 ? 61   ASN A ND2   1 
ATOM   172  N  N     . ARG A 1 21  ? 11.713  13.547  3.153   1.00 53.27 ? 62   ARG A N     1 
ATOM   173  C  CA    . ARG A 1 21  ? 10.631  14.108  2.350   1.00 53.21 ? 62   ARG A CA    1 
ATOM   174  C  C     . ARG A 1 21  ? 9.370   13.260  2.461   1.00 52.43 ? 62   ARG A C     1 
ATOM   175  O  O     . ARG A 1 21  ? 8.259   13.789  2.518   1.00 52.50 ? 62   ARG A O     1 
ATOM   176  C  CB    . ARG A 1 21  ? 11.056  14.252  0.889   1.00 53.55 ? 62   ARG A CB    1 
ATOM   177  C  CG    . ARG A 1 21  ? 12.203  15.217  0.683   1.00 55.25 ? 62   ARG A CG    1 
ATOM   178  C  CD    . ARG A 1 21  ? 12.252  15.699  -0.741  1.00 58.69 ? 62   ARG A CD    1 
ATOM   179  N  NE    . ARG A 1 21  ? 13.543  15.381  -1.349  1.00 61.95 ? 62   ARG A NE    1 
ATOM   180  C  CZ    . ARG A 1 21  ? 13.745  14.368  -2.192  1.00 63.34 ? 62   ARG A CZ    1 
ATOM   181  N  NH1   . ARG A 1 21  ? 12.737  13.571  -2.544  1.00 63.59 ? 62   ARG A NH1   1 
ATOM   182  N  NH2   . ARG A 1 21  ? 14.960  14.151  -2.685  1.00 63.68 ? 62   ARG A NH2   1 
ATOM   183  N  N     . ALA A 1 22  ? 9.555   11.945  2.502   1.00 51.57 ? 63   ALA A N     1 
ATOM   184  C  CA    . ALA A 1 22  ? 8.452   11.023  2.715   1.00 50.87 ? 63   ALA A CA    1 
ATOM   185  C  C     . ALA A 1 22  ? 7.748   11.316  4.037   1.00 50.45 ? 63   ALA A C     1 
ATOM   186  O  O     . ALA A 1 22  ? 6.522   11.366  4.093   1.00 50.30 ? 63   ALA A O     1 
ATOM   187  C  CB    . ALA A 1 22  ? 8.946   9.594   2.681   1.00 50.72 ? 63   ALA A CB    1 
ATOM   188  N  N     . LEU A 1 23  ? 8.527   11.526  5.095   1.00 50.03 ? 64   LEU A N     1 
ATOM   189  C  CA    . LEU A 1 23  ? 7.966   11.806  6.420   1.00 49.72 ? 64   LEU A CA    1 
ATOM   190  C  C     . LEU A 1 23  ? 7.127   13.081  6.421   1.00 49.56 ? 64   LEU A C     1 
ATOM   191  O  O     . LEU A 1 23  ? 6.040   13.112  7.000   1.00 49.61 ? 64   LEU A O     1 
ATOM   192  C  CB    . LEU A 1 23  ? 9.072   11.873  7.489   1.00 49.52 ? 64   LEU A CB    1 
ATOM   193  C  CG    . LEU A 1 23  ? 8.697   12.294  8.918   1.00 49.55 ? 64   LEU A CG    1 
ATOM   194  C  CD1   . LEU A 1 23  ? 7.689   11.330  9.545   1.00 50.41 ? 64   LEU A CD1   1 
ATOM   195  C  CD2   . LEU A 1 23  ? 9.938   12.419  9.796   1.00 49.07 ? 64   LEU A CD2   1 
ATOM   196  N  N     . LEU A 1 24  ? 7.628   14.123  5.765   1.00 49.31 ? 65   LEU A N     1 
ATOM   197  C  CA    . LEU A 1 24  ? 6.909   15.397  5.688   1.00 49.19 ? 65   LEU A CA    1 
ATOM   198  C  C     . LEU A 1 24  ? 5.662   15.273  4.809   1.00 48.85 ? 65   LEU A C     1 
ATOM   199  O  O     . LEU A 1 24  ? 4.616   15.837  5.124   1.00 48.93 ? 65   LEU A O     1 
ATOM   200  C  CB    . LEU A 1 24  ? 7.827   16.526  5.184   1.00 49.08 ? 65   LEU A CB    1 
ATOM   201  C  CG    . LEU A 1 24  ? 9.048   16.880  6.061   1.00 49.47 ? 65   LEU A CG    1 
ATOM   202  C  CD1   . LEU A 1 24  ? 10.005  17.817  5.340   1.00 48.97 ? 65   LEU A CD1   1 
ATOM   203  C  CD2   . LEU A 1 24  ? 8.655   17.454  7.432   1.00 49.18 ? 65   LEU A CD2   1 
ATOM   204  N  N     . THR A 1 25  ? 5.774   14.507  3.728   1.00 48.36 ? 66   THR A N     1 
ATOM   205  C  CA    . THR A 1 25  ? 4.635   14.253  2.855   1.00 48.26 ? 66   THR A CA    1 
ATOM   206  C  C     . THR A 1 25  ? 3.562   13.395  3.536   1.00 48.25 ? 66   THR A C     1 
ATOM   207  O  O     . THR A 1 25  ? 2.373   13.553  3.260   1.00 48.55 ? 66   THR A O     1 
ATOM   208  C  CB    . THR A 1 25  ? 5.061   13.602  1.529   1.00 48.24 ? 66   THR A CB    1 
ATOM   209  O  OG1   . THR A 1 25  ? 6.065   14.406  0.900   1.00 49.00 ? 66   THR A OG1   1 
ATOM   210  C  CG2   . THR A 1 25  ? 3.872   13.485  0.597   1.00 47.96 ? 66   THR A CG2   1 
ATOM   211  N  N     . ILE A 1 26  ? 3.980   12.501  4.432   1.00 48.14 ? 67   ILE A N     1 
ATOM   212  C  CA    . ILE A 1 26  ? 3.030   11.673  5.180   1.00 47.99 ? 67   ILE A CA    1 
ATOM   213  C  C     . ILE A 1 26  ? 2.282   12.508  6.211   1.00 48.33 ? 67   ILE A C     1 
ATOM   214  O  O     . ILE A 1 26  ? 1.056   12.414  6.324   1.00 48.24 ? 67   ILE A O     1 
ATOM   215  C  CB    . ILE A 1 26  ? 3.717   10.486  5.900   1.00 47.88 ? 67   ILE A CB    1 
ATOM   216  C  CG1   . ILE A 1 26  ? 4.317   9.512   4.889   1.00 47.55 ? 67   ILE A CG1   1 
ATOM   217  C  CG2   . ILE A 1 26  ? 2.730   9.768   6.815   1.00 47.10 ? 67   ILE A CG2   1 
ATOM   218  C  CD1   . ILE A 1 26  ? 5.369   8.598   5.482   1.00 47.81 ? 67   ILE A CD1   1 
ATOM   219  N  N     . ARG A 1 27  ? 3.028   13.324  6.958   1.00 48.61 ? 68   ARG A N     1 
ATOM   220  C  CA    . ARG A 1 27  ? 2.453   14.169  8.009   1.00 49.07 ? 68   ARG A CA    1 
ATOM   221  C  C     . ARG A 1 27  ? 1.402   15.145  7.456   1.00 48.99 ? 68   ARG A C     1 
ATOM   222  O  O     . ARG A 1 27  ? 0.328   15.311  8.046   1.00 49.05 ? 68   ARG A O     1 
ATOM   223  C  CB    . ARG A 1 27  ? 3.558   14.911  8.792   1.00 49.25 ? 68   ARG A CB    1 
ATOM   224  C  CG    . ARG A 1 27  ? 4.365   14.010  9.744   1.00 50.11 ? 68   ARG A CG    1 
ATOM   225  C  CD    . ARG A 1 27  ? 5.004   14.783  10.892  1.00 51.95 ? 68   ARG A CD    1 
ATOM   226  N  NE    . ARG A 1 27  ? 5.674   13.904  11.860  1.00 53.58 ? 68   ARG A NE    1 
ATOM   227  C  CZ    . ARG A 1 27  ? 5.069   13.290  12.882  1.00 54.50 ? 68   ARG A CZ    1 
ATOM   228  N  NH1   . ARG A 1 27  ? 3.764   13.442  13.088  1.00 54.00 ? 68   ARG A NH1   1 
ATOM   229  N  NH2   . ARG A 1 27  ? 5.771   12.511  13.696  1.00 55.15 ? 68   ARG A NH2   1 
ATOM   230  N  N     . VAL A 1 28  ? 1.704   15.753  6.309   1.00 48.83 ? 69   VAL A N     1 
ATOM   231  C  CA    . VAL A 1 28  ? 0.737   16.573  5.590   1.00 48.71 ? 69   VAL A CA    1 
ATOM   232  C  C     . VAL A 1 28  ? -0.479  15.740  5.207   1.00 49.17 ? 69   VAL A C     1 
ATOM   233  O  O     . VAL A 1 28  ? -1.614  16.169  5.402   1.00 49.34 ? 69   VAL A O     1 
ATOM   234  C  CB    . VAL A 1 28  ? 1.353   17.188  4.321   1.00 48.49 ? 69   VAL A CB    1 
ATOM   235  C  CG1   . VAL A 1 28  ? 0.278   17.802  3.449   1.00 48.30 ? 69   VAL A CG1   1 
ATOM   236  C  CG2   . VAL A 1 28  ? 2.394   18.220  4.683   1.00 48.07 ? 69   VAL A CG2   1 
ATOM   237  N  N     . PHE A 1 29  ? -0.228  14.540  4.677   1.00 49.81 ? 70   PHE A N     1 
ATOM   238  C  CA    . PHE A 1 29  ? -1.287  13.619  4.235   1.00 50.20 ? 70   PHE A CA    1 
ATOM   239  C  C     . PHE A 1 29  ? -2.230  13.259  5.387   1.00 50.88 ? 70   PHE A C     1 
ATOM   240  O  O     . PHE A 1 29  ? -3.438  13.491  5.302   1.00 50.99 ? 70   PHE A O     1 
ATOM   241  C  CB    . PHE A 1 29  ? -0.668  12.344  3.614   1.00 49.99 ? 70   PHE A CB    1 
ATOM   242  C  CG    . PHE A 1 29  ? -1.688  11.320  3.174   1.00 48.86 ? 70   PHE A CG    1 
ATOM   243  C  CD1   . PHE A 1 29  ? -2.227  11.357  1.893   1.00 47.78 ? 70   PHE A CD1   1 
ATOM   244  C  CD2   . PHE A 1 29  ? -2.115  10.327  4.045   1.00 47.78 ? 70   PHE A CD2   1 
ATOM   245  C  CE1   . PHE A 1 29  ? -3.178  10.426  1.493   1.00 47.41 ? 70   PHE A CE1   1 
ATOM   246  C  CE2   . PHE A 1 29  ? -3.065  9.387   3.649   1.00 47.58 ? 70   PHE A CE2   1 
ATOM   247  C  CZ    . PHE A 1 29  ? -3.592  9.436   2.373   1.00 47.14 ? 70   PHE A CZ    1 
ATOM   248  N  N     . VAL A 1 30  ? -1.661  12.719  6.466   1.00 51.81 ? 71   VAL A N     1 
ATOM   249  C  CA    . VAL A 1 30  ? -2.411  12.328  7.671   1.00 52.56 ? 71   VAL A CA    1 
ATOM   250  C  C     . VAL A 1 30  ? -3.203  13.490  8.254   1.00 53.32 ? 71   VAL A C     1 
ATOM   251  O  O     . VAL A 1 30  ? -4.313  13.314  8.769   1.00 53.53 ? 71   VAL A O     1 
ATOM   252  C  CB    . VAL A 1 30  ? -1.465  11.791  8.764   1.00 52.49 ? 71   VAL A CB    1 
ATOM   253  C  CG1   . VAL A 1 30  ? -2.199  11.651  10.095  1.00 52.67 ? 71   VAL A CG1   1 
ATOM   254  C  CG2   . VAL A 1 30  ? -0.855  10.462  8.337   1.00 52.35 ? 71   VAL A CG2   1 
ATOM   255  N  N     . HIS A 1 31  ? -2.632  14.683  8.162   1.00 54.12 ? 72   HIS A N     1 
ATOM   256  C  CA    . HIS A 1 31  ? -3.288  15.873  8.662   1.00 55.12 ? 72   HIS A CA    1 
ATOM   257  C  C     . HIS A 1 31  ? -4.491  16.280  7.799   1.00 55.37 ? 72   HIS A C     1 
ATOM   258  O  O     . HIS A 1 31  ? -5.527  16.695  8.327   1.00 56.03 ? 72   HIS A O     1 
ATOM   259  C  CB    . HIS A 1 31  ? -2.290  17.030  8.772   1.00 55.26 ? 72   HIS A CB    1 
ATOM   260  C  CG    . HIS A 1 31  ? -2.847  18.238  9.451   1.00 56.40 ? 72   HIS A CG    1 
ATOM   261  N  ND1   . HIS A 1 31  ? -3.012  19.446  8.805   1.00 57.14 ? 72   HIS A ND1   1 
ATOM   262  C  CD2   . HIS A 1 31  ? -3.309  18.417  10.712  1.00 57.14 ? 72   HIS A CD2   1 
ATOM   263  C  CE1   . HIS A 1 31  ? -3.539  20.320  9.644   1.00 57.38 ? 72   HIS A CE1   1 
ATOM   264  N  NE2   . HIS A 1 31  ? -3.728  19.722  10.808  1.00 57.53 ? 72   HIS A NE2   1 
ATOM   265  N  N     . ASN A 1 32  ? -4.362  16.135  6.483   1.00 55.13 ? 73   ASN A N     1 
ATOM   266  C  CA    . ASN A 1 32  ? -5.400  16.584  5.563   1.00 54.92 ? 73   ASN A CA    1 
ATOM   267  C  C     . ASN A 1 32  ? -6.320  15.479  5.101   1.00 54.64 ? 73   ASN A C     1 
ATOM   268  O  O     . ASN A 1 32  ? -6.939  15.591  4.048   1.00 54.59 ? 73   ASN A O     1 
ATOM   269  C  CB    . ASN A 1 32  ? -4.766  17.241  4.343   1.00 55.20 ? 73   ASN A CB    1 
ATOM   270  C  CG    . ASN A 1 32  ? -4.159  18.578  4.664   1.00 55.80 ? 73   ASN A CG    1 
ATOM   271  O  OD1   . ASN A 1 32  ? -4.366  19.115  5.752   1.00 57.22 ? 73   ASN A OD1   1 
ATOM   272  N  ND2   . ASN A 1 32  ? -3.408  19.135  3.717   1.00 55.52 ? 73   ASN A ND2   1 
ATOM   273  N  N     . PHE A 1 33  ? -6.413  14.414  5.891   1.00 54.28 ? 74   PHE A N     1 
ATOM   274  C  CA    . PHE A 1 33  ? -7.047  13.184  5.445   1.00 53.72 ? 74   PHE A CA    1 
ATOM   275  C  C     . PHE A 1 33  ? -8.579  13.203  5.510   1.00 53.78 ? 74   PHE A C     1 
ATOM   276  O  O     . PHE A 1 33  ? -9.177  13.285  6.591   1.00 54.11 ? 74   PHE A O     1 
ATOM   277  C  CB    . PHE A 1 33  ? -6.491  11.996  6.229   1.00 53.38 ? 74   PHE A CB    1 
ATOM   278  C  CG    . PHE A 1 33  ? -6.944  10.663  5.708   1.00 52.95 ? 74   PHE A CG    1 
ATOM   279  C  CD1   . PHE A 1 33  ? -6.379  10.118  4.556   1.00 52.01 ? 74   PHE A CD1   1 
ATOM   280  C  CD2   . PHE A 1 33  ? -7.936  9.955   6.363   1.00 51.81 ? 74   PHE A CD2   1 
ATOM   281  C  CE1   . PHE A 1 33  ? -6.795  8.894   4.070   1.00 50.85 ? 74   PHE A CE1   1 
ATOM   282  C  CE2   . PHE A 1 33  ? -8.354  8.724   5.882   1.00 51.55 ? 74   PHE A CE2   1 
ATOM   283  C  CZ    . PHE A 1 33  ? -7.779  8.195   4.732   1.00 50.85 ? 74   PHE A CZ    1 
ATOM   284  N  N     . ASN A 1 34  ? -9.197  13.138  4.337   1.00 53.55 ? 75   ASN A N     1 
ATOM   285  C  CA    . ASN A 1 34  ? -10.620 12.877  4.212   1.00 53.15 ? 75   ASN A CA    1 
ATOM   286  C  C     . ASN A 1 34  ? -10.772 11.527  3.526   1.00 52.98 ? 75   ASN A C     1 
ATOM   287  O  O     . ASN A 1 34  ? -10.391 11.373  2.355   1.00 52.69 ? 75   ASN A O     1 
ATOM   288  C  CB    . ASN A 1 34  ? -11.300 13.976  3.382   1.00 53.32 ? 75   ASN A CB    1 
ATOM   289  C  CG    . ASN A 1 34  ? -12.827 13.894  3.422   1.00 53.37 ? 75   ASN A CG    1 
ATOM   290  O  OD1   . ASN A 1 34  ? -13.402 12.886  3.840   1.00 52.68 ? 75   ASN A OD1   1 
ATOM   291  N  ND2   . ASN A 1 34  ? -13.487 14.966  2.987   1.00 53.17 ? 75   ASN A ND2   1 
ATOM   292  N  N     . PRO A 1 35  ? -11.315 10.537  4.254   1.00 52.86 ? 76   PRO A N     1 
ATOM   293  C  CA    . PRO A 1 35  ? -11.523 9.197   3.694   1.00 53.10 ? 76   PRO A CA    1 
ATOM   294  C  C     . PRO A 1 35  ? -12.454 9.209   2.477   1.00 53.29 ? 76   PRO A C     1 
ATOM   295  O  O     . PRO A 1 35  ? -12.483 8.251   1.705   1.00 53.52 ? 76   PRO A O     1 
ATOM   296  C  CB    . PRO A 1 35  ? -12.169 8.421   4.853   1.00 53.01 ? 76   PRO A CB    1 
ATOM   297  C  CG    . PRO A 1 35  ? -12.677 9.468   5.792   1.00 52.63 ? 76   PRO A CG    1 
ATOM   298  C  CD    . PRO A 1 35  ? -11.749 10.625  5.658   1.00 52.79 ? 76   PRO A CD    1 
ATOM   299  N  N     . GLU A 1 36  ? -13.174 10.315  2.297   1.00 53.33 ? 77   GLU A N     1 
ATOM   300  C  CA    . GLU A 1 36  ? -14.105 10.472  1.184   1.00 53.11 ? 77   GLU A CA    1 
ATOM   301  C  C     . GLU A 1 36  ? -13.398 10.935  -0.094  1.00 52.69 ? 77   GLU A C     1 
ATOM   302  O  O     . GLU A 1 36  ? -14.017 11.040  -1.149  1.00 52.93 ? 77   GLU A O     1 
ATOM   303  C  CB    . GLU A 1 36  ? -15.236 11.442  1.562   1.00 53.28 ? 77   GLU A CB    1 
ATOM   304  C  CG    . GLU A 1 36  ? -16.219 10.890  2.605   1.00 53.90 ? 77   GLU A CG    1 
ATOM   305  C  CD    . GLU A 1 36  ? -16.948 9.647   2.111   1.00 56.10 ? 77   GLU A CD    1 
ATOM   306  O  OE1   . GLU A 1 36  ? -17.565 9.713   1.017   1.00 57.97 ? 77   GLU A OE1   1 
ATOM   307  O  OE2   . GLU A 1 36  ? -16.919 8.607   2.813   1.00 55.09 ? 77   GLU A OE2   1 
ATOM   308  N  N     . GLU A 1 37  ? -12.098 11.198  0.003   1.00 52.26 ? 78   GLU A N     1 
ATOM   309  C  CA    . GLU A 1 37  ? -11.304 11.612  -1.157  1.00 51.64 ? 78   GLU A CA    1 
ATOM   310  C  C     . GLU A 1 37  ? -10.611 10.442  -1.825  1.00 50.82 ? 78   GLU A C     1 
ATOM   311  O  O     . GLU A 1 37  ? -10.181 10.544  -2.965  1.00 50.88 ? 78   GLU A O     1 
ATOM   312  C  CB    . GLU A 1 37  ? -10.268 12.663  -0.758  1.00 50.80 ? 78   GLU A CB    1 
ATOM   313  C  CG    . GLU A 1 37  ? -10.874 13.980  -0.325  1.00 52.38 ? 78   GLU A CG    1 
ATOM   314  C  CD    . GLU A 1 37  ? -9.832  14.997  0.106   1.00 55.10 ? 78   GLU A CD    1 
ATOM   315  O  OE1   . GLU A 1 37  ? -8.651  14.618  0.235   1.00 55.63 ? 78   GLU A OE1   1 
ATOM   316  O  OE2   . GLU A 1 37  ? -10.196 16.179  0.331   1.00 56.09 ? 78   GLU A OE2   1 
ATOM   317  N  N     . GLY A 1 38  ? -10.487 9.334   -1.103  1.00 50.26 ? 79   GLY A N     1 
ATOM   318  C  CA    . GLY A 1 38  ? -9.860  8.135   -1.640  1.00 49.30 ? 79   GLY A CA    1 
ATOM   319  C  C     . GLY A 1 38  ? -8.459  8.342   -2.182  1.00 48.68 ? 79   GLY A C     1 
ATOM   320  O  O     . GLY A 1 38  ? -8.108  7.824   -3.237  1.00 48.39 ? 79   GLY A O     1 
ATOM   321  N  N     . LYS A 1 39  ? -7.663  9.131   -1.476  1.00 48.15 ? 80   LYS A N     1 
ATOM   322  C  CA    . LYS A 1 39  ? -6.268  9.303   -1.852  1.00 47.58 ? 80   LYS A CA    1 
ATOM   323  C  C     . LYS A 1 39  ? -5.407  8.468   -0.935  1.00 46.61 ? 80   LYS A C     1 
ATOM   324  O  O     . LYS A 1 39  ? -5.669  8.379   0.262   1.00 46.53 ? 80   LYS A O     1 
ATOM   325  C  CB    . LYS A 1 39  ? -5.847  10.768  -1.763  1.00 47.95 ? 80   LYS A CB    1 
ATOM   326  C  CG    . LYS A 1 39  ? -6.474  11.673  -2.819  1.00 49.72 ? 80   LYS A CG    1 
ATOM   327  C  CD    . LYS A 1 39  ? -5.756  13.020  -2.901  1.00 51.54 ? 80   LYS A CD    1 
ATOM   328  C  CE    . LYS A 1 39  ? -5.947  13.815  -1.628  1.00 52.33 ? 80   LYS A CE    1 
ATOM   329  N  NZ    . LYS A 1 39  ? -5.104  15.042  -1.588  1.00 54.06 ? 80   LYS A NZ    1 
ATOM   330  N  N     . GLY A 1 40  ? -4.381  7.849   -1.499  1.00 45.52 ? 81   GLY A N     1 
ATOM   331  C  CA    . GLY A 1 40  ? -3.452  7.076   -0.704  1.00 44.35 ? 81   GLY A CA    1 
ATOM   332  C  C     . GLY A 1 40  ? -2.026  7.455   -1.014  1.00 43.56 ? 81   GLY A C     1 
ATOM   333  O  O     . GLY A 1 40  ? -1.770  8.488   -1.628  1.00 43.59 ? 81   GLY A O     1 
ATOM   334  N  N     . LEU A 1 41  ? -1.096  6.606   -0.586  1.00 42.68 ? 82   LEU A N     1 
ATOM   335  C  CA    . LEU A 1 41  ? 0.314   6.785   -0.885  1.00 41.55 ? 82   LEU A CA    1 
ATOM   336  C  C     . LEU A 1 41  ? 0.875   5.489   -1.425  1.00 40.89 ? 82   LEU A C     1 
ATOM   337  O  O     . LEU A 1 41  ? 0.395   4.408   -1.094  1.00 40.37 ? 82   LEU A O     1 
ATOM   338  C  CB    . LEU A 1 41  ? 1.089   7.194   0.369   1.00 41.86 ? 82   LEU A CB    1 
ATOM   339  C  CG    . LEU A 1 41  ? 0.568   8.388   1.180   1.00 42.36 ? 82   LEU A CG    1 
ATOM   340  C  CD1   . LEU A 1 41  ? 1.197   8.406   2.566   1.00 42.11 ? 82   LEU A CD1   1 
ATOM   341  C  CD2   . LEU A 1 41  ? 0.815   9.714   0.447   1.00 42.71 ? 82   LEU A CD2   1 
ATOM   342  N  N     . THR A 1 42  ? 1.900   5.610   -2.260  1.00 40.46 ? 83   THR A N     1 
ATOM   343  C  CA    . THR A 1 42  ? 2.589   4.465   -2.814  1.00 39.83 ? 83   THR A CA    1 
ATOM   344  C  C     . THR A 1 42  ? 4.078   4.549   -2.500  1.00 39.84 ? 83   THR A C     1 
ATOM   345  O  O     . THR A 1 42  ? 4.758   5.494   -2.895  1.00 39.77 ? 83   THR A O     1 
ATOM   346  C  CB    . THR A 1 42  ? 2.377   4.374   -4.329  1.00 39.91 ? 83   THR A CB    1 
ATOM   347  O  OG1   . THR A 1 42  ? 0.970   4.396   -4.617  1.00 39.94 ? 83   THR A OG1   1 
ATOM   348  C  CG2   . THR A 1 42  ? 2.992   3.092   -4.884  1.00 39.52 ? 83   THR A CG2   1 
ATOM   349  N  N     . PHE A 1 43  ? 4.574   3.554   -1.775  1.00 39.95 ? 84   PHE A N     1 
ATOM   350  C  CA    . PHE A 1 43  ? 5.975   3.509   -1.371  1.00 39.91 ? 84   PHE A CA    1 
ATOM   351  C  C     . PHE A 1 43  ? 6.735   2.519   -2.238  1.00 40.33 ? 84   PHE A C     1 
ATOM   352  O  O     . PHE A 1 43  ? 6.416   1.330   -2.270  1.00 40.43 ? 84   PHE A O     1 
ATOM   353  C  CB    . PHE A 1 43  ? 6.099   3.085   0.092   1.00 39.56 ? 84   PHE A CB    1 
ATOM   354  C  CG    . PHE A 1 43  ? 5.439   4.019   1.056   1.00 38.28 ? 84   PHE A CG    1 
ATOM   355  C  CD1   . PHE A 1 43  ? 6.123   5.118   1.551   1.00 36.87 ? 84   PHE A CD1   1 
ATOM   356  C  CD2   . PHE A 1 43  ? 4.141   3.789   1.482   1.00 37.66 ? 84   PHE A CD2   1 
ATOM   357  C  CE1   . PHE A 1 43  ? 5.526   5.974   2.450   1.00 37.10 ? 84   PHE A CE1   1 
ATOM   358  C  CE2   . PHE A 1 43  ? 3.529   4.641   2.387   1.00 37.69 ? 84   PHE A CE2   1 
ATOM   359  C  CZ    . PHE A 1 43  ? 4.222   5.734   2.875   1.00 38.00 ? 84   PHE A CZ    1 
ATOM   360  N  N     . VAL A 1 44  ? 7.743   3.019   -2.940  1.00 40.55 ? 85   VAL A N     1 
ATOM   361  C  CA    . VAL A 1 44  ? 8.545   2.203   -3.829  1.00 40.86 ? 85   VAL A CA    1 
ATOM   362  C  C     . VAL A 1 44  ? 9.982   2.203   -3.329  1.00 41.06 ? 85   VAL A C     1 
ATOM   363  O  O     . VAL A 1 44  ? 10.411  3.145   -2.674  1.00 41.21 ? 85   VAL A O     1 
ATOM   364  C  CB    . VAL A 1 44  ? 8.489   2.752   -5.272  1.00 40.71 ? 85   VAL A CB    1 
ATOM   365  C  CG1   . VAL A 1 44  ? 9.000   1.720   -6.260  1.00 41.51 ? 85   VAL A CG1   1 
ATOM   366  C  CG2   . VAL A 1 44  ? 7.066   3.136   -5.631  1.00 40.95 ? 85   VAL A CG2   1 
ATOM   367  N  N     . GLY A 1 45  ? 10.720  1.137   -3.626  1.00 41.23 ? 86   GLY A N     1 
ATOM   368  C  CA    . GLY A 1 45  ? 12.130  1.068   -3.259  1.00 41.59 ? 86   GLY A CA    1 
ATOM   369  C  C     . GLY A 1 45  ? 12.645  -0.335  -2.988  1.00 41.97 ? 86   GLY A C     1 
ATOM   370  O  O     . GLY A 1 45  ? 11.886  -1.304  -2.972  1.00 42.23 ? 86   GLY A O     1 
ATOM   371  N  N     . SER A 1 46  ? 13.948  -0.431  -2.762  1.00 42.30 ? 87   SER A N     1 
ATOM   372  C  CA    . SER A 1 46  ? 14.605  -1.685  -2.412  1.00 42.92 ? 87   SER A CA    1 
ATOM   373  C  C     . SER A 1 46  ? 14.256  -2.160  -0.990  1.00 43.15 ? 87   SER A C     1 
ATOM   374  O  O     . SER A 1 46  ? 13.706  -1.390  -0.199  1.00 43.04 ? 87   SER A O     1 
ATOM   375  C  CB    . SER A 1 46  ? 16.117  -1.522  -2.544  1.00 42.65 ? 87   SER A CB    1 
ATOM   376  O  OG    . SER A 1 46  ? 16.493  -1.579  -3.902  1.00 43.49 ? 87   SER A OG    1 
ATOM   377  N  N     . PRO A 1 47  ? 14.560  -3.442  -0.679  1.00 43.29 ? 88   PRO A N     1 
ATOM   378  C  CA    . PRO A 1 47  ? 14.402  -4.058  0.650   1.00 43.39 ? 88   PRO A CA    1 
ATOM   379  C  C     . PRO A 1 47  ? 15.135  -3.310  1.772   1.00 43.36 ? 88   PRO A C     1 
ATOM   380  O  O     . PRO A 1 47  ? 16.173  -2.692  1.524   1.00 44.10 ? 88   PRO A O     1 
ATOM   381  C  CB    . PRO A 1 47  ? 15.032  -5.447  0.465   1.00 43.63 ? 88   PRO A CB    1 
ATOM   382  C  CG    . PRO A 1 47  ? 14.855  -5.753  -0.986  1.00 43.82 ? 88   PRO A CG    1 
ATOM   383  C  CD    . PRO A 1 47  ? 14.929  -4.433  -1.711  1.00 43.37 ? 88   PRO A CD    1 
ATOM   384  N  N     . GLY A 1 48  ? 14.591  -3.360  2.987   1.00 42.83 ? 89   GLY A N     1 
ATOM   385  C  CA    . GLY A 1 48  ? 15.270  -2.808  4.167   1.00 42.30 ? 89   GLY A CA    1 
ATOM   386  C  C     . GLY A 1 48  ? 15.232  -1.292  4.254   1.00 41.93 ? 89   GLY A C     1 
ATOM   387  O  O     . GLY A 1 48  ? 15.745  -0.693  5.210   1.00 41.47 ? 89   GLY A O     1 
ATOM   388  N  N     . VAL A 1 49  ? 14.619  -0.678  3.249   1.00 41.40 ? 90   VAL A N     1 
ATOM   389  C  CA    . VAL A 1 49  ? 14.559  0.766   3.142   1.00 41.57 ? 90   VAL A CA    1 
ATOM   390  C  C     . VAL A 1 49  ? 13.575  1.417   4.136   1.00 41.38 ? 90   VAL A C     1 
ATOM   391  O  O     . VAL A 1 49  ? 13.734  2.579   4.491   1.00 41.42 ? 90   VAL A O     1 
ATOM   392  C  CB    . VAL A 1 49  ? 14.254  1.184   1.683   1.00 41.81 ? 90   VAL A CB    1 
ATOM   393  C  CG1   . VAL A 1 49  ? 13.509  2.505   1.626   1.00 42.11 ? 90   VAL A CG1   1 
ATOM   394  C  CG2   . VAL A 1 49  ? 15.559  1.233   0.868   1.00 41.90 ? 90   VAL A CG2   1 
ATOM   395  N  N     . GLY A 1 50  ? 12.581  0.662   4.596   1.00 41.25 ? 91   GLY A N     1 
ATOM   396  C  CA    . GLY A 1 50  ? 11.623  1.184   5.583   1.00 40.62 ? 91   GLY A CA    1 
ATOM   397  C  C     . GLY A 1 50  ? 10.197  1.404   5.094   1.00 40.29 ? 91   GLY A C     1 
ATOM   398  O  O     . GLY A 1 50  ? 9.397   2.028   5.783   1.00 40.29 ? 91   GLY A O     1 
ATOM   399  N  N     . LYS A 1 51  ? 9.870   0.873   3.917   1.00 39.96 ? 92   LYS A N     1 
ATOM   400  C  CA    . LYS A 1 51  ? 8.566   1.116   3.286   1.00 39.45 ? 92   LYS A CA    1 
ATOM   401  C  C     . LYS A 1 51  ? 7.400   0.657   4.168   1.00 39.51 ? 92   LYS A C     1 
ATOM   402  O  O     . LYS A 1 51  ? 6.485   1.438   4.458   1.00 39.59 ? 92   LYS A O     1 
ATOM   403  C  CB    . LYS A 1 51  ? 8.489   0.457   1.904   1.00 38.99 ? 92   LYS A CB    1 
ATOM   404  C  CG    . LYS A 1 51  ? 9.529   0.962   0.920   1.00 38.35 ? 92   LYS A CG    1 
ATOM   405  C  CD    . LYS A 1 51  ? 9.367   0.341   -0.460  1.00 36.75 ? 92   LYS A CD    1 
ATOM   406  C  CE    . LYS A 1 51  ? 9.570   -1.167  -0.434  1.00 34.47 ? 92   LYS A CE    1 
ATOM   407  N  NZ    . LYS A 1 51  ? 10.978  -1.555  -0.119  1.00 34.13 ? 92   LYS A NZ    1 
ATOM   408  N  N     . THR A 1 52  ? 7.440   -0.603  4.595   1.00 39.34 ? 93   THR A N     1 
ATOM   409  C  CA    . THR A 1 52  ? 6.404   -1.151  5.465   1.00 39.24 ? 93   THR A CA    1 
ATOM   410  C  C     . THR A 1 52  ? 6.342   -0.369  6.775   1.00 39.35 ? 93   THR A C     1 
ATOM   411  O  O     . THR A 1 52  ? 5.266   -0.158  7.334   1.00 38.92 ? 93   THR A O     1 
ATOM   412  C  CB    . THR A 1 52  ? 6.658   -2.628  5.767   1.00 39.29 ? 93   THR A CB    1 
ATOM   413  O  OG1   . THR A 1 52  ? 6.860   -3.338  4.533   1.00 39.97 ? 93   THR A OG1   1 
ATOM   414  C  CG2   . THR A 1 52  ? 5.481   -3.242  6.527   1.00 38.92 ? 93   THR A CG2   1 
ATOM   415  N  N     . HIS A 1 53  ? 7.505   0.071   7.247   1.00 39.68 ? 94   HIS A N     1 
ATOM   416  C  CA    . HIS A 1 53  ? 7.581   0.863   8.469   1.00 40.26 ? 94   HIS A CA    1 
ATOM   417  C  C     . HIS A 1 53  ? 6.696   2.106   8.359   1.00 40.39 ? 94   HIS A C     1 
ATOM   418  O  O     . HIS A 1 53  ? 5.870   2.377   9.239   1.00 40.53 ? 94   HIS A O     1 
ATOM   419  C  CB    . HIS A 1 53  ? 9.034   1.269   8.767   1.00 40.24 ? 94   HIS A CB    1 
ATOM   420  C  CG    . HIS A 1 53  ? 9.217   1.891   10.113  1.00 41.10 ? 94   HIS A CG    1 
ATOM   421  N  ND1   . HIS A 1 53  ? 9.715   1.194   11.192  1.00 42.17 ? 94   HIS A ND1   1 
ATOM   422  C  CD2   . HIS A 1 53  ? 8.942   3.138   10.565  1.00 41.40 ? 94   HIS A CD2   1 
ATOM   423  C  CE1   . HIS A 1 53  ? 9.759   1.991   12.246  1.00 42.06 ? 94   HIS A CE1   1 
ATOM   424  N  NE2   . HIS A 1 53  ? 9.290   3.174   11.893  1.00 41.02 ? 94   HIS A NE2   1 
ATOM   425  N  N     . LEU A 1 54  ? 6.866   2.851   7.271   1.00 40.58 ? 95   LEU A N     1 
ATOM   426  C  CA    . LEU A 1 54  ? 6.139   4.103   7.071   1.00 40.94 ? 95   LEU A CA    1 
ATOM   427  C  C     . LEU A 1 54  ? 4.666   3.884   6.767   1.00 41.25 ? 95   LEU A C     1 
ATOM   428  O  O     . LEU A 1 54  ? 3.834   4.712   7.125   1.00 41.59 ? 95   LEU A O     1 
ATOM   429  C  CB    . LEU A 1 54  ? 6.786   4.940   5.965   1.00 40.85 ? 95   LEU A CB    1 
ATOM   430  C  CG    . LEU A 1 54  ? 8.078   5.620   6.400   1.00 40.70 ? 95   LEU A CG    1 
ATOM   431  C  CD1   . LEU A 1 54  ? 8.788   6.247   5.224   1.00 40.74 ? 95   LEU A CD1   1 
ATOM   432  C  CD2   . LEU A 1 54  ? 7.772   6.653   7.477   1.00 40.68 ? 95   LEU A CD2   1 
ATOM   433  N  N     . ALA A 1 55  ? 4.355   2.764   6.113   1.00 41.56 ? 96   ALA A N     1 
ATOM   434  C  CA    . ALA A 1 55  ? 2.973   2.358   5.848   1.00 41.69 ? 96   ALA A CA    1 
ATOM   435  C  C     . ALA A 1 55  ? 2.198   2.048   7.133   1.00 41.88 ? 96   ALA A C     1 
ATOM   436  O  O     . ALA A 1 55  ? 1.020   2.379   7.244   1.00 41.59 ? 96   ALA A O     1 
ATOM   437  C  CB    . ALA A 1 55  ? 2.948   1.157   4.921   1.00 41.48 ? 96   ALA A CB    1 
ATOM   438  N  N     . VAL A 1 56  ? 2.856   1.400   8.093   1.00 42.48 ? 97   VAL A N     1 
ATOM   439  C  CA    . VAL A 1 56  ? 2.214   1.080   9.366   1.00 43.07 ? 97   VAL A CA    1 
ATOM   440  C  C     . VAL A 1 56  ? 2.104   2.347   10.214  1.00 43.86 ? 97   VAL A C     1 
ATOM   441  O  O     . VAL A 1 56  ? 1.079   2.587   10.872  1.00 43.96 ? 97   VAL A O     1 
ATOM   442  C  CB    . VAL A 1 56  ? 2.967   -0.030  10.131  1.00 42.99 ? 97   VAL A CB    1 
ATOM   443  C  CG1   . VAL A 1 56  ? 2.316   -0.281  11.486  1.00 43.18 ? 97   VAL A CG1   1 
ATOM   444  C  CG2   . VAL A 1 56  ? 2.984   -1.316  9.320   1.00 42.29 ? 97   VAL A CG2   1 
ATOM   445  N  N     . ALA A 1 57  ? 3.153   3.171   10.164  1.00 44.47 ? 98   ALA A N     1 
ATOM   446  C  CA    . ALA A 1 57  ? 3.155   4.483   10.814  1.00 44.71 ? 98   ALA A CA    1 
ATOM   447  C  C     . ALA A 1 57  ? 1.991   5.347   10.333  1.00 44.98 ? 98   ALA A C     1 
ATOM   448  O  O     . ALA A 1 57  ? 1.248   5.908   11.147  1.00 45.48 ? 98   ALA A O     1 
ATOM   449  C  CB    . ALA A 1 57  ? 4.482   5.197   10.573  1.00 44.44 ? 98   ALA A CB    1 
ATOM   450  N  N     . THR A 1 58  ? 1.827   5.437   9.013   1.00 44.95 ? 99   THR A N     1 
ATOM   451  C  CA    . THR A 1 58  ? 0.763   6.241   8.418   1.00 44.92 ? 99   THR A CA    1 
ATOM   452  C  C     . THR A 1 58  ? -0.606  5.739   8.869   1.00 45.58 ? 99   THR A C     1 
ATOM   453  O  O     . THR A 1 58  ? -1.494  6.527   9.191   1.00 45.41 ? 99   THR A O     1 
ATOM   454  C  CB    . THR A 1 58  ? 0.840   6.236   6.878   1.00 44.59 ? 99   THR A CB    1 
ATOM   455  O  OG1   . THR A 1 58  ? 2.171   6.557   6.461   1.00 42.94 ? 99   THR A OG1   1 
ATOM   456  C  CG2   . THR A 1 58  ? -0.112  7.253   6.291   1.00 44.95 ? 99   THR A CG2   1 
ATOM   457  N  N     . LEU A 1 59  ? -0.754  4.422   8.928   1.00 46.57 ? 100  LEU A N     1 
ATOM   458  C  CA    . LEU A 1 59  ? -2.026  3.811   9.303   1.00 47.70 ? 100  LEU A CA    1 
ATOM   459  C  C     . LEU A 1 59  ? -2.410  4.170   10.741  1.00 48.72 ? 100  LEU A C     1 
ATOM   460  O  O     . LEU A 1 59  ? -3.586  4.429   11.032  1.00 48.80 ? 100  LEU A O     1 
ATOM   461  C  CB    . LEU A 1 59  ? -1.960  2.292   9.115   1.00 47.43 ? 100  LEU A CB    1 
ATOM   462  C  CG    . LEU A 1 59  ? -3.166  1.433   9.500   1.00 47.15 ? 100  LEU A CG    1 
ATOM   463  C  CD1   . LEU A 1 59  ? -4.393  1.831   8.712   1.00 47.11 ? 100  LEU A CD1   1 
ATOM   464  C  CD2   . LEU A 1 59  ? -2.856  -0.045  9.294   1.00 46.48 ? 100  LEU A CD2   1 
ATOM   465  N  N     . LYS A 1 60  ? -1.407  4.192   11.623  1.00 49.86 ? 101  LYS A N     1 
ATOM   466  C  CA    . LYS A 1 60  ? -1.592  4.532   13.035  1.00 50.89 ? 101  LYS A CA    1 
ATOM   467  C  C     . LYS A 1 60  ? -1.857  6.023   13.221  1.00 51.61 ? 101  LYS A C     1 
ATOM   468  O  O     . LYS A 1 60  ? -2.748  6.411   13.983  1.00 51.49 ? 101  LYS A O     1 
ATOM   469  C  CB    . LYS A 1 60  ? -0.353  4.139   13.841  1.00 50.90 ? 101  LYS A CB    1 
ATOM   470  C  CG    . LYS A 1 60  ? -0.425  2.786   14.511  1.00 51.15 ? 101  LYS A CG    1 
ATOM   471  C  CD    . LYS A 1 60  ? 0.937   2.396   15.099  1.00 52.63 ? 101  LYS A CD    1 
ATOM   472  C  CE    . LYS A 1 60  ? 1.449   3.417   16.132  1.00 53.50 ? 101  LYS A CE    1 
ATOM   473  N  NZ    . LYS A 1 60  ? 0.667   3.427   17.421  1.00 54.15 ? 101  LYS A NZ    1 
ATOM   474  N  N     . ALA A 1 61  ? -1.084  6.850   12.517  1.00 52.44 ? 102  ALA A N     1 
ATOM   475  C  CA    . ALA A 1 61  ? -1.215  8.297   12.615  1.00 53.21 ? 102  ALA A CA    1 
ATOM   476  C  C     . ALA A 1 61  ? -2.619  8.752   12.229  1.00 53.97 ? 102  ALA A C     1 
ATOM   477  O  O     . ALA A 1 61  ? -3.210  9.597   12.897  1.00 54.08 ? 102  ALA A O     1 
ATOM   478  C  CB    . ALA A 1 61  ? -0.170  8.984   11.754  1.00 53.17 ? 102  ALA A CB    1 
ATOM   479  N  N     . ILE A 1 62  ? -3.156  8.173   11.159  1.00 54.99 ? 103  ILE A N     1 
ATOM   480  C  CA    . ILE A 1 62  ? -4.533  8.432   10.750  1.00 55.98 ? 103  ILE A CA    1 
ATOM   481  C  C     . ILE A 1 62  ? -5.487  8.088   11.888  1.00 57.23 ? 103  ILE A C     1 
ATOM   482  O  O     . ILE A 1 62  ? -6.348  8.888   12.249  1.00 57.30 ? 103  ILE A O     1 
ATOM   483  C  CB    . ILE A 1 62  ? -4.905  7.626   9.489   1.00 55.63 ? 103  ILE A CB    1 
ATOM   484  C  CG1   . ILE A 1 62  ? -4.163  8.184   8.275   1.00 54.88 ? 103  ILE A CG1   1 
ATOM   485  C  CG2   . ILE A 1 62  ? -6.414  7.649   9.254   1.00 55.41 ? 103  ILE A CG2   1 
ATOM   486  C  CD1   . ILE A 1 62  ? -4.123  7.251   7.107   1.00 54.54 ? 103  ILE A CD1   1 
ATOM   487  N  N     . TYR A 1 63  ? -5.295  6.910   12.476  1.00 58.63 ? 104  TYR A N     1 
ATOM   488  C  CA    . TYR A 1 63  ? -6.141  6.443   13.563  1.00 60.20 ? 104  TYR A CA    1 
ATOM   489  C  C     . TYR A 1 63  ? -5.998  7.270   14.853  1.00 60.83 ? 104  TYR A C     1 
ATOM   490  O  O     . TYR A 1 63  ? -6.949  7.400   15.623  1.00 61.01 ? 104  TYR A O     1 
ATOM   491  C  CB    . TYR A 1 63  ? -5.859  4.967   13.850  1.00 60.37 ? 104  TYR A CB    1 
ATOM   492  C  CG    . TYR A 1 63  ? -6.313  4.524   15.218  1.00 62.28 ? 104  TYR A CG    1 
ATOM   493  C  CD1   . TYR A 1 63  ? -7.649  4.215   15.461  1.00 63.37 ? 104  TYR A CD1   1 
ATOM   494  C  CD2   . TYR A 1 63  ? -5.411  4.439   16.279  1.00 63.97 ? 104  TYR A CD2   1 
ATOM   495  C  CE1   . TYR A 1 63  ? -8.076  3.815   16.716  1.00 64.50 ? 104  TYR A CE1   1 
ATOM   496  C  CE2   . TYR A 1 63  ? -5.830  4.044   17.544  1.00 65.04 ? 104  TYR A CE2   1 
ATOM   497  C  CZ    . TYR A 1 63  ? -7.165  3.735   17.753  1.00 65.25 ? 104  TYR A CZ    1 
ATOM   498  O  OH    . TYR A 1 63  ? -7.590  3.344   19.001  1.00 66.74 ? 104  TYR A OH    1 
ATOM   499  N  N     . GLU A 1 64  ? -4.815  7.827   15.090  1.00 61.72 ? 105  GLU A N     1 
ATOM   500  C  CA    . GLU A 1 64  ? -4.573  8.579   16.325  1.00 62.53 ? 105  GLU A CA    1 
ATOM   501  C  C     . GLU A 1 64  ? -4.882  10.065  16.184  1.00 62.73 ? 105  GLU A C     1 
ATOM   502  O  O     . GLU A 1 64  ? -4.971  10.770  17.185  1.00 63.07 ? 105  GLU A O     1 
ATOM   503  C  CB    . GLU A 1 64  ? -3.141  8.360   16.847  1.00 62.65 ? 105  GLU A CB    1 
ATOM   504  C  CG    . GLU A 1 64  ? -2.045  9.102   16.072  1.00 64.38 ? 105  GLU A CG    1 
ATOM   505  C  CD    . GLU A 1 64  ? -0.629  8.620   16.425  1.00 66.69 ? 105  GLU A CD    1 
ATOM   506  O  OE1   . GLU A 1 64  ? -0.440  8.072   17.537  1.00 67.71 ? 105  GLU A OE1   1 
ATOM   507  O  OE2   . GLU A 1 64  ? 0.295   8.796   15.591  1.00 67.07 ? 105  GLU A OE2   1 
ATOM   508  N  N     . LYS A 1 65  ? -5.058  10.535  14.948  1.00 62.99 ? 106  LYS A N     1 
ATOM   509  C  CA    . LYS A 1 65  ? -5.386  11.949  14.690  1.00 63.37 ? 106  LYS A CA    1 
ATOM   510  C  C     . LYS A 1 65  ? -6.769  12.142  14.066  1.00 63.34 ? 106  LYS A C     1 
ATOM   511  O  O     . LYS A 1 65  ? -7.344  13.237  14.145  1.00 63.36 ? 106  LYS A O     1 
ATOM   512  C  CB    . LYS A 1 65  ? -4.324  12.614  13.806  1.00 63.52 ? 106  LYS A CB    1 
ATOM   513  C  CG    . LYS A 1 65  ? -3.077  13.057  14.553  1.00 64.87 ? 106  LYS A CG    1 
ATOM   514  C  CD    . LYS A 1 65  ? -1.826  12.848  13.708  1.00 66.66 ? 106  LYS A CD    1 
ATOM   515  C  CE    . LYS A 1 65  ? -0.557  12.962  14.560  1.00 67.74 ? 106  LYS A CE    1 
ATOM   516  N  NZ    . LYS A 1 65  ? 0.675   12.647  13.775  1.00 68.01 ? 106  LYS A NZ    1 
ATOM   517  N  N     . LYS A 1 66  ? -7.288  11.089  13.436  1.00 62.98 ? 107  LYS A N     1 
ATOM   518  C  CA    . LYS A 1 66  ? -8.618  11.135  12.833  1.00 62.74 ? 107  LYS A CA    1 
ATOM   519  C  C     . LYS A 1 66  ? -9.555  10.093  13.442  1.00 62.40 ? 107  LYS A C     1 
ATOM   520  O  O     . LYS A 1 66  ? -10.772 10.196  13.309  1.00 62.37 ? 107  LYS A O     1 
ATOM   521  C  CB    . LYS A 1 66  ? -8.542  10.965  11.303  1.00 62.85 ? 107  LYS A CB    1 
ATOM   522  C  CG    . LYS A 1 66  ? -8.661  12.264  10.494  1.00 63.08 ? 107  LYS A CG    1 
ATOM   523  C  CD    . LYS A 1 66  ? -7.431  13.161  10.635  1.00 63.55 ? 107  LYS A CD    1 
ATOM   524  C  CE    . LYS A 1 66  ? -7.629  14.497  9.910   1.00 63.92 ? 107  LYS A CE    1 
ATOM   525  N  NZ    . LYS A 1 66  ? -6.734  15.569  10.449  1.00 63.68 ? 107  LYS A NZ    1 
ATOM   526  N  N     . GLY A 1 67  ? -8.986  9.086   14.101  1.00 62.10 ? 108  GLY A N     1 
ATOM   527  C  CA    . GLY A 1 67  ? -9.784  8.022   14.719  1.00 61.57 ? 108  GLY A CA    1 
ATOM   528  C  C     . GLY A 1 67  ? -10.406 7.064   13.720  1.00 61.25 ? 108  GLY A C     1 
ATOM   529  O  O     . GLY A 1 67  ? -11.327 6.318   14.052  1.00 60.99 ? 108  GLY A O     1 
ATOM   530  N  N     . ILE A 1 68  ? -9.904  7.094   12.488  1.00 61.11 ? 109  ILE A N     1 
ATOM   531  C  CA    . ILE A 1 68  ? -10.378 6.201   11.432  1.00 60.79 ? 109  ILE A CA    1 
ATOM   532  C  C     . ILE A 1 68  ? -9.574  4.901   11.457  1.00 60.55 ? 109  ILE A C     1 
ATOM   533  O  O     . ILE A 1 68  ? -8.361  4.905   11.242  1.00 60.43 ? 109  ILE A O     1 
ATOM   534  C  CB    . ILE A 1 68  ? -10.288 6.881   10.043  1.00 60.88 ? 109  ILE A CB    1 
ATOM   535  C  CG1   . ILE A 1 68  ? -11.348 7.979   9.927   1.00 60.71 ? 109  ILE A CG1   1 
ATOM   536  C  CG2   . ILE A 1 68  ? -10.452 5.859   8.923   1.00 60.57 ? 109  ILE A CG2   1 
ATOM   537  C  CD1   . ILE A 1 68  ? -10.934 9.142   9.047   1.00 60.72 ? 109  ILE A CD1   1 
ATOM   538  N  N     . ARG A 1 69  ? -10.261 3.801   11.766  1.00 60.32 ? 110  ARG A N     1 
ATOM   539  C  CA    . ARG A 1 69  ? -9.643  2.480   11.862  1.00 60.23 ? 110  ARG A CA    1 
ATOM   540  C  C     . ARG A 1 69  ? -9.524  1.819   10.489  1.00 59.60 ? 110  ARG A C     1 
ATOM   541  O  O     . ARG A 1 69  ? -10.534 1.586   9.816   1.00 59.77 ? 110  ARG A O     1 
ATOM   542  C  CB    . ARG A 1 69  ? -10.465 1.575   12.786  1.00 60.44 ? 110  ARG A CB    1 
ATOM   543  C  CG    . ARG A 1 69  ? -10.166 1.745   14.258  1.00 62.41 ? 110  ARG A CG    1 
ATOM   544  C  CD    . ARG A 1 69  ? -10.858 0.666   15.081  1.00 65.77 ? 110  ARG A CD    1 
ATOM   545  N  NE    . ARG A 1 69  ? -10.141 0.381   16.325  1.00 68.06 ? 110  ARG A NE    1 
ATOM   546  C  CZ    . ARG A 1 69  ? -10.088 -0.821  16.900  1.00 68.87 ? 110  ARG A CZ    1 
ATOM   547  N  NH1   . ARG A 1 69  ? -10.698 -1.858  16.338  1.00 68.74 ? 110  ARG A NH1   1 
ATOM   548  N  NH2   . ARG A 1 69  ? -9.410  -0.991  18.029  1.00 69.72 ? 110  ARG A NH2   1 
ATOM   549  N  N     . GLY A 1 70  ? -8.292  1.517   10.082  1.00 58.64 ? 111  GLY A N     1 
ATOM   550  C  CA    . GLY A 1 70  ? -8.044  0.808   8.829   1.00 57.66 ? 111  GLY A CA    1 
ATOM   551  C  C     . GLY A 1 70  ? -7.476  -0.583  9.059   1.00 57.08 ? 111  GLY A C     1 
ATOM   552  O  O     . GLY A 1 70  ? -7.534  -1.108  10.178  1.00 57.47 ? 111  GLY A O     1 
ATOM   553  N  N     . TYR A 1 71  ? -6.909  -1.176  8.009   1.00 56.07 ? 112  TYR A N     1 
ATOM   554  C  CA    . TYR A 1 71  ? -6.352  -2.530  8.097   1.00 54.95 ? 112  TYR A CA    1 
ATOM   555  C  C     . TYR A 1 71  ? -4.996  -2.627  7.398   1.00 53.82 ? 112  TYR A C     1 
ATOM   556  O  O     . TYR A 1 71  ? -4.764  -1.962  6.388   1.00 53.41 ? 112  TYR A O     1 
ATOM   557  C  CB    . TYR A 1 71  ? -7.324  -3.554  7.493   1.00 55.27 ? 112  TYR A CB    1 
ATOM   558  C  CG    . TYR A 1 71  ? -8.653  -3.692  8.218   1.00 56.29 ? 112  TYR A CG    1 
ATOM   559  C  CD1   . TYR A 1 71  ? -8.856  -4.694  9.165   1.00 57.02 ? 112  TYR A CD1   1 
ATOM   560  C  CD2   . TYR A 1 71  ? -9.713  -2.834  7.935   1.00 57.39 ? 112  TYR A CD2   1 
ATOM   561  C  CE1   . TYR A 1 71  ? -10.073 -4.827  9.819   1.00 57.66 ? 112  TYR A CE1   1 
ATOM   562  C  CE2   . TYR A 1 71  ? -10.932 -2.955  8.586   1.00 58.02 ? 112  TYR A CE2   1 
ATOM   563  C  CZ    . TYR A 1 71  ? -11.107 -3.952  9.525   1.00 58.17 ? 112  TYR A CZ    1 
ATOM   564  O  OH    . TYR A 1 71  ? -12.319 -4.068  10.165  1.00 58.68 ? 112  TYR A OH    1 
ATOM   565  N  N     . PHE A 1 72  ? -4.103  -3.446  7.957   1.00 52.58 ? 113  PHE A N     1 
ATOM   566  C  CA    . PHE A 1 72  ? -2.814  -3.756  7.333   1.00 51.16 ? 113  PHE A CA    1 
ATOM   567  C  C     . PHE A 1 72  ? -2.778  -5.210  6.886   1.00 50.75 ? 113  PHE A C     1 
ATOM   568  O  O     . PHE A 1 72  ? -2.915  -6.126  7.697   1.00 50.54 ? 113  PHE A O     1 
ATOM   569  C  CB    . PHE A 1 72  ? -1.647  -3.487  8.296   1.00 50.76 ? 113  PHE A CB    1 
ATOM   570  C  CG    . PHE A 1 72  ? -0.305  -3.916  7.759   1.00 49.53 ? 113  PHE A CG    1 
ATOM   571  C  CD1   . PHE A 1 72  ? 0.519   -3.017  7.105   1.00 48.60 ? 113  PHE A CD1   1 
ATOM   572  C  CD2   . PHE A 1 72  ? 0.130   -5.227  7.901   1.00 48.96 ? 113  PHE A CD2   1 
ATOM   573  C  CE1   . PHE A 1 72  ? 1.749   -3.421  6.601   1.00 48.17 ? 113  PHE A CE1   1 
ATOM   574  C  CE2   . PHE A 1 72  ? 1.359   -5.631  7.397   1.00 47.97 ? 113  PHE A CE2   1 
ATOM   575  C  CZ    . PHE A 1 72  ? 2.164   -4.728  6.750   1.00 47.60 ? 113  PHE A CZ    1 
ATOM   576  N  N     . PHE A 1 73  ? -2.585  -5.422  5.590   1.00 50.26 ? 114  PHE A N     1 
ATOM   577  C  CA    . PHE A 1 73  ? -2.458  -6.775  5.062   1.00 49.53 ? 114  PHE A CA    1 
ATOM   578  C  C     . PHE A 1 73  ? -1.167  -6.939  4.300   1.00 49.11 ? 114  PHE A C     1 
ATOM   579  O  O     . PHE A 1 73  ? -0.724  -6.018  3.632   1.00 49.22 ? 114  PHE A O     1 
ATOM   580  C  CB    . PHE A 1 73  ? -3.643  -7.119  4.153   1.00 49.37 ? 114  PHE A CB    1 
ATOM   581  C  CG    . PHE A 1 73  ? -4.917  -7.399  4.901   1.00 48.75 ? 114  PHE A CG    1 
ATOM   582  C  CD1   . PHE A 1 73  ? -5.095  -8.600  5.571   1.00 47.78 ? 114  PHE A CD1   1 
ATOM   583  C  CD2   . PHE A 1 73  ? -5.933  -6.459  4.943   1.00 47.82 ? 114  PHE A CD2   1 
ATOM   584  C  CE1   . PHE A 1 73  ? -6.260  -8.858  6.264   1.00 46.94 ? 114  PHE A CE1   1 
ATOM   585  C  CE2   . PHE A 1 73  ? -7.104  -6.716  5.636   1.00 46.89 ? 114  PHE A CE2   1 
ATOM   586  C  CZ    . PHE A 1 73  ? -7.263  -7.915  6.297   1.00 46.55 ? 114  PHE A CZ    1 
ATOM   587  N  N     . ASP A 1 74  ? -0.547  -8.103  4.435   1.00 48.87 ? 115  ASP A N     1 
ATOM   588  C  CA    . ASP A 1 74  ? 0.420   -8.540  3.451   1.00 48.75 ? 115  ASP A CA    1 
ATOM   589  C  C     . ASP A 1 74  ? -0.414  -8.972  2.264   1.00 48.95 ? 115  ASP A C     1 
ATOM   590  O  O     . ASP A 1 74  ? -1.445  -9.626  2.427   1.00 48.55 ? 115  ASP A O     1 
ATOM   591  C  CB    . ASP A 1 74  ? 1.257   -9.715  3.968   1.00 48.62 ? 115  ASP A CB    1 
ATOM   592  C  CG    . ASP A 1 74  ? 2.216   -10.265 2.916   1.00 48.05 ? 115  ASP A CG    1 
ATOM   593  O  OD1   . ASP A 1 74  ? 3.276   -9.649  2.681   1.00 48.88 ? 115  ASP A OD1   1 
ATOM   594  O  OD2   . ASP A 1 74  ? 1.906   -11.315 2.325   1.00 45.84 ? 115  ASP A OD2   1 
ATOM   595  N  N     . THR A 1 75  ? 0.017   -8.580  1.075   1.00 49.35 ? 116  THR A N     1 
ATOM   596  C  CA    . THR A 1 75  ? -0.777  -8.784  -0.118  1.00 49.98 ? 116  THR A CA    1 
ATOM   597  C  C     . THR A 1 75  ? -0.967  -10.263 -0.433  1.00 50.45 ? 116  THR A C     1 
ATOM   598  O  O     . THR A 1 75  ? -2.073  -10.701 -0.772  1.00 50.42 ? 116  THR A O     1 
ATOM   599  C  CB    . THR A 1 75  ? -0.162  -8.063  -1.301  1.00 49.78 ? 116  THR A CB    1 
ATOM   600  O  OG1   . THR A 1 75  ? 0.132   -6.713  -0.914  1.00 50.50 ? 116  THR A OG1   1 
ATOM   601  C  CG2   . THR A 1 75  ? -1.127  -8.050  -2.464  1.00 49.80 ? 116  THR A CG2   1 
ATOM   602  N  N     . LYS A 1 76  ? 0.102   -11.035 -0.299  1.00 51.19 ? 117  LYS A N     1 
ATOM   603  C  CA    . LYS A 1 76  ? 0.015   -12.468 -0.527  1.00 52.07 ? 117  LYS A CA    1 
ATOM   604  C  C     . LYS A 1 76  ? -0.873  -13.123 0.527   1.00 52.31 ? 117  LYS A C     1 
ATOM   605  O  O     . LYS A 1 76  ? -1.703  -13.972 0.206   1.00 52.56 ? 117  LYS A O     1 
ATOM   606  C  CB    . LYS A 1 76  ? 1.403   -13.094 -0.531  1.00 52.10 ? 117  LYS A CB    1 
ATOM   607  C  CG    . LYS A 1 76  ? 1.602   -14.079 -1.638  1.00 53.26 ? 117  LYS A CG    1 
ATOM   608  C  CD    . LYS A 1 76  ? 3.065   -14.178 -2.011  1.00 54.78 ? 117  LYS A CD    1 
ATOM   609  C  CE    . LYS A 1 76  ? 3.238   -15.062 -3.229  1.00 56.34 ? 117  LYS A CE    1 
ATOM   610  N  NZ    . LYS A 1 76  ? 4.555   -14.843 -3.912  1.00 58.34 ? 117  LYS A NZ    1 
ATOM   611  N  N     . ASP A 1 77  ? -0.716  -12.694 1.779   1.00 52.54 ? 118  ASP A N     1 
ATOM   612  C  CA    . ASP A 1 77  ? -1.536  -13.181 2.885   1.00 52.79 ? 118  ASP A CA    1 
ATOM   613  C  C     . ASP A 1 77  ? -3.003  -12.841 2.694   1.00 53.06 ? 118  ASP A C     1 
ATOM   614  O  O     . ASP A 1 77  ? -3.863  -13.663 2.987   1.00 53.22 ? 118  ASP A O     1 
ATOM   615  C  CB    . ASP A 1 77  ? -1.033  -12.627 4.230   1.00 52.79 ? 118  ASP A CB    1 
ATOM   616  C  CG    . ASP A 1 77  ? -1.905  -13.047 5.395   1.00 52.23 ? 118  ASP A CG    1 
ATOM   617  O  OD1   . ASP A 1 77  ? -2.093  -14.261 5.584   1.00 52.78 ? 118  ASP A OD1   1 
ATOM   618  O  OD2   . ASP A 1 77  ? -2.415  -12.163 6.108   1.00 52.07 ? 118  ASP A OD2   1 
ATOM   619  N  N     . LEU A 1 78  ? -3.286  -11.637 2.195   1.00 53.57 ? 119  LEU A N     1 
ATOM   620  C  CA    . LEU A 1 78  ? -4.670  -11.226 1.928   1.00 54.44 ? 119  LEU A CA    1 
ATOM   621  C  C     . LEU A 1 78  ? -5.292  -12.045 0.808   1.00 55.23 ? 119  LEU A C     1 
ATOM   622  O  O     . LEU A 1 78  ? -6.438  -12.466 0.904   1.00 55.18 ? 119  LEU A O     1 
ATOM   623  C  CB    . LEU A 1 78  ? -4.764  -9.729  1.599   1.00 54.16 ? 119  LEU A CB    1 
ATOM   624  C  CG    . LEU A 1 78  ? -6.159  -9.148  1.309   1.00 53.84 ? 119  LEU A CG    1 
ATOM   625  C  CD1   . LEU A 1 78  ? -7.092  -9.231  2.518   1.00 53.30 ? 119  LEU A CD1   1 
ATOM   626  C  CD2   . LEU A 1 78  ? -6.052  -7.714  0.833   1.00 53.37 ? 119  LEU A CD2   1 
ATOM   627  N  N     . ILE A 1 79  ? -4.505  -12.299 -0.233  1.00 56.54 ? 120  ILE A N     1 
ATOM   628  C  CA    . ILE A 1 79  ? -4.960  -13.048 -1.396  1.00 57.81 ? 120  ILE A CA    1 
ATOM   629  C  C     . ILE A 1 79  ? -5.251  -14.518 -1.082  1.00 58.80 ? 120  ILE A C     1 
ATOM   630  O  O     . ILE A 1 79  ? -6.295  -15.028 -1.471  1.00 58.83 ? 120  ILE A O     1 
ATOM   631  C  CB    . ILE A 1 79  ? -3.965  -12.900 -2.563  1.00 57.65 ? 120  ILE A CB    1 
ATOM   632  C  CG1   . ILE A 1 79  ? -4.192  -11.555 -3.248  1.00 57.41 ? 120  ILE A CG1   1 
ATOM   633  C  CG2   . ILE A 1 79  ? -4.098  -14.041 -3.565  1.00 57.85 ? 120  ILE A CG2   1 
ATOM   634  C  CD1   . ILE A 1 79  ? -2.985  -11.053 -3.968  1.00 58.37 ? 120  ILE A CD1   1 
ATOM   635  N  N     . PHE A 1 80  ? -4.346  -15.176 -0.354  1.00 60.21 ? 121  PHE A N     1 
ATOM   636  C  CA    . PHE A 1 80  ? -4.552  -16.573 0.071   1.00 61.65 ? 121  PHE A CA    1 
ATOM   637  C  C     . PHE A 1 80  ? -5.780  -16.733 0.974   1.00 62.39 ? 121  PHE A C     1 
ATOM   638  O  O     . PHE A 1 80  ? -6.497  -17.732 0.881   1.00 62.61 ? 121  PHE A O     1 
ATOM   639  C  CB    . PHE A 1 80  ? -3.307  -17.143 0.783   1.00 61.62 ? 121  PHE A CB    1 
ATOM   640  C  CG    . PHE A 1 80  ? -2.193  -17.546 -0.150  1.00 62.14 ? 121  PHE A CG    1 
ATOM   641  C  CD1   . PHE A 1 80  ? -2.430  -18.402 -1.218  1.00 62.93 ? 121  PHE A CD1   1 
ATOM   642  C  CD2   . PHE A 1 80  ? -0.896  -17.094 0.061   1.00 62.34 ? 121  PHE A CD2   1 
ATOM   643  C  CE1   . PHE A 1 80  ? -1.395  -18.774 -2.078  1.00 62.94 ? 121  PHE A CE1   1 
ATOM   644  C  CE2   . PHE A 1 80  ? 0.139   -17.460 -0.791  1.00 62.42 ? 121  PHE A CE2   1 
ATOM   645  C  CZ    . PHE A 1 80  ? -0.110  -18.305 -1.860  1.00 62.69 ? 121  PHE A CZ    1 
ATOM   646  N  N     . ARG A 1 81  ? -6.002  -15.760 1.855   1.00 63.37 ? 122  ARG A N     1 
ATOM   647  C  CA    . ARG A 1 81  ? -7.177  -15.754 2.722   1.00 64.60 ? 122  ARG A CA    1 
ATOM   648  C  C     . ARG A 1 81  ? -8.441  -15.725 1.882   1.00 65.55 ? 122  ARG A C     1 
ATOM   649  O  O     . ARG A 1 81  ? -9.284  -16.619 1.978   1.00 65.72 ? 122  ARG A O     1 
ATOM   650  C  CB    . ARG A 1 81  ? -7.175  -14.530 3.630   1.00 64.57 ? 122  ARG A CB    1 
ATOM   651  C  CG    . ARG A 1 81  ? -6.404  -14.683 4.912   1.00 64.91 ? 122  ARG A CG    1 
ATOM   652  C  CD    . ARG A 1 81  ? -6.969  -13.738 5.943   1.00 66.01 ? 122  ARG A CD    1 
ATOM   653  N  NE    . ARG A 1 81  ? -5.939  -13.176 6.809   1.00 66.47 ? 122  ARG A NE    1 
ATOM   654  C  CZ    . ARG A 1 81  ? -6.181  -12.298 7.778   1.00 66.63 ? 122  ARG A CZ    1 
ATOM   655  N  NH1   . ARG A 1 81  ? -7.421  -11.883 8.004   1.00 66.15 ? 122  ARG A NH1   1 
ATOM   656  N  NH2   . ARG A 1 81  ? -5.184  -11.831 8.522   1.00 66.74 ? 122  ARG A NH2   1 
ATOM   657  N  N     . LEU A 1 82  ? -8.559  -14.690 1.053   1.00 66.63 ? 123  LEU A N     1 
ATOM   658  C  CA    . LEU A 1 82  ? -9.730  -14.486 0.219   1.00 67.70 ? 123  LEU A CA    1 
ATOM   659  C  C     . LEU A 1 82  ? -9.988  -15.648 -0.727  1.00 68.70 ? 123  LEU A C     1 
ATOM   660  O  O     . LEU A 1 82  ? -11.104 -16.152 -0.775  1.00 68.94 ? 123  LEU A O     1 
ATOM   661  C  CB    . LEU A 1 82  ? -9.610  -13.189 -0.573  1.00 67.52 ? 123  LEU A CB    1 
ATOM   662  C  CG    . LEU A 1 82  ? -9.779  -11.900 0.229   1.00 67.71 ? 123  LEU A CG    1 
ATOM   663  C  CD1   . LEU A 1 82  ? -9.299  -10.707 -0.586  1.00 67.60 ? 123  LEU A CD1   1 
ATOM   664  C  CD2   . LEU A 1 82  ? -11.223 -11.708 0.692   1.00 67.51 ? 123  LEU A CD2   1 
ATOM   665  N  N     . LYS A 1 83  ? -8.965  -16.074 -1.471  1.00 69.80 ? 124  LYS A N     1 
ATOM   666  C  CA    . LYS A 1 83  ? -9.141  -17.177 -2.425  1.00 70.96 ? 124  LYS A CA    1 
ATOM   667  C  C     . LYS A 1 83  ? -9.779  -18.395 -1.766  1.00 71.90 ? 124  LYS A C     1 
ATOM   668  O  O     . LYS A 1 83  ? -10.536 -19.131 -2.409  1.00 72.00 ? 124  LYS A O     1 
ATOM   669  C  CB    . LYS A 1 83  ? -7.834  -17.577 -3.101  1.00 70.79 ? 124  LYS A CB    1 
ATOM   670  C  CG    . LYS A 1 83  ? -8.043  -18.427 -4.339  1.00 71.10 ? 124  LYS A CG    1 
ATOM   671  C  CD    . LYS A 1 83  ? -7.067  -19.589 -4.390  1.00 71.96 ? 124  LYS A CD    1 
ATOM   672  C  CE    . LYS A 1 83  ? -7.182  -20.361 -5.706  1.00 72.57 ? 124  LYS A CE    1 
ATOM   673  N  NZ    . LYS A 1 83  ? -6.081  -21.365 -5.888  1.00 72.54 ? 124  LYS A NZ    1 
ATOM   674  N  N     . HIS A 1 84  ? -9.490  -18.591 -0.477  1.00 73.00 ? 125  HIS A N     1 
ATOM   675  C  CA    . HIS A 1 84  ? -10.074 -19.701 0.274   1.00 74.15 ? 125  HIS A CA    1 
ATOM   676  C  C     . HIS A 1 84  ? -11.583 -19.529 0.500   1.00 74.87 ? 125  HIS A C     1 
ATOM   677  O  O     . HIS A 1 84  ? -12.365 -20.396 0.123   1.00 75.00 ? 125  HIS A O     1 
ATOM   678  C  CB    . HIS A 1 84  ? -9.351  -19.931 1.602   1.00 74.01 ? 125  HIS A CB    1 
ATOM   679  C  CG    . HIS A 1 84  ? -9.994  -20.985 2.441   1.00 74.54 ? 125  HIS A CG    1 
ATOM   680  N  ND1   . HIS A 1 84  ? -10.627 -20.710 3.634   1.00 75.13 ? 125  HIS A ND1   1 
ATOM   681  C  CD2   . HIS A 1 84  ? -10.182 -22.304 2.210   1.00 74.57 ? 125  HIS A CD2   1 
ATOM   682  C  CE1   . HIS A 1 84  ? -11.134 -21.825 4.128   1.00 74.82 ? 125  HIS A CE1   1 
ATOM   683  N  NE2   . HIS A 1 84  ? -10.877 -22.807 3.283   1.00 74.85 ? 125  HIS A NE2   1 
ATOM   684  N  N     . LEU A 1 85  ? -11.980 -18.408 1.096   1.00 75.87 ? 126  LEU A N     1 
ATOM   685  C  CA    . LEU A 1 85  ? -13.398 -18.140 1.330   1.00 76.84 ? 126  LEU A CA    1 
ATOM   686  C  C     . LEU A 1 85  ? -14.149 -17.746 0.051   1.00 77.64 ? 126  LEU A C     1 
ATOM   687  O  O     . LEU A 1 85  ? -15.380 -17.721 0.037   1.00 77.82 ? 126  LEU A O     1 
ATOM   688  C  CB    . LEU A 1 85  ? -13.614 -17.106 2.451   1.00 76.79 ? 126  LEU A CB    1 
ATOM   689  C  CG    . LEU A 1 85  ? -12.472 -16.195 2.913   1.00 76.67 ? 126  LEU A CG    1 
ATOM   690  C  CD1   . LEU A 1 85  ? -12.972 -14.786 3.111   1.00 76.82 ? 126  LEU A CD1   1 
ATOM   691  C  CD2   . LEU A 1 85  ? -11.831 -16.714 4.194   1.00 76.64 ? 126  LEU A CD2   1 
ATOM   692  N  N     . MET A 1 86  ? -13.408 -17.452 -1.019  1.00 78.64 ? 127  MET A N     1 
ATOM   693  C  CA    . MET A 1 86  ? -14.011 -17.286 -2.349  1.00 79.68 ? 127  MET A CA    1 
ATOM   694  C  C     . MET A 1 86  ? -14.523 -18.636 -2.844  1.00 80.17 ? 127  MET A C     1 
ATOM   695  O  O     . MET A 1 86  ? -15.643 -18.731 -3.350  1.00 80.52 ? 127  MET A O     1 
ATOM   696  C  CB    . MET A 1 86  ? -13.019 -16.709 -3.371  1.00 79.74 ? 127  MET A CB    1 
ATOM   697  C  CG    . MET A 1 86  ? -12.454 -15.343 -3.026  1.00 80.72 ? 127  MET A CG    1 
ATOM   698  S  SD    . MET A 1 86  ? -13.667 -14.025 -2.941  1.00 82.81 ? 127  MET A SD    1 
ATOM   699  C  CE    . MET A 1 86  ? -13.504 -13.308 -4.569  1.00 82.10 ? 127  MET A CE    1 
ATOM   700  N  N     . ASP A 1 87  ? -13.705 -19.678 -2.693  1.00 80.67 ? 128  ASP A N     1 
ATOM   701  C  CA    . ASP A 1 87  ? -14.123 -21.025 -3.079  1.00 81.27 ? 128  ASP A CA    1 
ATOM   702  C  C     . ASP A 1 87  ? -14.515 -21.918 -1.888  1.00 81.56 ? 128  ASP A C     1 
ATOM   703  O  O     . ASP A 1 87  ? -14.498 -23.149 -1.987  1.00 81.74 ? 128  ASP A O     1 
ATOM   704  C  CB    . ASP A 1 87  ? -13.087 -21.699 -3.995  1.00 81.29 ? 128  ASP A CB    1 
ATOM   705  C  CG    . ASP A 1 87  ? -11.694 -21.693 -3.411  1.00 81.57 ? 128  ASP A CG    1 
ATOM   706  O  OD1   . ASP A 1 87  ? -11.551 -21.940 -2.195  1.00 81.60 ? 128  ASP A OD1   1 
ATOM   707  O  OD2   . ASP A 1 87  ? -10.738 -21.450 -4.179  1.00 81.82 ? 128  ASP A OD2   1 
ATOM   708  N  N     . GLU A 1 88  ? -14.877 -21.290 -0.771  1.00 81.82 ? 129  GLU A N     1 
ATOM   709  C  CA    . GLU A 1 88  ? -15.583 -21.998 0.294   1.00 82.16 ? 129  GLU A CA    1 
ATOM   710  C  C     . GLU A 1 88  ? -17.042 -21.581 0.284   1.00 82.10 ? 129  GLU A C     1 
ATOM   711  O  O     . GLU A 1 88  ? -17.887 -22.237 0.886   1.00 82.27 ? 129  GLU A O     1 
ATOM   712  C  CB    . GLU A 1 88  ? -14.958 -21.739 1.673   1.00 82.31 ? 129  GLU A CB    1 
ATOM   713  C  CG    . GLU A 1 88  ? -15.375 -22.743 2.753   1.00 83.09 ? 129  GLU A CG    1 
ATOM   714  C  CD    . GLU A 1 88  ? -14.814 -24.153 2.525   1.00 84.26 ? 129  GLU A CD    1 
ATOM   715  O  OE1   . GLU A 1 88  ? -13.757 -24.289 1.866   1.00 84.49 ? 129  GLU A OE1   1 
ATOM   716  O  OE2   . GLU A 1 88  ? -15.433 -25.124 3.014   1.00 84.60 ? 129  GLU A OE2   1 
ATOM   717  N  N     . GLY A 1 89  ? -17.323 -20.463 -0.378  1.00 82.02 ? 130  GLY A N     1 
ATOM   718  C  CA    . GLY A 1 89  ? -18.687 -20.116 -0.760  1.00 81.75 ? 130  GLY A CA    1 
ATOM   719  C  C     . GLY A 1 89  ? -19.486 -19.253 0.200   1.00 81.48 ? 130  GLY A C     1 
ATOM   720  O  O     . GLY A 1 89  ? -20.443 -18.595 -0.214  1.00 81.56 ? 130  GLY A O     1 
ATOM   721  N  N     . LYS A 1 90  ? -19.112 -19.256 1.482   1.00 81.11 ? 131  LYS A N     1 
ATOM   722  C  CA    . LYS A 1 90  ? -19.973 -18.683 2.528   1.00 80.68 ? 131  LYS A CA    1 
ATOM   723  C  C     . LYS A 1 90  ? -19.510 -17.490 3.384   1.00 80.25 ? 131  LYS A C     1 
ATOM   724  O  O     . LYS A 1 90  ? -20.241 -17.110 4.312   1.00 80.30 ? 131  LYS A O     1 
ATOM   725  C  CB    . LYS A 1 90  ? -20.484 -19.789 3.449   1.00 80.82 ? 131  LYS A CB    1 
ATOM   726  C  CG    . LYS A 1 90  ? -21.511 -20.684 2.797   1.00 81.23 ? 131  LYS A CG    1 
ATOM   727  C  CD    . LYS A 1 90  ? -22.317 -21.460 3.834   1.00 81.64 ? 131  LYS A CD    1 
ATOM   728  C  CE    . LYS A 1 90  ? -23.569 -22.079 3.211   1.00 82.18 ? 131  LYS A CE    1 
ATOM   729  N  NZ    . LYS A 1 90  ? -24.525 -22.604 4.237   1.00 82.14 ? 131  LYS A NZ    1 
ATOM   730  N  N     . ASP A 1 91  ? -18.335 -16.912 3.097   1.00 79.73 ? 132  ASP A N     1 
ATOM   731  C  CA    . ASP A 1 91  ? -17.847 -15.701 3.801   1.00 79.20 ? 132  ASP A CA    1 
ATOM   732  C  C     . ASP A 1 91  ? -17.654 -14.511 2.849   1.00 78.44 ? 132  ASP A C     1 
ATOM   733  O  O     . ASP A 1 91  ? -16.605 -14.383 2.209   1.00 78.53 ? 132  ASP A O     1 
ATOM   734  C  CB    . ASP A 1 91  ? -16.555 -16.004 4.583   1.00 79.49 ? 132  ASP A CB    1 
ATOM   735  C  CG    . ASP A 1 91  ? -16.110 -14.837 5.492   1.00 80.50 ? 132  ASP A CG    1 
ATOM   736  O  OD1   . ASP A 1 91  ? -16.930 -13.939 5.800   1.00 81.63 ? 132  ASP A OD1   1 
ATOM   737  O  OD2   . ASP A 1 91  ? -14.927 -14.832 5.908   1.00 80.92 ? 132  ASP A OD2   1 
ATOM   738  N  N     . THR A 1 92  ? -18.673 -13.654 2.761   1.00 77.36 ? 133  THR A N     1 
ATOM   739  C  CA    . THR A 1 92  ? -18.572 -12.402 2.006   1.00 76.34 ? 133  THR A CA    1 
ATOM   740  C  C     . THR A 1 92  ? -18.252 -11.266 2.964   1.00 75.38 ? 133  THR A C     1 
ATOM   741  O  O     . THR A 1 92  ? -17.724 -10.229 2.564   1.00 75.31 ? 133  THR A O     1 
ATOM   742  C  CB    . THR A 1 92  ? -19.881 -12.064 1.241   1.00 76.49 ? 133  THR A CB    1 
ATOM   743  O  OG1   . THR A 1 92  ? -20.332 -13.210 0.512   1.00 76.98 ? 133  THR A OG1   1 
ATOM   744  C  CG2   . THR A 1 92  ? -19.647 -10.921 0.260   1.00 76.37 ? 133  THR A CG2   1 
ATOM   745  N  N     . LYS A 1 93  ? -18.567 -11.482 4.239   1.00 74.18 ? 134  LYS A N     1 
ATOM   746  C  CA    . LYS A 1 93  ? -18.411 -10.453 5.269   1.00 73.07 ? 134  LYS A CA    1 
ATOM   747  C  C     . LYS A 1 93  ? -16.985 -9.923  5.368   1.00 71.96 ? 134  LYS A C     1 
ATOM   748  O  O     . LYS A 1 93  ? -16.778 -8.727  5.573   1.00 72.08 ? 134  LYS A O     1 
ATOM   749  C  CB    . LYS A 1 93  ? -18.898 -10.968 6.630   1.00 73.25 ? 134  LYS A CB    1 
ATOM   750  C  CG    . LYS A 1 93  ? -20.421 -11.069 6.733   1.00 74.37 ? 134  LYS A CG    1 
ATOM   751  C  CD    . LYS A 1 93  ? -20.891 -11.512 8.115   1.00 75.49 ? 134  LYS A CD    1 
ATOM   752  C  CE    . LYS A 1 93  ? -22.420 -11.509 8.195   1.00 75.77 ? 134  LYS A CE    1 
ATOM   753  N  NZ    . LYS A 1 93  ? -22.939 -12.071 9.477   1.00 75.61 ? 134  LYS A NZ    1 
ATOM   754  N  N     . PHE A 1 94  ? -16.007 -10.807 5.198   1.00 70.39 ? 135  PHE A N     1 
ATOM   755  C  CA    . PHE A 1 94  ? -14.611 -10.401 5.199   1.00 68.86 ? 135  PHE A CA    1 
ATOM   756  C  C     . PHE A 1 94  ? -14.249 -9.574  3.963   1.00 68.06 ? 135  PHE A C     1 
ATOM   757  O  O     . PHE A 1 94  ? -13.529 -8.576  4.068   1.00 67.88 ? 135  PHE A O     1 
ATOM   758  C  CB    . PHE A 1 94  ? -13.700 -11.619 5.309   1.00 68.68 ? 135  PHE A CB    1 
ATOM   759  C  CG    . PHE A 1 94  ? -12.239 -11.282 5.300   1.00 68.26 ? 135  PHE A CG    1 
ATOM   760  C  CD1   . PHE A 1 94  ? -11.643 -10.668 6.395   1.00 67.99 ? 135  PHE A CD1   1 
ATOM   761  C  CD2   . PHE A 1 94  ? -11.453 -11.586 4.199   1.00 67.86 ? 135  PHE A CD2   1 
ATOM   762  C  CE1   . PHE A 1 94  ? -10.288 -10.357 6.387   1.00 67.37 ? 135  PHE A CE1   1 
ATOM   763  C  CE2   . PHE A 1 94  ? -10.100 -11.285 4.184   1.00 67.58 ? 135  PHE A CE2   1 
ATOM   764  C  CZ    . PHE A 1 94  ? -9.515  -10.669 5.280   1.00 67.19 ? 135  PHE A CZ    1 
ATOM   765  N  N     . LEU A 1 95  ? -14.756 -9.986  2.804   1.00 66.91 ? 136  LEU A N     1 
ATOM   766  C  CA    . LEU A 1 95  ? -14.459 -9.300  1.553   1.00 65.81 ? 136  LEU A CA    1 
ATOM   767  C  C     . LEU A 1 95  ? -14.991 -7.862  1.530   1.00 65.50 ? 136  LEU A C     1 
ATOM   768  O  O     . LEU A 1 95  ? -14.316 -6.959  1.031   1.00 65.55 ? 136  LEU A O     1 
ATOM   769  C  CB    . LEU A 1 95  ? -14.991 -10.095 0.362   1.00 65.52 ? 136  LEU A CB    1 
ATOM   770  C  CG    . LEU A 1 95  ? -14.767 -9.510  -1.034  1.00 64.59 ? 136  LEU A CG    1 
ATOM   771  C  CD1   . LEU A 1 95  ? -13.287 -9.410  -1.369  1.00 64.30 ? 136  LEU A CD1   1 
ATOM   772  C  CD2   . LEU A 1 95  ? -15.493 -10.337 -2.073  1.00 63.08 ? 136  LEU A CD2   1 
ATOM   773  N  N     . LYS A 1 96  ? -16.188 -7.656  2.082   1.00 64.93 ? 137  LYS A N     1 
ATOM   774  C  CA    . LYS A 1 96  ? -16.810 -6.317  2.124   1.00 64.32 ? 137  LYS A CA    1 
ATOM   775  C  C     . LYS A 1 96  ? -16.073 -5.363  3.050   1.00 63.76 ? 137  LYS A C     1 
ATOM   776  O  O     . LYS A 1 96  ? -15.935 -4.175  2.746   1.00 63.67 ? 137  LYS A O     1 
ATOM   777  C  CB    . LYS A 1 96  ? -18.276 -6.399  2.556   1.00 64.57 ? 137  LYS A CB    1 
ATOM   778  C  CG    . LYS A 1 96  ? -19.264 -6.386  1.412   1.00 65.30 ? 137  LYS A CG    1 
ATOM   779  C  CD    . LYS A 1 96  ? -20.609 -6.898  1.870   1.00 66.09 ? 137  LYS A CD    1 
ATOM   780  C  CE    . LYS A 1 96  ? -21.297 -7.653  0.753   1.00 66.41 ? 137  LYS A CE    1 
ATOM   781  N  NZ    . LYS A 1 96  ? -22.129 -8.749  1.312   1.00 66.65 ? 137  LYS A NZ    1 
ATOM   782  N  N     . THR A 1 97  ? -15.611 -5.884  4.186   1.00 62.80 ? 138  THR A N     1 
ATOM   783  C  CA    . THR A 1 97  ? -14.865 -5.085  5.147   1.00 62.03 ? 138  THR A CA    1 
ATOM   784  C  C     . THR A 1 97  ? -13.530 -4.650  4.567   1.00 61.45 ? 138  THR A C     1 
ATOM   785  O  O     . THR A 1 97  ? -13.054 -3.550  4.863   1.00 61.92 ? 138  THR A O     1 
ATOM   786  C  CB    . THR A 1 97  ? -14.612 -5.851  6.451   1.00 62.12 ? 138  THR A CB    1 
ATOM   787  O  OG1   . THR A 1 97  ? -14.196 -7.186  6.137   1.00 62.04 ? 138  THR A OG1   1 
ATOM   788  C  CG2   . THR A 1 97  ? -15.879 -5.891  7.306   1.00 62.16 ? 138  THR A CG2   1 
ATOM   789  N  N     . VAL A 1 98  ? -12.940 -5.506  3.732   1.00 60.15 ? 139  VAL A N     1 
ATOM   790  C  CA    . VAL A 1 98  ? -11.703 -5.174  3.033   1.00 58.93 ? 139  VAL A CA    1 
ATOM   791  C  C     . VAL A 1 98  ? -11.957 -4.155  1.923   1.00 58.16 ? 139  VAL A C     1 
ATOM   792  O  O     . VAL A 1 98  ? -11.341 -3.091  1.905   1.00 58.16 ? 139  VAL A O     1 
ATOM   793  C  CB    . VAL A 1 98  ? -11.005 -6.431  2.451   1.00 58.92 ? 139  VAL A CB    1 
ATOM   794  C  CG1   . VAL A 1 98  ? -9.889  -6.032  1.493   1.00 58.42 ? 139  VAL A CG1   1 
ATOM   795  C  CG2   . VAL A 1 98  ? -10.460 -7.300  3.569   1.00 58.74 ? 139  VAL A CG2   1 
ATOM   796  N  N     . LEU A 1 99  ? -12.890 -4.469  1.025   1.00 57.07 ? 140  LEU A N     1 
ATOM   797  C  CA    . LEU A 1 99  ? -13.212 -3.582  -0.096  1.00 56.02 ? 140  LEU A CA    1 
ATOM   798  C  C     . LEU A 1 99  ? -13.729 -2.221  0.368   1.00 55.46 ? 140  LEU A C     1 
ATOM   799  O  O     . LEU A 1 99  ? -13.316 -1.191  -0.150  1.00 55.45 ? 140  LEU A O     1 
ATOM   800  C  CB    . LEU A 1 99  ? -14.241 -4.232  -1.033  1.00 55.96 ? 140  LEU A CB    1 
ATOM   801  C  CG    . LEU A 1 99  ? -13.834 -5.429  -1.902  1.00 55.39 ? 140  LEU A CG    1 
ATOM   802  C  CD1   . LEU A 1 99  ? -15.058 -6.015  -2.591  1.00 54.60 ? 140  LEU A CD1   1 
ATOM   803  C  CD2   . LEU A 1 99  ? -12.755 -5.064  -2.917  1.00 54.51 ? 140  LEU A CD2   1 
ATOM   804  N  N     . ASN A 1 100 ? -14.617 -2.222  1.356   1.00 54.89 ? 141  ASN A N     1 
ATOM   805  C  CA    . ASN A 1 100 ? -15.243 -0.986  1.821   1.00 54.36 ? 141  ASN A CA    1 
ATOM   806  C  C     . ASN A 1 100 ? -14.490 -0.288  2.952   1.00 53.81 ? 141  ASN A C     1 
ATOM   807  O  O     . ASN A 1 100 ? -14.975 0.687   3.516   1.00 53.80 ? 141  ASN A O     1 
ATOM   808  C  CB    . ASN A 1 100 ? -16.709 -1.237  2.200   1.00 54.18 ? 141  ASN A CB    1 
ATOM   809  C  CG    . ASN A 1 100 ? -17.601 -1.435  0.977   1.00 54.25 ? 141  ASN A CG    1 
ATOM   810  O  OD1   . ASN A 1 100 ? -17.522 -0.677  0.008   1.00 53.39 ? 141  ASN A OD1   1 
ATOM   811  N  ND2   . ASN A 1 100 ? -18.461 -2.452  1.021   1.00 54.55 ? 141  ASN A ND2   1 
ATOM   812  N  N     . SER A 1 101 ? -13.296 -0.780  3.260   1.00 53.11 ? 142  SER A N     1 
ATOM   813  C  CA    . SER A 1 101 ? -12.475 -0.198  4.310   1.00 52.54 ? 142  SER A CA    1 
ATOM   814  C  C     . SER A 1 101 ? -12.028 1.225   3.973   1.00 52.11 ? 142  SER A C     1 
ATOM   815  O  O     . SER A 1 101 ? -11.616 1.508   2.848   1.00 51.83 ? 142  SER A O     1 
ATOM   816  C  CB    . SER A 1 101 ? -11.251 -1.069  4.574   1.00 52.63 ? 142  SER A CB    1 
ATOM   817  O  OG    . SER A 1 101 ? -10.559 -0.612  5.722   1.00 53.46 ? 142  SER A OG    1 
ATOM   818  N  N     . PRO A 1 102 ? -12.088 2.122   4.972   1.00 51.81 ? 143  PRO A N     1 
ATOM   819  C  CA    . PRO A 1 102 ? -11.687 3.523   4.811   1.00 51.34 ? 143  PRO A CA    1 
ATOM   820  C  C     . PRO A 1 102 ? -10.198 3.686   4.515   1.00 50.94 ? 143  PRO A C     1 
ATOM   821  O  O     . PRO A 1 102 ? -9.814  4.587   3.771   1.00 50.96 ? 143  PRO A O     1 
ATOM   822  C  CB    . PRO A 1 102 ? -12.037 4.147   6.170   1.00 51.35 ? 143  PRO A CB    1 
ATOM   823  C  CG    . PRO A 1 102 ? -12.117 2.994   7.118   1.00 51.50 ? 143  PRO A CG    1 
ATOM   824  C  CD    . PRO A 1 102 ? -12.658 1.865   6.307   1.00 51.80 ? 143  PRO A CD    1 
ATOM   825  N  N     . VAL A 1 103 ? -9.370  2.831   5.108   1.00 50.57 ? 144  VAL A N     1 
ATOM   826  C  CA    . VAL A 1 103 ? -7.935  2.822   4.827   1.00 50.25 ? 144  VAL A CA    1 
ATOM   827  C  C     . VAL A 1 103 ? -7.464  1.382   4.701   1.00 49.71 ? 144  VAL A C     1 
ATOM   828  O  O     . VAL A 1 103 ? -7.748  0.558   5.564   1.00 49.70 ? 144  VAL A O     1 
ATOM   829  C  CB    . VAL A 1 103 ? -7.119  3.511   5.946   1.00 50.39 ? 144  VAL A CB    1 
ATOM   830  C  CG1   . VAL A 1 103 ? -5.629  3.363   5.689   1.00 51.08 ? 144  VAL A CG1   1 
ATOM   831  C  CG2   . VAL A 1 103 ? -7.475  4.973   6.048   1.00 50.68 ? 144  VAL A CG2   1 
ATOM   832  N  N     . LEU A 1 104 ? -6.760  1.080   3.617   1.00 49.20 ? 145  LEU A N     1 
ATOM   833  C  CA    . LEU A 1 104 ? -6.233  -0.257  3.408   1.00 48.73 ? 145  LEU A CA    1 
ATOM   834  C  C     . LEU A 1 104 ? -4.767  -0.197  3.009   1.00 48.65 ? 145  LEU A C     1 
ATOM   835  O  O     . LEU A 1 104 ? -4.373  0.606   2.161   1.00 48.45 ? 145  LEU A O     1 
ATOM   836  C  CB    . LEU A 1 104 ? -7.046  -1.008  2.346   1.00 48.70 ? 145  LEU A CB    1 
ATOM   837  C  CG    . LEU A 1 104 ? -6.710  -2.490  2.099   1.00 48.49 ? 145  LEU A CG    1 
ATOM   838  C  CD1   . LEU A 1 104 ? -7.182  -3.386  3.246   1.00 48.08 ? 145  LEU A CD1   1 
ATOM   839  C  CD2   . LEU A 1 104 ? -7.308  -2.959  0.786   1.00 47.37 ? 145  LEU A CD2   1 
ATOM   840  N  N     . VAL A 1 105 ? -3.961  -1.044  3.645   1.00 48.38 ? 146  VAL A N     1 
ATOM   841  C  CA    . VAL A 1 105 ? -2.567  -1.186  3.284   1.00 47.99 ? 146  VAL A CA    1 
ATOM   842  C  C     . VAL A 1 105 ? -2.383  -2.503  2.553   1.00 47.96 ? 146  VAL A C     1 
ATOM   843  O  O     . VAL A 1 105 ? -2.650  -3.571  3.109   1.00 48.05 ? 146  VAL A O     1 
ATOM   844  C  CB    . VAL A 1 105 ? -1.644  -1.167  4.524   1.00 48.07 ? 146  VAL A CB    1 
ATOM   845  C  CG1   . VAL A 1 105 ? -0.179  -1.045  4.098   1.00 47.39 ? 146  VAL A CG1   1 
ATOM   846  C  CG2   . VAL A 1 105 ? -2.028  -0.041  5.463   1.00 47.89 ? 146  VAL A CG2   1 
ATOM   847  N  N     . LEU A 1 106 ? -1.951  -2.422  1.299   1.00 47.79 ? 147  LEU A N     1 
ATOM   848  C  CA    . LEU A 1 106 ? -1.494  -3.597  0.567   1.00 47.95 ? 147  LEU A CA    1 
ATOM   849  C  C     . LEU A 1 106 ? 0.032   -3.624  0.563   1.00 48.48 ? 147  LEU A C     1 
ATOM   850  O  O     . LEU A 1 106 ? 0.671   -2.887  -0.192  1.00 48.39 ? 147  LEU A O     1 
ATOM   851  C  CB    . LEU A 1 106 ? -2.031  -3.593  -0.869  1.00 47.63 ? 147  LEU A CB    1 
ATOM   852  C  CG    . LEU A 1 106 ? -3.545  -3.580  -1.090  1.00 46.56 ? 147  LEU A CG    1 
ATOM   853  C  CD1   . LEU A 1 106 ? -3.858  -3.601  -2.569  1.00 44.92 ? 147  LEU A CD1   1 
ATOM   854  C  CD2   . LEU A 1 106 ? -4.216  -4.744  -0.388  1.00 46.00 ? 147  LEU A CD2   1 
ATOM   855  N  N     . ASP A 1 107 ? 0.607   -4.458  1.425   1.00 49.30 ? 148  ASP A N     1 
ATOM   856  C  CA    . ASP A 1 107 ? 2.050   -4.469  1.643   1.00 50.41 ? 148  ASP A CA    1 
ATOM   857  C  C     . ASP A 1 107 ? 2.715   -5.526  0.772   1.00 51.45 ? 148  ASP A C     1 
ATOM   858  O  O     . ASP A 1 107 ? 2.214   -6.651  0.662   1.00 51.55 ? 148  ASP A O     1 
ATOM   859  C  CB    . ASP A 1 107 ? 2.363   -4.724  3.123   1.00 50.25 ? 148  ASP A CB    1 
ATOM   860  C  CG    . ASP A 1 107 ? 3.790   -4.347  3.498   1.00 50.26 ? 148  ASP A CG    1 
ATOM   861  O  OD1   . ASP A 1 107 ? 4.564   -5.253  3.869   1.00 49.80 ? 148  ASP A OD1   1 
ATOM   862  O  OD2   . ASP A 1 107 ? 4.141   -3.145  3.424   1.00 49.73 ? 148  ASP A OD2   1 
ATOM   863  N  N     . ASP A 1 108 ? 3.850   -5.162  0.172   1.00 52.67 ? 149  ASP A N     1 
ATOM   864  C  CA    . ASP A 1 108 ? 4.557   -6.015  -0.791  1.00 54.31 ? 149  ASP A CA    1 
ATOM   865  C  C     . ASP A 1 108 ? 3.671   -6.412  -1.969  1.00 55.23 ? 149  ASP A C     1 
ATOM   866  O  O     . ASP A 1 108 ? 3.591   -7.586  -2.335  1.00 54.97 ? 149  ASP A O     1 
ATOM   867  C  CB    . ASP A 1 108 ? 5.160   -7.247  -0.110  1.00 54.43 ? 149  ASP A CB    1 
ATOM   868  C  CG    . ASP A 1 108 ? 6.684   -7.209  -0.071  1.00 55.80 ? 149  ASP A CG    1 
ATOM   869  O  OD1   . ASP A 1 108 ? 7.274   -7.454  1.012   1.00 57.29 ? 149  ASP A OD1   1 
ATOM   870  O  OD2   . ASP A 1 108 ? 7.293   -6.937  -1.131  1.00 57.37 ? 149  ASP A OD2   1 
ATOM   871  N  N     . LEU A 1 109 ? 3.011   -5.419  -2.557  1.00 56.93 ? 150  LEU A N     1 
ATOM   872  C  CA    . LEU A 1 109 ? 2.030   -5.654  -3.618  1.00 58.62 ? 150  LEU A CA    1 
ATOM   873  C  C     . LEU A 1 109 ? 2.629   -6.379  -4.836  1.00 60.11 ? 150  LEU A C     1 
ATOM   874  O  O     . LEU A 1 109 ? 3.499   -5.846  -5.537  1.00 59.55 ? 150  LEU A O     1 
ATOM   875  C  CB    . LEU A 1 109 ? 1.334   -4.342  -4.027  1.00 58.37 ? 150  LEU A CB    1 
ATOM   876  C  CG    . LEU A 1 109 ? 0.281   -4.384  -5.147  1.00 58.13 ? 150  LEU A CG    1 
ATOM   877  C  CD1   . LEU A 1 109 ? -0.890  -5.313  -4.829  1.00 57.53 ? 150  LEU A CD1   1 
ATOM   878  C  CD2   . LEU A 1 109 ? -0.242  -2.990  -5.444  1.00 57.86 ? 150  LEU A CD2   1 
ATOM   879  N  N     . GLY A 1 110 ? 2.163   -7.615  -5.040  1.00 62.08 ? 151  GLY A N     1 
ATOM   880  C  CA    . GLY A 1 110 ? 2.575   -8.467  -6.152  1.00 64.52 ? 151  GLY A CA    1 
ATOM   881  C  C     . GLY A 1 110 ? 4.014   -8.292  -6.585  1.00 66.23 ? 151  GLY A C     1 
ATOM   882  O  O     . GLY A 1 110 ? 4.300   -8.204  -7.777  1.00 66.53 ? 151  GLY A O     1 
ATOM   883  N  N     . SER A 1 111 ? 4.926   -8.257  -5.617  1.00 68.01 ? 152  SER A N     1 
ATOM   884  C  CA    . SER A 1 111 ? 6.336   -7.960  -5.898  1.00 69.85 ? 152  SER A CA    1 
ATOM   885  C  C     . SER A 1 111 ? 6.949   -8.913  -6.931  1.00 70.93 ? 152  SER A C     1 
ATOM   886  O  O     . SER A 1 111 ? 7.769   -8.492  -7.762  1.00 71.08 ? 152  SER A O     1 
ATOM   887  C  CB    . SER A 1 111 ? 7.172   -7.946  -4.603  1.00 69.97 ? 152  SER A CB    1 
ATOM   888  O  OG    . SER A 1 111 ? 7.115   -6.673  -3.957  1.00 70.64 ? 152  SER A OG    1 
ATOM   889  N  N     . GLU A 1 112 ? 6.541   -10.186 -6.877  1.00 71.95 ? 153  GLU A N     1 
ATOM   890  C  CA    . GLU A 1 112 ? 6.995   -11.202 -7.833  1.00 72.96 ? 153  GLU A CA    1 
ATOM   891  C  C     . GLU A 1 112 ? 5.956   -11.451 -8.933  1.00 73.30 ? 153  GLU A C     1 
ATOM   892  O  O     . GLU A 1 112 ? 5.221   -10.538 -9.314  1.00 73.32 ? 153  GLU A O     1 
ATOM   893  C  CB    . GLU A 1 112 ? 7.334   -12.511 -7.105  1.00 73.11 ? 153  GLU A CB    1 
ATOM   894  C  CG    . GLU A 1 112 ? 8.671   -12.496 -6.383  1.00 74.32 ? 153  GLU A CG    1 
ATOM   895  C  CD    . GLU A 1 112 ? 9.866   -12.390 -7.336  1.00 75.90 ? 153  GLU A CD    1 
ATOM   896  O  OE1   . GLU A 1 112 ? 9.711   -12.677 -8.547  1.00 76.52 ? 153  GLU A OE1   1 
ATOM   897  O  OE2   . GLU A 1 112 ? 10.970  -12.025 -6.864  1.00 76.07 ? 153  GLU A OE2   1 
ATOM   898  N  N     . ARG A 1 113 ? 5.897   -12.688 -9.427  1.00 73.68 ? 154  ARG A N     1 
ATOM   899  C  CA    . ARG A 1 113 ? 4.961   -13.069 -10.487 1.00 73.97 ? 154  ARG A CA    1 
ATOM   900  C  C     . ARG A 1 113 ? 3.761   -13.870 -9.948  1.00 73.91 ? 154  ARG A C     1 
ATOM   901  O  O     . ARG A 1 113 ? 3.915   -14.776 -9.115  1.00 73.90 ? 154  ARG A O     1 
ATOM   902  C  CB    . ARG A 1 113 ? 5.689   -13.847 -11.587 1.00 74.14 ? 154  ARG A CB    1 
ATOM   903  C  CG    . ARG A 1 113 ? 7.065   -13.275 -11.932 1.00 75.11 ? 154  ARG A CG    1 
ATOM   904  C  CD    . ARG A 1 113 ? 7.613   -13.840 -13.244 1.00 76.92 ? 154  ARG A CD    1 
ATOM   905  N  NE    . ARG A 1 113 ? 8.818   -13.130 -13.675 1.00 78.19 ? 154  ARG A NE    1 
ATOM   906  C  CZ    . ARG A 1 113 ? 9.262   -13.079 -14.930 1.00 78.65 ? 154  ARG A CZ    1 
ATOM   907  N  NH1   . ARG A 1 113 ? 8.599   -13.697 -15.901 1.00 79.15 ? 154  ARG A NH1   1 
ATOM   908  N  NH2   . ARG A 1 113 ? 10.370  -12.401 -15.214 1.00 78.17 ? 154  ARG A NH2   1 
ATOM   909  N  N     . LEU A 1 114 ? 2.571   -13.525 -10.440 1.00 73.65 ? 155  LEU A N     1 
ATOM   910  C  CA    . LEU A 1 114 ? 1.313   -13.992 -9.862  1.00 73.20 ? 155  LEU A CA    1 
ATOM   911  C  C     . LEU A 1 114 ? 0.487   -14.798 -10.857 1.00 72.94 ? 155  LEU A C     1 
ATOM   912  O  O     . LEU A 1 114 ? 0.554   -14.565 -12.060 1.00 72.76 ? 155  LEU A O     1 
ATOM   913  C  CB    . LEU A 1 114 ? 0.483   -12.796 -9.402  1.00 73.14 ? 155  LEU A CB    1 
ATOM   914  C  CG    . LEU A 1 114 ? 1.130   -11.769 -8.476  1.00 73.44 ? 155  LEU A CG    1 
ATOM   915  C  CD1   . LEU A 1 114 ? 0.577   -10.392 -8.767  1.00 73.24 ? 155  LEU A CD1   1 
ATOM   916  C  CD2   . LEU A 1 114 ? 0.934   -12.141 -7.006  1.00 74.33 ? 155  LEU A CD2   1 
ATOM   917  N  N     . SER A 1 115 ? -0.314  -15.724 -10.335 1.00 72.68 ? 156  SER A N     1 
ATOM   918  C  CA    . SER A 1 115 ? -1.197  -16.553 -11.160 1.00 72.45 ? 156  SER A CA    1 
ATOM   919  C  C     . SER A 1 115 ? -2.485  -15.811 -11.507 1.00 72.37 ? 156  SER A C     1 
ATOM   920  O  O     . SER A 1 115 ? -2.841  -14.833 -10.848 1.00 72.45 ? 156  SER A O     1 
ATOM   921  C  CB    . SER A 1 115 ? -1.524  -17.865 -10.445 1.00 72.42 ? 156  SER A CB    1 
ATOM   922  O  OG    . SER A 1 115 ? -2.036  -17.618 -9.151  1.00 72.36 ? 156  SER A OG    1 
ATOM   923  N  N     . ASP A 1 116 ? -3.181  -16.285 -12.538 1.00 72.10 ? 157  ASP A N     1 
ATOM   924  C  CA    . ASP A 1 116 ? -4.336  -15.571 -13.092 1.00 71.96 ? 157  ASP A CA    1 
ATOM   925  C  C     . ASP A 1 116 ? -5.359  -15.148 -12.037 1.00 71.58 ? 157  ASP A C     1 
ATOM   926  O  O     . ASP A 1 116 ? -5.899  -14.041 -12.103 1.00 71.53 ? 157  ASP A O     1 
ATOM   927  C  CB    . ASP A 1 116 ? -5.019  -16.400 -14.190 1.00 72.21 ? 157  ASP A CB    1 
ATOM   928  C  CG    . ASP A 1 116 ? -4.256  -16.376 -15.513 1.00 73.27 ? 157  ASP A CG    1 
ATOM   929  O  OD1   . ASP A 1 116 ? -4.825  -16.825 -16.535 1.00 74.08 ? 157  ASP A OD1   1 
ATOM   930  O  OD2   . ASP A 1 116 ? -3.093  -15.915 -15.535 1.00 74.70 ? 157  ASP A OD2   1 
ATOM   931  N  N     . TRP A 1 117 ? -5.609  -16.023 -11.062 1.00 70.99 ? 158  TRP A N     1 
ATOM   932  C  CA    . TRP A 1 117 ? -6.594  -15.755 -10.006 1.00 70.49 ? 158  TRP A CA    1 
ATOM   933  C  C     . TRP A 1 117 ? -6.086  -14.759 -8.959  1.00 69.50 ? 158  TRP A C     1 
ATOM   934  O  O     . TRP A 1 117 ? -6.882  -14.113 -8.279  1.00 69.22 ? 158  TRP A O     1 
ATOM   935  C  CB    . TRP A 1 117 ? -7.050  -17.055 -9.330  1.00 70.84 ? 158  TRP A CB    1 
ATOM   936  C  CG    . TRP A 1 117 ? -5.925  -17.865 -8.753  1.00 72.96 ? 158  TRP A CG    1 
ATOM   937  C  CD1   . TRP A 1 117 ? -5.238  -18.872 -9.373  1.00 74.45 ? 158  TRP A CD1   1 
ATOM   938  C  CD2   . TRP A 1 117 ? -5.347  -17.730 -7.447  1.00 74.80 ? 158  TRP A CD2   1 
ATOM   939  N  NE1   . TRP A 1 117 ? -4.271  -19.375 -8.534  1.00 75.38 ? 158  TRP A NE1   1 
ATOM   940  C  CE2   . TRP A 1 117 ? -4.318  -18.695 -7.345  1.00 75.37 ? 158  TRP A CE2   1 
ATOM   941  C  CE3   . TRP A 1 117 ? -5.600  -16.892 -6.352  1.00 75.45 ? 158  TRP A CE3   1 
ATOM   942  C  CZ2   . TRP A 1 117 ? -3.540  -18.843 -6.194  1.00 75.72 ? 158  TRP A CZ2   1 
ATOM   943  C  CZ3   . TRP A 1 117 ? -4.832  -17.044 -5.206  1.00 76.17 ? 158  TRP A CZ3   1 
ATOM   944  C  CH2   . TRP A 1 117 ? -3.806  -18.008 -5.141  1.00 76.26 ? 158  TRP A CH2   1 
ATOM   945  N  N     . GLN A 1 118 ? -4.763  -14.660 -8.816  1.00 68.33 ? 159  GLN A N     1 
ATOM   946  C  CA    . GLN A 1 118 ? -4.160  -13.628 -7.983  1.00 67.22 ? 159  GLN A CA    1 
ATOM   947  C  C     . GLN A 1 118 ? -4.227  -12.272 -8.668  1.00 66.40 ? 159  GLN A C     1 
ATOM   948  O  O     . GLN A 1 118 ? -4.458  -11.253 -8.020  1.00 66.36 ? 159  GLN A O     1 
ATOM   949  C  CB    . GLN A 1 118 ? -2.708  -13.961 -7.677  1.00 67.36 ? 159  GLN A CB    1 
ATOM   950  C  CG    . GLN A 1 118 ? -2.507  -15.022 -6.625  1.00 67.78 ? 159  GLN A CG    1 
ATOM   951  C  CD    . GLN A 1 118 ? -1.038  -15.251 -6.297  1.00 68.09 ? 159  GLN A CD    1 
ATOM   952  O  OE1   . GLN A 1 118 ? -0.227  -15.547 -7.179  1.00 68.46 ? 159  GLN A OE1   1 
ATOM   953  N  NE2   . GLN A 1 118 ? -0.692  -15.121 -5.022  1.00 67.86 ? 159  GLN A NE2   1 
ATOM   954  N  N     . ARG A 1 119 ? -4.014  -12.266 -9.980  1.00 65.34 ? 160  ARG A N     1 
ATOM   955  C  CA    . ARG A 1 119 ? -4.128  -11.049 -10.773 1.00 64.38 ? 160  ARG A CA    1 
ATOM   956  C  C     . ARG A 1 119 ? -5.582  -10.604 -10.842 1.00 63.08 ? 160  ARG A C     1 
ATOM   957  O  O     . ARG A 1 119 ? -5.863  -9.429  -11.035 1.00 63.08 ? 160  ARG A O     1 
ATOM   958  C  CB    . ARG A 1 119 ? -3.590  -11.274 -12.187 1.00 64.79 ? 160  ARG A CB    1 
ATOM   959  C  CG    . ARG A 1 119 ? -2.175  -11.835 -12.253 1.00 66.78 ? 160  ARG A CG    1 
ATOM   960  C  CD    . ARG A 1 119 ? -1.132  -10.729 -12.204 1.00 69.85 ? 160  ARG A CD    1 
ATOM   961  N  NE    . ARG A 1 119 ? 0.163   -11.181 -12.709 1.00 72.35 ? 160  ARG A NE    1 
ATOM   962  C  CZ    . ARG A 1 119 ? 0.616   -10.946 -13.941 1.00 73.28 ? 160  ARG A CZ    1 
ATOM   963  N  NH1   . ARG A 1 119 ? -0.118  -10.248 -14.803 1.00 72.96 ? 160  ARG A NH1   1 
ATOM   964  N  NH2   . ARG A 1 119 ? 1.810   -11.399 -14.308 1.00 74.02 ? 160  ARG A NH2   1 
ATOM   965  N  N     . GLU A 1 120 ? -6.497  -11.562 -10.689 1.00 61.49 ? 161  GLU A N     1 
ATOM   966  C  CA    . GLU A 1 120 ? -7.938  -11.299 -10.683 1.00 59.75 ? 161  GLU A CA    1 
ATOM   967  C  C     . GLU A 1 120 ? -8.367  -10.493 -9.461  1.00 57.97 ? 161  GLU A C     1 
ATOM   968  O  O     . GLU A 1 120 ? -9.062  -9.491  -9.584  1.00 57.77 ? 161  GLU A O     1 
ATOM   969  C  CB    . GLU A 1 120 ? -8.729  -12.620 -10.723 1.00 60.36 ? 161  GLU A CB    1 
ATOM   970  C  CG    . GLU A 1 120 ? -8.900  -13.249 -12.120 1.00 62.06 ? 161  GLU A CG    1 
ATOM   971  C  CD    . GLU A 1 120 ? -9.463  -14.675 -12.069 1.00 64.01 ? 161  GLU A CD    1 
ATOM   972  O  OE1   . GLU A 1 120 ? -9.840  -15.130 -10.964 1.00 64.97 ? 161  GLU A OE1   1 
ATOM   973  O  OE2   . GLU A 1 120 ? -9.523  -15.340 -13.132 1.00 64.03 ? 161  GLU A OE2   1 
ATOM   974  N  N     . LEU A 1 121 ? -7.941  -10.942 -8.284  1.00 55.88 ? 162  LEU A N     1 
ATOM   975  C  CA    . LEU A 1 121 ? -8.287  -10.296 -7.028  1.00 53.88 ? 162  LEU A CA    1 
ATOM   976  C  C     . LEU A 1 121 ? -7.653  -8.924  -6.862  1.00 52.39 ? 162  LEU A C     1 
ATOM   977  O  O     . LEU A 1 121 ? -8.316  -7.986  -6.435  1.00 52.33 ? 162  LEU A O     1 
ATOM   978  C  CB    . LEU A 1 121 ? -7.901  -11.187 -5.848  1.00 54.08 ? 162  LEU A CB    1 
ATOM   979  C  CG    . LEU A 1 121 ? -8.901  -12.263 -5.454  1.00 54.11 ? 162  LEU A CG    1 
ATOM   980  C  CD1   . LEU A 1 121 ? -8.213  -13.326 -4.618  1.00 54.41 ? 162  LEU A CD1   1 
ATOM   981  C  CD2   . LEU A 1 121 ? -10.064 -11.644 -4.693  1.00 54.24 ? 162  LEU A CD2   1 
ATOM   982  N  N     . ILE A 1 122 ? -6.370  -8.811  -7.199  1.00 50.71 ? 163  ILE A N     1 
ATOM   983  C  CA    . ILE A 1 122 ? -5.659  -7.538  -7.098  1.00 48.97 ? 163  ILE A CA    1 
ATOM   984  C  C     . ILE A 1 122 ? -6.341  -6.473  -7.957  1.00 48.25 ? 163  ILE A C     1 
ATOM   985  O  O     . ILE A 1 122 ? -6.667  -5.387  -7.470  1.00 48.05 ? 163  ILE A O     1 
ATOM   986  C  CB    . ILE A 1 122 ? -4.180  -7.686  -7.490  1.00 48.88 ? 163  ILE A CB    1 
ATOM   987  C  CG1   . ILE A 1 122 ? -3.437  -8.513  -6.439  1.00 48.43 ? 163  ILE A CG1   1 
ATOM   988  C  CG2   . ILE A 1 122 ? -3.522  -6.330  -7.631  1.00 48.30 ? 163  ILE A CG2   1 
ATOM   989  C  CD1   . ILE A 1 122 ? -2.108  -9.079  -6.929  1.00 48.21 ? 163  ILE A CD1   1 
ATOM   990  N  N     . SER A 1 123 ? -6.587  -6.804  -9.224  1.00 47.06 ? 164  SER A N     1 
ATOM   991  C  CA    . SER A 1 123 ? -7.345  -5.933  -10.113 1.00 46.21 ? 164  SER A CA    1 
ATOM   992  C  C     . SER A 1 123 ? -8.756  -5.623  -9.591  1.00 45.55 ? 164  SER A C     1 
ATOM   993  O  O     . SER A 1 123 ? -9.272  -4.529  -9.800  1.00 45.31 ? 164  SER A O     1 
ATOM   994  C  CB    . SER A 1 123 ? -7.426  -6.533  -11.514 1.00 46.05 ? 164  SER A CB    1 
ATOM   995  O  OG    . SER A 1 123 ? -8.070  -5.638  -12.404 1.00 46.88 ? 164  SER A OG    1 
ATOM   996  N  N     . TYR A 1 124 ? -9.374  -6.593  -8.927  1.00 44.79 ? 165  TYR A N     1 
ATOM   997  C  CA    . TYR A 1 124 ? -10.711 -6.413  -8.369  1.00 44.26 ? 165  TYR A CA    1 
ATOM   998  C  C     . TYR A 1 124 ? -10.714 -5.430  -7.200  1.00 43.83 ? 165  TYR A C     1 
ATOM   999  O  O     . TYR A 1 124 ? -11.493 -4.480  -7.181  1.00 43.78 ? 165  TYR A O     1 
ATOM   1000 C  CB    . TYR A 1 124 ? -11.285 -7.755  -7.914  1.00 44.49 ? 165  TYR A CB    1 
ATOM   1001 C  CG    . TYR A 1 124 ? -12.673 -7.674  -7.314  1.00 45.49 ? 165  TYR A CG    1 
ATOM   1002 C  CD1   . TYR A 1 124 ? -13.675 -6.915  -7.913  1.00 47.11 ? 165  TYR A CD1   1 
ATOM   1003 C  CD2   . TYR A 1 124 ? -12.997 -8.393  -6.171  1.00 46.57 ? 165  TYR A CD2   1 
ATOM   1004 C  CE1   . TYR A 1 124 ? -14.959 -6.848  -7.367  1.00 47.18 ? 165  TYR A CE1   1 
ATOM   1005 C  CE2   . TYR A 1 124 ? -14.279 -8.338  -5.625  1.00 46.96 ? 165  TYR A CE2   1 
ATOM   1006 C  CZ    . TYR A 1 124 ? -15.254 -7.564  -6.229  1.00 46.98 ? 165  TYR A CZ    1 
ATOM   1007 O  OH    . TYR A 1 124 ? -16.523 -7.501  -5.693  1.00 46.98 ? 165  TYR A OH    1 
ATOM   1008 N  N     . ILE A 1 125 ? -9.839  -5.666  -6.225  1.00 42.96 ? 166  ILE A N     1 
ATOM   1009 C  CA    . ILE A 1 125 ? -9.757  -4.835  -5.031  1.00 42.04 ? 166  ILE A CA    1 
ATOM   1010 C  C     . ILE A 1 125 ? -9.362  -3.387  -5.350  1.00 41.69 ? 166  ILE A C     1 
ATOM   1011 O  O     . ILE A 1 125 ? -9.841  -2.451  -4.718  1.00 41.52 ? 166  ILE A O     1 
ATOM   1012 C  CB    . ILE A 1 125 ? -8.785  -5.459  -4.000  1.00 42.02 ? 166  ILE A CB    1 
ATOM   1013 C  CG1   . ILE A 1 125 ? -9.420  -6.706  -3.367  1.00 42.31 ? 166  ILE A CG1   1 
ATOM   1014 C  CG2   . ILE A 1 125 ? -8.393  -4.446  -2.940  1.00 41.65 ? 166  ILE A CG2   1 
ATOM   1015 C  CD1   . ILE A 1 125 ? -8.454  -7.536  -2.526  1.00 42.70 ? 166  ILE A CD1   1 
ATOM   1016 N  N     . ILE A 1 126 ? -8.506  -3.214  -6.349  1.00 41.30 ? 167  ILE A N     1 
ATOM   1017 C  CA    . ILE A 1 126 ? -8.013  -1.896  -6.719  1.00 41.07 ? 167  ILE A CA    1 
ATOM   1018 C  C     . ILE A 1 126 ? -9.006  -1.094  -7.582  1.00 41.39 ? 167  ILE A C     1 
ATOM   1019 O  O     . ILE A 1 126 ? -9.164  0.122   -7.402  1.00 41.53 ? 167  ILE A O     1 
ATOM   1020 C  CB    . ILE A 1 126 ? -6.633  -1.996  -7.392  1.00 40.84 ? 167  ILE A CB    1 
ATOM   1021 C  CG1   . ILE A 1 126 ? -5.577  -2.255  -6.319  1.00 40.73 ? 167  ILE A CG1   1 
ATOM   1022 C  CG2   . ILE A 1 126 ? -6.312  -0.726  -8.165  1.00 39.61 ? 167  ILE A CG2   1 
ATOM   1023 C  CD1   . ILE A 1 126 ? -4.372  -2.984  -6.810  1.00 41.62 ? 167  ILE A CD1   1 
ATOM   1024 N  N     . THR A 1 127 ? -9.682  -1.770  -8.501  1.00 41.21 ? 168  THR A N     1 
ATOM   1025 C  CA    . THR A 1 127 ? -10.704 -1.116  -9.321  1.00 41.46 ? 168  THR A CA    1 
ATOM   1026 C  C     . THR A 1 127 ? -11.896 -0.661  -8.456  1.00 41.27 ? 168  THR A C     1 
ATOM   1027 O  O     . THR A 1 127 ? -12.442 0.429   -8.641  1.00 41.04 ? 168  THR A O     1 
ATOM   1028 C  CB    . THR A 1 127 ? -11.161 -2.041  -10.470 1.00 41.18 ? 168  THR A CB    1 
ATOM   1029 O  OG1   . THR A 1 127 ? -10.024 -2.386  -11.264 1.00 41.39 ? 168  THR A OG1   1 
ATOM   1030 C  CG2   . THR A 1 127 ? -12.176 -1.364  -11.340 1.00 41.59 ? 168  THR A CG2   1 
ATOM   1031 N  N     . TYR A 1 128 ? -12.277 -1.497  -7.498  1.00 41.35 ? 169  TYR A N     1 
ATOM   1032 C  CA    . TYR A 1 128 ? -13.344 -1.160  -6.569  1.00 41.52 ? 169  TYR A CA    1 
ATOM   1033 C  C     . TYR A 1 128 ? -12.989 0.079   -5.749  1.00 41.53 ? 169  TYR A C     1 
ATOM   1034 O  O     . TYR A 1 128 ? -13.788 1.016   -5.645  1.00 41.77 ? 169  TYR A O     1 
ATOM   1035 C  CB    . TYR A 1 128 ? -13.617 -2.337  -5.646  1.00 41.54 ? 169  TYR A CB    1 
ATOM   1036 C  CG    . TYR A 1 128 ? -14.827 -2.168  -4.778  1.00 42.72 ? 169  TYR A CG    1 
ATOM   1037 C  CD1   . TYR A 1 128 ? -16.093 -2.571  -5.221  1.00 43.66 ? 169  TYR A CD1   1 
ATOM   1038 C  CD2   . TYR A 1 128 ? -14.718 -1.613  -3.508  1.00 43.95 ? 169  TYR A CD2   1 
ATOM   1039 C  CE1   . TYR A 1 128 ? -17.218 -2.415  -4.419  1.00 44.27 ? 169  TYR A CE1   1 
ATOM   1040 C  CE2   . TYR A 1 128 ? -15.834 -1.453  -2.696  1.00 44.60 ? 169  TYR A CE2   1 
ATOM   1041 C  CZ    . TYR A 1 128 ? -17.082 -1.853  -3.152  1.00 44.07 ? 169  TYR A CZ    1 
ATOM   1042 O  OH    . TYR A 1 128 ? -18.181 -1.694  -2.342  1.00 43.59 ? 169  TYR A OH    1 
ATOM   1043 N  N     . ARG A 1 129 ? -11.778 0.091   -5.200  1.00 41.17 ? 170  ARG A N     1 
ATOM   1044 C  CA    . ARG A 1 129 ? -11.317 1.187   -4.353  1.00 41.06 ? 170  ARG A CA    1 
ATOM   1045 C  C     . ARG A 1 129 ? -10.986 2.430   -5.163  1.00 41.24 ? 170  ARG A C     1 
ATOM   1046 O  O     . ARG A 1 129 ? -11.022 3.536   -4.637  1.00 41.54 ? 170  ARG A O     1 
ATOM   1047 C  CB    . ARG A 1 129 ? -10.118 0.746   -3.509  1.00 40.81 ? 170  ARG A CB    1 
ATOM   1048 C  CG    . ARG A 1 129 ? -10.477 -0.332  -2.487  1.00 39.98 ? 170  ARG A CG    1 
ATOM   1049 C  CD    . ARG A 1 129 ? -9.296  -0.753  -1.630  1.00 39.33 ? 170  ARG A CD    1 
ATOM   1050 N  NE    . ARG A 1 129 ? -8.956  0.258   -0.626  1.00 38.68 ? 170  ARG A NE    1 
ATOM   1051 C  CZ    . ARG A 1 129 ? -9.684  0.509   0.459   1.00 37.78 ? 170  ARG A CZ    1 
ATOM   1052 N  NH1   . ARG A 1 129 ? -10.800 -0.174  0.685   1.00 35.96 ? 170  ARG A NH1   1 
ATOM   1053 N  NH2   . ARG A 1 129 ? -9.308  1.461   1.310   1.00 37.11 ? 170  ARG A NH2   1 
ATOM   1054 N  N     . TYR A 1 130 ? -10.675 2.240   -6.444  1.00 41.44 ? 171  TYR A N     1 
ATOM   1055 C  CA    . TYR A 1 130 ? -10.568 3.346   -7.412  1.00 41.85 ? 171  TYR A CA    1 
ATOM   1056 C  C     . TYR A 1 130 ? -11.940 3.966   -7.719  1.00 42.27 ? 171  TYR A C     1 
ATOM   1057 O  O     . TYR A 1 130 ? -12.092 5.186   -7.713  1.00 42.59 ? 171  TYR A O     1 
ATOM   1058 C  CB    . TYR A 1 130 ? -9.915  2.862   -8.714  1.00 41.68 ? 171  TYR A CB    1 
ATOM   1059 C  CG    . TYR A 1 130 ? -9.814  3.904   -9.810  1.00 42.04 ? 171  TYR A CG    1 
ATOM   1060 C  CD1   . TYR A 1 130 ? -8.836  4.891   -9.768  1.00 42.96 ? 171  TYR A CD1   1 
ATOM   1061 C  CD2   . TYR A 1 130 ? -10.680 3.888   -10.902 1.00 41.80 ? 171  TYR A CD2   1 
ATOM   1062 C  CE1   . TYR A 1 130 ? -8.732  5.847   -10.774 1.00 42.43 ? 171  TYR A CE1   1 
ATOM   1063 C  CE2   . TYR A 1 130 ? -10.583 4.841   -11.911 1.00 41.14 ? 171  TYR A CE2   1 
ATOM   1064 C  CZ    . TYR A 1 130 ? -9.608  5.815   -11.840 1.00 41.94 ? 171  TYR A CZ    1 
ATOM   1065 O  OH    . TYR A 1 130 ? -9.504  6.764   -12.829 1.00 41.97 ? 171  TYR A OH    1 
ATOM   1066 N  N     . ASN A 1 131 ? -12.933 3.125   -7.989  1.00 42.56 ? 172  ASN A N     1 
ATOM   1067 C  CA    . ASN A 1 131 ? -14.265 3.620   -8.351  1.00 43.14 ? 172  ASN A CA    1 
ATOM   1068 C  C     . ASN A 1 131 ? -15.024 4.250   -7.184  1.00 43.49 ? 172  ASN A C     1 
ATOM   1069 O  O     . ASN A 1 131 ? -15.789 5.202   -7.371  1.00 43.54 ? 172  ASN A O     1 
ATOM   1070 C  CB    . ASN A 1 131 ? -15.107 2.506   -8.976  1.00 42.95 ? 172  ASN A CB    1 
ATOM   1071 C  CG    . ASN A 1 131 ? -14.523 1.993   -10.273 1.00 42.45 ? 172  ASN A CG    1 
ATOM   1072 O  OD1   . ASN A 1 131 ? -13.871 2.733   -11.013 1.00 41.55 ? 172  ASN A OD1   1 
ATOM   1073 N  ND2   . ASN A 1 131 ? -14.740 0.714   -10.549 1.00 41.92 ? 172  ASN A ND2   1 
ATOM   1074 N  N     . ASN A 1 132 ? -14.812 3.708   -5.986  1.00 43.90 ? 173  ASN A N     1 
ATOM   1075 C  CA    . ASN A 1 132 ? -15.560 4.140   -4.805  1.00 44.35 ? 173  ASN A CA    1 
ATOM   1076 C  C     . ASN A 1 132 ? -14.728 4.999   -3.864  1.00 44.28 ? 173  ASN A C     1 
ATOM   1077 O  O     . ASN A 1 132 ? -15.044 5.117   -2.687  1.00 44.49 ? 173  ASN A O     1 
ATOM   1078 C  CB    . ASN A 1 132 ? -16.142 2.932   -4.061  1.00 44.57 ? 173  ASN A CB    1 
ATOM   1079 C  CG    . ASN A 1 132 ? -16.904 1.979   -4.988  1.00 45.92 ? 173  ASN A CG    1 
ATOM   1080 O  OD1   . ASN A 1 132 ? -17.085 2.252   -6.169  1.00 47.39 ? 173  ASN A OD1   1 
ATOM   1081 N  ND2   . ASN A 1 132 ? -17.351 0.861   -4.445  1.00 47.34 ? 173  ASN A ND2   1 
ATOM   1082 N  N     . LEU A 1 133 ? -13.669 5.600   -4.401  1.00 44.36 ? 174  LEU A N     1 
ATOM   1083 C  CA    . LEU A 1 133 ? -12.834 6.559   -3.673  1.00 44.18 ? 174  LEU A CA    1 
ATOM   1084 C  C     . LEU A 1 133 ? -12.443 6.056   -2.296  1.00 44.55 ? 174  LEU A C     1 
ATOM   1085 O  O     . LEU A 1 133 ? -12.612 6.738   -1.289  1.00 44.71 ? 174  LEU A O     1 
ATOM   1086 C  CB    . LEU A 1 133 ? -13.512 7.936   -3.585  1.00 43.93 ? 174  LEU A CB    1 
ATOM   1087 C  CG    . LEU A 1 133 ? -13.932 8.600   -4.901  1.00 43.11 ? 174  LEU A CG    1 
ATOM   1088 C  CD1   . LEU A 1 133 ? -14.773 9.827   -4.638  1.00 42.23 ? 174  LEU A CD1   1 
ATOM   1089 C  CD2   . LEU A 1 133 ? -12.737 8.945   -5.770  1.00 41.62 ? 174  LEU A CD2   1 
ATOM   1090 N  N     . LYS A 1 134 ? -11.901 4.855   -2.257  1.00 45.06 ? 175  LYS A N     1 
ATOM   1091 C  CA    . LYS A 1 134 ? -11.486 4.269   -1.006  1.00 45.46 ? 175  LYS A CA    1 
ATOM   1092 C  C     . LYS A 1 134 ? -9.967  4.358   -0.905  1.00 45.97 ? 175  LYS A C     1 
ATOM   1093 O  O     . LYS A 1 134 ? -9.252  3.722   -1.668  1.00 46.07 ? 175  LYS A O     1 
ATOM   1094 C  CB    . LYS A 1 134 ? -11.968 2.824   -0.935  1.00 45.37 ? 175  LYS A CB    1 
ATOM   1095 C  CG    . LYS A 1 134 ? -13.488 2.676   -0.856  1.00 45.36 ? 175  LYS A CG    1 
ATOM   1096 C  CD    . LYS A 1 134 ? -13.980 2.708   0.575   1.00 45.62 ? 175  LYS A CD    1 
ATOM   1097 C  CE    . LYS A 1 134 ? -15.466 2.960   0.649   1.00 45.42 ? 175  LYS A CE    1 
ATOM   1098 N  NZ    . LYS A 1 134 ? -15.815 3.454   2.009   1.00 47.12 ? 175  LYS A NZ    1 
ATOM   1099 N  N     . SER A 1 135 ? -9.481  5.179   0.019   1.00 46.72 ? 176  SER A N     1 
ATOM   1100 C  CA    . SER A 1 135 ? -8.047  5.460   0.136   1.00 47.40 ? 176  SER A CA    1 
ATOM   1101 C  C     . SER A 1 135 ? -7.265  4.216   0.496   1.00 47.54 ? 176  SER A C     1 
ATOM   1102 O  O     . SER A 1 135 ? -7.640  3.468   1.397   1.00 47.31 ? 176  SER A O     1 
ATOM   1103 C  CB    . SER A 1 135 ? -7.782  6.560   1.159   1.00 47.60 ? 176  SER A CB    1 
ATOM   1104 O  OG    . SER A 1 135 ? -8.702  6.472   2.238   1.00 48.93 ? 176  SER A OG    1 
ATOM   1105 N  N     . THR A 1 136 ? -6.171  4.001   -0.225  1.00 47.78 ? 177  THR A N     1 
ATOM   1106 C  CA    . THR A 1 136 ? -5.408  2.775   -0.100  1.00 47.83 ? 177  THR A CA    1 
ATOM   1107 C  C     . THR A 1 136 ? -3.912  3.033   -0.226  1.00 47.86 ? 177  THR A C     1 
ATOM   1108 O  O     . THR A 1 136 ? -3.455  3.703   -1.156  1.00 47.91 ? 177  THR A O     1 
ATOM   1109 C  CB    . THR A 1 136 ? -5.876  1.696   -1.122  1.00 47.92 ? 177  THR A CB    1 
ATOM   1110 O  OG1   . THR A 1 136 ? -4.802  0.790   -1.393  1.00 48.48 ? 177  THR A OG1   1 
ATOM   1111 C  CG2   . THR A 1 136 ? -6.315  2.332   -2.424  1.00 48.06 ? 177  THR A CG2   1 
ATOM   1112 N  N     . ILE A 1 137 ? -3.155  2.503   0.729   1.00 47.93 ? 178  ILE A N     1 
ATOM   1113 C  CA    . ILE A 1 137 ? -1.711  2.677   0.749   1.00 47.89 ? 178  ILE A CA    1 
ATOM   1114 C  C     . ILE A 1 137 ? -1.010  1.407   0.290   1.00 47.98 ? 178  ILE A C     1 
ATOM   1115 O  O     . ILE A 1 137 ? -1.402  0.302   0.651   1.00 47.76 ? 178  ILE A O     1 
ATOM   1116 C  CB    . ILE A 1 137 ? -1.217  3.090   2.148   1.00 47.93 ? 178  ILE A CB    1 
ATOM   1117 C  CG1   . ILE A 1 137 ? -1.913  4.383   2.589   1.00 47.80 ? 178  ILE A CG1   1 
ATOM   1118 C  CG2   . ILE A 1 137 ? 0.306   3.249   2.152   1.00 47.90 ? 178  ILE A CG2   1 
ATOM   1119 C  CD1   . ILE A 1 137 ? -1.756  4.713   4.068   1.00 48.08 ? 178  ILE A CD1   1 
ATOM   1120 N  N     . ILE A 1 138 ? 0.026   1.574   -0.518  1.00 48.52 ? 179  ILE A N     1 
ATOM   1121 C  CA    . ILE A 1 138 ? 0.711   0.444   -1.128  1.00 49.24 ? 179  ILE A CA    1 
ATOM   1122 C  C     . ILE A 1 138 ? 2.206   0.562   -0.888  1.00 50.15 ? 179  ILE A C     1 
ATOM   1123 O  O     . ILE A 1 138 ? 2.763   1.650   -0.943  1.00 50.23 ? 179  ILE A O     1 
ATOM   1124 C  CB    . ILE A 1 138 ? 0.447   0.397   -2.658  1.00 48.92 ? 179  ILE A CB    1 
ATOM   1125 C  CG1   . ILE A 1 138 ? -1.021  0.081   -2.953  1.00 47.40 ? 179  ILE A CG1   1 
ATOM   1126 C  CG2   . ILE A 1 138 ? 1.378   -0.605  -3.346  1.00 49.36 ? 179  ILE A CG2   1 
ATOM   1127 C  CD1   . ILE A 1 138 ? -1.461  0.496   -4.330  1.00 44.16 ? 179  ILE A CD1   1 
ATOM   1128 N  N     . THR A 1 139 ? 2.850   -0.557  -0.585  1.00 51.52 ? 180  THR A N     1 
ATOM   1129 C  CA    . THR A 1 139 ? 4.308   -0.626  -0.636  1.00 53.09 ? 180  THR A CA    1 
ATOM   1130 C  C     . THR A 1 139 ? 4.704   -1.683  -1.645  1.00 54.61 ? 180  THR A C     1 
ATOM   1131 O  O     . THR A 1 139 ? 4.084   -2.745  -1.724  1.00 54.60 ? 180  THR A O     1 
ATOM   1132 C  CB    . THR A 1 139 ? 4.958   -0.930  0.736   1.00 52.71 ? 180  THR A CB    1 
ATOM   1133 O  OG1   . THR A 1 139 ? 4.822   -2.322  1.051   1.00 52.60 ? 180  THR A OG1   1 
ATOM   1134 C  CG2   . THR A 1 139 ? 4.321   -0.094  1.833   1.00 52.52 ? 180  THR A CG2   1 
ATOM   1135 N  N     . THR A 1 140 ? 5.722   -1.382  -2.435  1.00 56.60 ? 181  THR A N     1 
ATOM   1136 C  CA    . THR A 1 140 ? 6.099   -2.252  -3.528  1.00 58.85 ? 181  THR A CA    1 
ATOM   1137 C  C     . THR A 1 140 ? 7.606   -2.240  -3.761  1.00 60.95 ? 181  THR A C     1 
ATOM   1138 O  O     . THR A 1 140 ? 8.303   -1.278  -3.415  1.00 61.06 ? 181  THR A O     1 
ATOM   1139 C  CB    . THR A 1 140 ? 5.340   -1.882  -4.841  1.00 58.57 ? 181  THR A CB    1 
ATOM   1140 O  OG1   . THR A 1 140 ? 5.643   -2.840  -5.861  1.00 57.84 ? 181  THR A OG1   1 
ATOM   1141 C  CG2   . THR A 1 140 ? 5.714   -0.477  -5.318  1.00 58.29 ? 181  THR A CG2   1 
ATOM   1142 N  N     . ASN A 1 141 ? 8.102   -3.312  -4.358  1.00 63.62 ? 182  ASN A N     1 
ATOM   1143 C  CA    . ASN A 1 141 ? 9.510   -3.410  -4.670  1.00 66.32 ? 182  ASN A CA    1 
ATOM   1144 C  C     . ASN A 1 141 ? 9.875   -2.853  -6.043  1.00 68.45 ? 182  ASN A C     1 
ATOM   1145 O  O     . ASN A 1 141 ? 9.191   -3.109  -7.026  1.00 68.49 ? 182  ASN A O     1 
ATOM   1146 C  CB    . ASN A 1 141 ? 9.957   -4.850  -4.561  1.00 66.09 ? 182  ASN A CB    1 
ATOM   1147 C  CG    . ASN A 1 141 ? 11.007  -5.029  -3.515  1.00 66.19 ? 182  ASN A CG    1 
ATOM   1148 O  OD1   . ASN A 1 141 ? 12.110  -4.499  -3.636  1.00 66.99 ? 182  ASN A OD1   1 
ATOM   1149 N  ND2   . ASN A 1 141 ? 10.672  -5.753  -2.457  1.00 66.74 ? 182  ASN A ND2   1 
ATOM   1150 N  N     . TYR A 1 142 ? 10.962  -2.088  -6.095  1.00 71.39 ? 183  TYR A N     1 
ATOM   1151 C  CA    . TYR A 1 142 ? 11.528  -1.649  -7.365  1.00 74.25 ? 183  TYR A CA    1 
ATOM   1152 C  C     . TYR A 1 142 ? 12.901  -2.278  -7.589  1.00 75.91 ? 183  TYR A C     1 
ATOM   1153 O  O     . TYR A 1 142 ? 13.812  -2.121  -6.763  1.00 76.11 ? 183  TYR A O     1 
ATOM   1154 C  CB    . TYR A 1 142 ? 11.619  -0.124  -7.436  1.00 74.48 ? 183  TYR A CB    1 
ATOM   1155 C  CG    . TYR A 1 142 ? 12.011  0.403   -8.806  1.00 76.07 ? 183  TYR A CG    1 
ATOM   1156 C  CD1   . TYR A 1 142 ? 11.425  -0.107  -9.971  1.00 77.28 ? 183  TYR A CD1   1 
ATOM   1157 C  CD2   . TYR A 1 142 ? 12.946  1.429   -8.937  1.00 77.02 ? 183  TYR A CD2   1 
ATOM   1158 C  CE1   . TYR A 1 142 ? 11.789  0.374   -11.231 1.00 78.27 ? 183  TYR A CE1   1 
ATOM   1159 C  CE2   . TYR A 1 142 ? 13.306  1.925   -10.192 1.00 77.76 ? 183  TYR A CE2   1 
ATOM   1160 C  CZ    . TYR A 1 142 ? 12.727  1.394   -11.334 1.00 78.29 ? 183  TYR A CZ    1 
ATOM   1161 O  OH    . TYR A 1 142 ? 13.082  1.886   -12.578 1.00 78.58 ? 183  TYR A OH    1 
ATOM   1162 N  N     . SER A 1 143 ? 13.034  -2.997  -8.707  1.00 77.94 ? 184  SER A N     1 
ATOM   1163 C  CA    . SER A 1 143 ? 14.249  -3.760  -9.029  1.00 79.82 ? 184  SER A CA    1 
ATOM   1164 C  C     . SER A 1 143 ? 15.433  -2.884  -9.487  1.00 81.05 ? 184  SER A C     1 
ATOM   1165 O  O     . SER A 1 143 ? 16.298  -2.527  -8.675  1.00 81.31 ? 184  SER A O     1 
ATOM   1166 C  CB    . SER A 1 143 ? 13.943  -4.854  -10.068 1.00 79.78 ? 184  SER A CB    1 
ATOM   1167 O  OG    . SER A 1 143 ? 13.248  -4.331  -11.192 1.00 80.15 ? 184  SER A OG    1 
ATOM   1168 N  N     . LEU A 1 144 ? 15.465  -2.546  -10.780 1.00 82.46 ? 185  LEU A N     1 
ATOM   1169 C  CA    . LEU A 1 144 ? 16.569  -1.763  -11.368 1.00 83.83 ? 185  LEU A CA    1 
ATOM   1170 C  C     . LEU A 1 144 ? 16.740  -0.392  -10.684 1.00 84.64 ? 185  LEU A C     1 
ATOM   1171 O  O     . LEU A 1 144 ? 15.754  0.229   -10.265 1.00 84.78 ? 185  LEU A O     1 
ATOM   1172 C  CB    . LEU A 1 144 ? 16.374  -1.611  -12.889 1.00 83.80 ? 185  LEU A CB    1 
ATOM   1173 C  CG    . LEU A 1 144 ? 16.121  -2.898  -13.700 1.00 84.08 ? 185  LEU A CG    1 
ATOM   1174 C  CD1   . LEU A 1 144 ? 15.040  -2.690  -14.767 1.00 83.99 ? 185  LEU A CD1   1 
ATOM   1175 C  CD2   . LEU A 1 144 ? 17.409  -3.461  -14.327 1.00 84.03 ? 185  LEU A CD2   1 
ATOM   1176 N  N     . GLN A 1 145 ? 17.990  0.075   -10.582 1.00 85.59 ? 186  GLN A N     1 
ATOM   1177 C  CA    . GLN A 1 145 ? 18.331  1.192   -9.676  1.00 86.38 ? 186  GLN A CA    1 
ATOM   1178 C  C     . GLN A 1 145 ? 18.181  2.635   -10.207 1.00 86.74 ? 186  GLN A C     1 
ATOM   1179 O  O     . GLN A 1 145 ? 17.379  3.407   -9.670  1.00 86.85 ? 186  GLN A O     1 
ATOM   1180 C  CB    . GLN A 1 145 ? 19.703  0.977   -9.029  1.00 86.38 ? 186  GLN A CB    1 
ATOM   1181 C  CG    . GLN A 1 145 ? 19.664  0.014   -7.861  1.00 87.07 ? 186  GLN A CG    1 
ATOM   1182 C  CD    . GLN A 1 145 ? 20.436  0.532   -6.653  1.00 88.33 ? 186  GLN A CD    1 
ATOM   1183 O  OE1   . GLN A 1 145 ? 21.672  0.515   -6.634  1.00 89.01 ? 186  GLN A OE1   1 
ATOM   1184 N  NE2   . GLN A 1 145 ? 19.707  0.987   -5.634  1.00 88.01 ? 186  GLN A NE2   1 
ATOM   1185 N  N     . ARG A 1 146 ? 18.953  3.001   -11.229 1.00 87.10 ? 187  ARG A N     1 
ATOM   1186 C  CA    . ARG A 1 146 ? 18.948  4.378   -11.737 1.00 87.49 ? 187  ARG A CA    1 
ATOM   1187 C  C     . ARG A 1 146 ? 17.585  4.756   -12.321 1.00 87.63 ? 187  ARG A C     1 
ATOM   1188 O  O     . ARG A 1 146 ? 16.762  5.388   -11.652 1.00 87.73 ? 187  ARG A O     1 
ATOM   1189 C  CB    . ARG A 1 146 ? 20.042  4.573   -12.787 1.00 87.55 ? 187  ARG A CB    1 
ATOM   1190 C  CG    . ARG A 1 146 ? 21.407  4.071   -12.358 1.00 88.16 ? 187  ARG A CG    1 
ATOM   1191 C  CD    . ARG A 1 146 ? 22.006  3.143   -13.409 1.00 89.56 ? 187  ARG A CD    1 
ATOM   1192 N  NE    . ARG A 1 146 ? 21.078  2.083   -13.810 1.00 90.77 ? 187  ARG A NE    1 
ATOM   1193 C  CZ    . ARG A 1 146 ? 20.874  0.958   -13.126 1.00 91.29 ? 187  ARG A CZ    1 
ATOM   1194 N  NH1   . ARG A 1 146 ? 21.534  0.729   -11.997 1.00 91.71 ? 187  ARG A NH1   1 
ATOM   1195 N  NH2   . ARG A 1 146 ? 20.007  0.058   -13.574 1.00 91.50 ? 187  ARG A NH2   1 
ATOM   1196 N  N     . SER A 1 150 ? 12.916  6.937   -15.468 1.00 94.88 ? 191  SER A N     1 
ATOM   1197 C  CA    . SER A 1 150 ? 12.954  5.743   -14.620 1.00 94.91 ? 191  SER A CA    1 
ATOM   1198 C  C     . SER A 1 150 ? 11.824  5.742   -13.568 1.00 94.82 ? 191  SER A C     1 
ATOM   1199 O  O     . SER A 1 150 ? 11.805  4.913   -12.646 1.00 94.87 ? 191  SER A O     1 
ATOM   1200 C  CB    . SER A 1 150 ? 14.340  5.582   -13.968 1.00 94.92 ? 191  SER A CB    1 
ATOM   1201 O  OG    . SER A 1 150 ? 14.612  6.637   -13.058 1.00 94.78 ? 191  SER A OG    1 
ATOM   1202 N  N     . SER A 1 151 ? 10.878  6.670   -13.728 1.00 94.56 ? 192  SER A N     1 
ATOM   1203 C  CA    . SER A 1 151 ? 9.651   6.702   -12.912 1.00 94.24 ? 192  SER A CA    1 
ATOM   1204 C  C     . SER A 1 151 ? 8.456   6.028   -13.586 1.00 93.94 ? 192  SER A C     1 
ATOM   1205 O  O     . SER A 1 151 ? 7.630   5.402   -12.921 1.00 94.04 ? 192  SER A O     1 
ATOM   1206 C  CB    . SER A 1 151 ? 9.276   8.136   -12.554 1.00 94.29 ? 192  SER A CB    1 
ATOM   1207 O  OG    . SER A 1 151 ? 9.840   8.503   -11.307 1.00 94.45 ? 192  SER A OG    1 
ATOM   1208 N  N     . VAL A 1 152 ? 8.351   6.180   -14.905 1.00 93.40 ? 193  VAL A N     1 
ATOM   1209 C  CA    . VAL A 1 152 ? 7.373   5.426   -15.697 1.00 92.81 ? 193  VAL A CA    1 
ATOM   1210 C  C     . VAL A 1 152 ? 7.863   3.976   -15.853 1.00 92.31 ? 193  VAL A C     1 
ATOM   1211 O  O     . VAL A 1 152 ? 7.138   3.109   -16.342 1.00 92.35 ? 193  VAL A O     1 
ATOM   1212 C  CB    . VAL A 1 152 ? 7.136   6.077   -17.100 1.00 92.92 ? 193  VAL A CB    1 
ATOM   1213 C  CG1   . VAL A 1 152 ? 5.777   5.664   -17.684 1.00 92.85 ? 193  VAL A CG1   1 
ATOM   1214 C  CG2   . VAL A 1 152 ? 7.223   7.599   -17.009 1.00 92.84 ? 193  VAL A CG2   1 
ATOM   1215 N  N     . ARG A 1 153 ? 9.109   3.740   -15.447 1.00 91.51 ? 194  ARG A N     1 
ATOM   1216 C  CA    . ARG A 1 153 ? 9.652   2.395   -15.346 1.00 90.64 ? 194  ARG A CA    1 
ATOM   1217 C  C     . ARG A 1 153 ? 9.220   1.745   -14.030 1.00 89.76 ? 194  ARG A C     1 
ATOM   1218 O  O     . ARG A 1 153 ? 9.049   0.526   -13.963 1.00 89.83 ? 194  ARG A O     1 
ATOM   1219 C  CB    . ARG A 1 153 ? 11.176  2.426   -15.453 1.00 90.86 ? 194  ARG A CB    1 
ATOM   1220 C  CG    . ARG A 1 153 ? 11.820  1.056   -15.611 1.00 91.41 ? 194  ARG A CG    1 
ATOM   1221 C  CD    . ARG A 1 153 ? 13.323  1.178   -15.747 1.00 92.51 ? 194  ARG A CD    1 
ATOM   1222 N  NE    . ARG A 1 153 ? 13.700  1.969   -16.917 1.00 93.23 ? 194  ARG A NE    1 
ATOM   1223 C  CZ    . ARG A 1 153 ? 14.945  2.342   -17.197 1.00 93.78 ? 194  ARG A CZ    1 
ATOM   1224 N  NH1   . ARG A 1 153 ? 15.947  1.996   -16.390 1.00 94.19 ? 194  ARG A NH1   1 
ATOM   1225 N  NH2   . ARG A 1 153 ? 15.189  3.059   -18.285 1.00 93.73 ? 194  ARG A NH2   1 
ATOM   1226 N  N     . ILE A 1 154 ? 9.055   2.559   -12.982 1.00 88.45 ? 195  ILE A N     1 
ATOM   1227 C  CA    . ILE A 1 154 ? 8.396   2.122   -11.736 1.00 86.92 ? 195  ILE A CA    1 
ATOM   1228 C  C     . ILE A 1 154 ? 6.937   1.758   -12.036 1.00 85.81 ? 195  ILE A C     1 
ATOM   1229 O  O     . ILE A 1 154 ? 6.288   1.041   -11.272 1.00 85.51 ? 195  ILE A O     1 
ATOM   1230 C  CB    . ILE A 1 154 ? 8.457   3.229   -10.638 1.00 86.97 ? 195  ILE A CB    1 
ATOM   1231 C  CG1   . ILE A 1 154 ? 9.872   3.334   -10.052 1.00 86.78 ? 195  ILE A CG1   1 
ATOM   1232 C  CG2   . ILE A 1 154 ? 7.429   2.969   -9.541  1.00 86.70 ? 195  ILE A CG2   1 
ATOM   1233 C  CD1   . ILE A 1 154 ? 10.118  4.586   -9.241  1.00 85.91 ? 195  ILE A CD1   1 
ATOM   1234 N  N     . SER A 1 155 ? 6.445   2.259   -13.168 1.00 84.37 ? 196  SER A N     1 
ATOM   1235 C  CA    . SER A 1 155 ? 5.104   1.964   -13.658 1.00 82.98 ? 196  SER A CA    1 
ATOM   1236 C  C     . SER A 1 155 ? 5.050   0.761   -14.630 1.00 81.79 ? 196  SER A C     1 
ATOM   1237 O  O     . SER A 1 155 ? 4.118   -0.043  -14.571 1.00 81.62 ? 196  SER A O     1 
ATOM   1238 C  CB    . SER A 1 155 ? 4.519   3.214   -14.321 1.00 83.15 ? 196  SER A CB    1 
ATOM   1239 O  OG    . SER A 1 155 ? 4.675   4.345   -13.476 1.00 83.18 ? 196  SER A OG    1 
ATOM   1240 N  N     . ALA A 1 156 ? 6.044   0.651   -15.517 1.00 80.22 ? 197  ALA A N     1 
ATOM   1241 C  CA    . ALA A 1 156 ? 6.138   -0.470  -16.473 1.00 78.54 ? 197  ALA A CA    1 
ATOM   1242 C  C     . ALA A 1 156 ? 6.645   -1.770  -15.824 1.00 77.16 ? 197  ALA A C     1 
ATOM   1243 O  O     . ALA A 1 156 ? 6.273   -2.871  -16.239 1.00 77.04 ? 197  ALA A O     1 
ATOM   1244 C  CB    . ALA A 1 156 ? 7.016   -0.088  -17.678 1.00 78.50 ? 197  ALA A CB    1 
ATOM   1245 N  N     . ASP A 1 157 ? 7.502   -1.633  -14.816 1.00 75.32 ? 198  ASP A N     1 
ATOM   1246 C  CA    . ASP A 1 157 ? 7.956   -2.767  -14.021 1.00 73.58 ? 198  ASP A CA    1 
ATOM   1247 C  C     . ASP A 1 157 ? 6.819   -3.304  -13.158 1.00 72.27 ? 198  ASP A C     1 
ATOM   1248 O  O     . ASP A 1 157 ? 6.641   -4.511  -13.036 1.00 72.10 ? 198  ASP A O     1 
ATOM   1249 C  CB    . ASP A 1 157 ? 9.138   -2.355  -13.148 1.00 73.68 ? 198  ASP A CB    1 
ATOM   1250 C  CG    . ASP A 1 157 ? 9.814   -3.535  -12.477 1.00 74.09 ? 198  ASP A CG    1 
ATOM   1251 O  OD1   . ASP A 1 157 ? 10.319  -4.438  -13.183 1.00 74.51 ? 198  ASP A OD1   1 
ATOM   1252 O  OD2   . ASP A 1 157 ? 9.876   -3.532  -11.231 1.00 75.22 ? 198  ASP A OD2   1 
ATOM   1253 N  N     . LEU A 1 158 ? 6.047   -2.396  -12.566 1.00 70.63 ? 199  LEU A N     1 
ATOM   1254 C  CA    . LEU A 1 158 ? 4.825   -2.757  -11.848 1.00 69.03 ? 199  LEU A CA    1 
ATOM   1255 C  C     . LEU A 1 158 ? 3.747   -3.323  -12.757 1.00 67.84 ? 199  LEU A C     1 
ATOM   1256 O  O     . LEU A 1 158 ? 3.061   -4.276  -12.398 1.00 67.43 ? 199  LEU A O     1 
ATOM   1257 C  CB    . LEU A 1 158 ? 4.260   -1.541  -11.113 1.00 69.18 ? 199  LEU A CB    1 
ATOM   1258 C  CG    . LEU A 1 158 ? 4.316   -1.517  -9.585  1.00 69.20 ? 199  LEU A CG    1 
ATOM   1259 C  CD1   . LEU A 1 158 ? 3.359   -2.559  -8.974  1.00 68.12 ? 199  LEU A CD1   1 
ATOM   1260 C  CD2   . LEU A 1 158 ? 5.754   -1.693  -9.081  1.00 69.07 ? 199  LEU A CD2   1 
ATOM   1261 N  N     . ALA A 1 159 ? 3.600   -2.718  -13.933 1.00 66.52 ? 200  ALA A N     1 
ATOM   1262 C  CA    . ALA A 1 159 ? 2.594   -3.137  -14.903 1.00 65.44 ? 200  ALA A CA    1 
ATOM   1263 C  C     . ALA A 1 159 ? 2.886   -4.512  -15.479 1.00 64.75 ? 200  ALA A C     1 
ATOM   1264 O  O     . ALA A 1 159 ? 1.979   -5.194  -15.951 1.00 64.78 ? 200  ALA A O     1 
ATOM   1265 C  CB    . ALA A 1 159 ? 2.485   -2.118  -16.019 1.00 65.44 ? 200  ALA A CB    1 
ATOM   1266 N  N     . SER A 1 160 ? 4.154   -4.916  -15.444 1.00 63.85 ? 201  SER A N     1 
ATOM   1267 C  CA    . SER A 1 160 ? 4.556   -6.209  -15.983 1.00 62.76 ? 201  SER A CA    1 
ATOM   1268 C  C     . SER A 1 160 ? 3.935   -7.356  -15.193 1.00 61.91 ? 201  SER A C     1 
ATOM   1269 O  O     . SER A 1 160 ? 3.596   -8.395  -15.760 1.00 61.79 ? 201  SER A O     1 
ATOM   1270 C  CB    . SER A 1 160 ? 6.079   -6.334  -15.999 1.00 62.81 ? 201  SER A CB    1 
ATOM   1271 O  OG    . SER A 1 160 ? 6.601   -6.282  -14.686 1.00 63.01 ? 201  SER A OG    1 
ATOM   1272 N  N     . ARG A 1 161 ? 3.781   -7.157  -13.887 1.00 60.96 ? 202  ARG A N     1 
ATOM   1273 C  CA    . ARG A 1 161 ? 3.272   -8.203  -13.006 1.00 60.20 ? 202  ARG A CA    1 
ATOM   1274 C  C     . ARG A 1 161 ? 1.838   -7.980  -12.539 1.00 59.27 ? 202  ARG A C     1 
ATOM   1275 O  O     . ARG A 1 161 ? 1.251   -8.850  -11.901 1.00 59.36 ? 202  ARG A O     1 
ATOM   1276 C  CB    . ARG A 1 161 ? 4.203   -8.402  -11.806 1.00 60.39 ? 202  ARG A CB    1 
ATOM   1277 C  CG    . ARG A 1 161 ? 4.756   -7.121  -11.211 1.00 61.93 ? 202  ARG A CG    1 
ATOM   1278 C  CD    . ARG A 1 161 ? 6.003   -7.393  -10.365 1.00 64.84 ? 202  ARG A CD    1 
ATOM   1279 N  NE    . ARG A 1 161 ? 6.309   -6.278  -9.460  1.00 67.59 ? 202  ARG A NE    1 
ATOM   1280 C  CZ    . ARG A 1 161 ? 7.403   -5.514  -9.532  1.00 68.49 ? 202  ARG A CZ    1 
ATOM   1281 N  NH1   . ARG A 1 161 ? 8.325   -5.745  -10.462 1.00 68.72 ? 202  ARG A NH1   1 
ATOM   1282 N  NH2   . ARG A 1 161 ? 7.574   -4.518  -8.667  1.00 67.54 ? 202  ARG A NH2   1 
ATOM   1283 N  N     . LEU A 1 162 ? 1.276   -6.815  -12.859 1.00 58.17 ? 203  LEU A N     1 
ATOM   1284 C  CA    . LEU A 1 162 ? -0.079  -6.462  -12.423 1.00 56.77 ? 203  LEU A CA    1 
ATOM   1285 C  C     . LEU A 1 162 ? -0.988  -6.101  -13.583 1.00 56.01 ? 203  LEU A C     1 
ATOM   1286 O  O     . LEU A 1 162 ? -2.201  -6.270  -13.498 1.00 55.97 ? 203  LEU A O     1 
ATOM   1287 C  CB    . LEU A 1 162 ? -0.051  -5.293  -11.431 1.00 56.67 ? 203  LEU A CB    1 
ATOM   1288 C  CG    . LEU A 1 162 ? 0.383   -5.515  -9.979  1.00 56.14 ? 203  LEU A CG    1 
ATOM   1289 C  CD1   . LEU A 1 162 ? 0.077   -4.276  -9.150  1.00 54.72 ? 203  LEU A CD1   1 
ATOM   1290 C  CD2   . LEU A 1 162 ? -0.308  -6.727  -9.389  1.00 56.40 ? 203  LEU A CD2   1 
ATOM   1291 N  N     . GLY A 1 163 ? -0.397  -5.589  -14.657 1.00 55.21 ? 204  GLY A N     1 
ATOM   1292 C  CA    . GLY A 1 163 ? -1.156  -5.098  -15.800 1.00 54.43 ? 204  GLY A CA    1 
ATOM   1293 C  C     . GLY A 1 163 ? -1.144  -3.586  -15.854 1.00 54.10 ? 204  GLY A C     1 
ATOM   1294 O  O     . GLY A 1 163 ? -0.978  -2.928  -14.830 1.00 53.92 ? 204  GLY A O     1 
ATOM   1295 N  N     . GLU A 1 164 ? -1.318  -3.037  -17.054 1.00 54.01 ? 205  GLU A N     1 
ATOM   1296 C  CA    . GLU A 1 164 ? -1.351  -1.585  -17.273 1.00 53.81 ? 205  GLU A CA    1 
ATOM   1297 C  C     . GLU A 1 164 ? -2.543  -0.902  -16.604 1.00 53.46 ? 205  GLU A C     1 
ATOM   1298 O  O     . GLU A 1 164 ? -2.405  0.179   -16.041 1.00 53.33 ? 205  GLU A O     1 
ATOM   1299 C  CB    . GLU A 1 164 ? -1.387  -1.277  -18.771 1.00 54.19 ? 205  GLU A CB    1 
ATOM   1300 C  CG    . GLU A 1 164 ? -0.139  -1.670  -19.537 1.00 55.92 ? 205  GLU A CG    1 
ATOM   1301 C  CD    . GLU A 1 164 ? 1.058   -0.784  -19.206 1.00 58.82 ? 205  GLU A CD    1 
ATOM   1302 O  OE1   . GLU A 1 164 ? 0.852   0.357   -18.723 1.00 59.40 ? 205  GLU A OE1   1 
ATOM   1303 O  OE2   . GLU A 1 164 ? 2.209   -1.232  -19.429 1.00 59.30 ? 205  GLU A OE2   1 
ATOM   1304 N  N     . ASN A 1 165 ? -3.712  -1.537  -16.691 1.00 53.19 ? 206  ASN A N     1 
ATOM   1305 C  CA    . ASN A 1 165 ? -4.957  -1.003  -16.126 1.00 52.77 ? 206  ASN A CA    1 
ATOM   1306 C  C     . ASN A 1 165 ? -4.819  -0.664  -14.638 1.00 51.88 ? 206  ASN A C     1 
ATOM   1307 O  O     . ASN A 1 165 ? -5.150  0.445   -14.204 1.00 51.78 ? 206  ASN A O     1 
ATOM   1308 C  CB    . ASN A 1 165 ? -6.100  -2.009  -16.345 1.00 53.30 ? 206  ASN A CB    1 
ATOM   1309 C  CG    . ASN A 1 165 ? -7.487  -1.375  -16.236 1.00 55.00 ? 206  ASN A CG    1 
ATOM   1310 O  OD1   . ASN A 1 165 ? -7.678  -0.204  -16.557 1.00 58.70 ? 206  ASN A OD1   1 
ATOM   1311 N  ND2   . ASN A 1 165 ? -8.467  -2.165  -15.810 1.00 56.40 ? 206  ASN A ND2   1 
ATOM   1312 N  N     . VAL A 1 166 ? -4.286  -1.615  -13.874 1.00 50.78 ? 207  VAL A N     1 
ATOM   1313 C  CA    . VAL A 1 166 ? -4.126  -1.476  -12.426 1.00 49.71 ? 207  VAL A CA    1 
ATOM   1314 C  C     . VAL A 1 166 ? -3.125  -0.371  -12.042 1.00 49.28 ? 207  VAL A C     1 
ATOM   1315 O  O     . VAL A 1 166 ? -3.453  0.536   -11.271 1.00 49.02 ? 207  VAL A O     1 
ATOM   1316 C  CB    . VAL A 1 166 ? -3.724  -2.829  -11.790 1.00 49.44 ? 207  VAL A CB    1 
ATOM   1317 C  CG1   . VAL A 1 166 ? -3.344  -2.660  -10.348 1.00 48.69 ? 207  VAL A CG1   1 
ATOM   1318 C  CG2   . VAL A 1 166 ? -4.865  -3.809  -11.909 1.00 48.93 ? 207  VAL A CG2   1 
ATOM   1319 N  N     . VAL A 1 167 ? -1.925  -0.434  -12.612 1.00 48.54 ? 208  VAL A N     1 
ATOM   1320 C  CA    . VAL A 1 167 ? -0.870  0.543   -12.321 1.00 48.08 ? 208  VAL A CA    1 
ATOM   1321 C  C     . VAL A 1 167 ? -1.269  1.962   -12.726 1.00 48.15 ? 208  VAL A C     1 
ATOM   1322 O  O     . VAL A 1 167 ? -0.819  2.934   -12.128 1.00 48.23 ? 208  VAL A O     1 
ATOM   1323 C  CB    . VAL A 1 167 ? 0.455   0.151   -13.010 1.00 47.82 ? 208  VAL A CB    1 
ATOM   1324 C  CG1   . VAL A 1 167 ? 1.541   1.161   -12.703 1.00 47.23 ? 208  VAL A CG1   1 
ATOM   1325 C  CG2   . VAL A 1 167 ? 0.875   -1.214  -12.553 1.00 47.93 ? 208  VAL A CG2   1 
ATOM   1326 N  N     . SER A 1 168 ? -2.127  2.061   -13.735 1.00 47.98 ? 209  SER A N     1 
ATOM   1327 C  CA    . SER A 1 168 ? -2.661  3.327   -14.188 1.00 47.54 ? 209  SER A CA    1 
ATOM   1328 C  C     . SER A 1 168 ? -3.592  3.919   -13.140 1.00 47.53 ? 209  SER A C     1 
ATOM   1329 O  O     . SER A 1 168 ? -3.566  5.122   -12.886 1.00 47.36 ? 209  SER A O     1 
ATOM   1330 C  CB    . SER A 1 168 ? -3.407  3.109   -15.506 1.00 47.76 ? 209  SER A CB    1 
ATOM   1331 O  OG    . SER A 1 168 ? -4.129  4.253   -15.912 1.00 47.23 ? 209  SER A OG    1 
ATOM   1332 N  N     . LYS A 1 169 ? -4.434  3.073   -12.558 1.00 47.70 ? 210  LYS A N     1 
ATOM   1333 C  CA    . LYS A 1 169 ? -5.370  3.508   -11.522 1.00 47.99 ? 210  LYS A CA    1 
ATOM   1334 C  C     . LYS A 1 169 ? -4.653  3.798   -10.203 1.00 48.34 ? 210  LYS A C     1 
ATOM   1335 O  O     . LYS A 1 169 ? -5.017  4.726   -9.489  1.00 48.63 ? 210  LYS A O     1 
ATOM   1336 C  CB    . LYS A 1 169 ? -6.480  2.469   -11.322 1.00 47.77 ? 210  LYS A CB    1 
ATOM   1337 C  CG    . LYS A 1 169 ? -7.394  2.326   -12.524 1.00 47.24 ? 210  LYS A CG    1 
ATOM   1338 C  CD    . LYS A 1 169 ? -8.543  1.384   -12.247 1.00 46.35 ? 210  LYS A CD    1 
ATOM   1339 C  CE    . LYS A 1 169 ? -9.528  1.362   -13.406 1.00 45.44 ? 210  LYS A CE    1 
ATOM   1340 N  NZ    . LYS A 1 169 ? -8.937  0.705   -14.609 1.00 45.87 ? 210  LYS A NZ    1 
ATOM   1341 N  N     . ILE A 1 170 ? -3.620  3.014   -9.906  1.00 48.84 ? 211  ILE A N     1 
ATOM   1342 C  CA    . ILE A 1 170 ? -2.770  3.250   -8.739  1.00 49.36 ? 211  ILE A CA    1 
ATOM   1343 C  C     . ILE A 1 170 ? -2.093  4.622   -8.817  1.00 50.15 ? 211  ILE A C     1 
ATOM   1344 O  O     . ILE A 1 170 ? -1.915  5.306   -7.803  1.00 49.92 ? 211  ILE A O     1 
ATOM   1345 C  CB    . ILE A 1 170 ? -1.699  2.148   -8.597  1.00 49.26 ? 211  ILE A CB    1 
ATOM   1346 C  CG1   . ILE A 1 170 ? -2.343  0.822   -8.186  1.00 48.86 ? 211  ILE A CG1   1 
ATOM   1347 C  CG2   . ILE A 1 170 ? -0.603  2.572   -7.604  1.00 48.91 ? 211  ILE A CG2   1 
ATOM   1348 C  CD1   . ILE A 1 170 ? -1.395  -0.360  -8.262  1.00 49.22 ? 211  ILE A CD1   1 
ATOM   1349 N  N     . TYR A 1 171 ? -1.736  5.025   -10.031 1.00 51.24 ? 212  TYR A N     1 
ATOM   1350 C  CA    . TYR A 1 171 ? -1.074  6.294   -10.254 1.00 52.67 ? 212  TYR A CA    1 
ATOM   1351 C  C     . TYR A 1 171 ? -2.020  7.496   -10.144 1.00 53.08 ? 212  TYR A C     1 
ATOM   1352 O  O     . TYR A 1 171 ? -1.602  8.573   -9.734  1.00 53.30 ? 212  TYR A O     1 
ATOM   1353 C  CB    . TYR A 1 171 ? -0.345  6.288   -11.602 1.00 53.10 ? 212  TYR A CB    1 
ATOM   1354 C  CG    . TYR A 1 171 ? 0.525   7.501   -11.838 1.00 56.15 ? 212  TYR A CG    1 
ATOM   1355 C  CD1   . TYR A 1 171 ? 1.534   7.848   -10.936 1.00 59.34 ? 212  TYR A CD1   1 
ATOM   1356 C  CD2   . TYR A 1 171 ? 0.357   8.296   -12.970 1.00 58.39 ? 212  TYR A CD2   1 
ATOM   1357 C  CE1   . TYR A 1 171 ? 2.342   8.960   -11.152 1.00 60.64 ? 212  TYR A CE1   1 
ATOM   1358 C  CE2   . TYR A 1 171 ? 1.156   9.408   -13.192 1.00 59.53 ? 212  TYR A CE2   1 
ATOM   1359 C  CZ    . TYR A 1 171 ? 2.147   9.736   -12.282 1.00 60.83 ? 212  TYR A CZ    1 
ATOM   1360 O  OH    . TYR A 1 171 ? 2.948   10.845  -12.493 1.00 62.59 ? 212  TYR A OH    1 
ATOM   1361 N  N     . GLU A 1 172 ? -3.295  7.315   -10.484 1.00 53.76 ? 213  GLU A N     1 
ATOM   1362 C  CA    . GLU A 1 172 ? -4.260  8.399   -10.319 1.00 54.27 ? 213  GLU A CA    1 
ATOM   1363 C  C     . GLU A 1 172 ? -4.593  8.643   -8.852  1.00 54.38 ? 213  GLU A C     1 
ATOM   1364 O  O     . GLU A 1 172 ? -4.601  9.788   -8.409  1.00 54.70 ? 213  GLU A O     1 
ATOM   1365 C  CB    . GLU A 1 172 ? -5.537  8.185   -11.155 1.00 54.46 ? 213  GLU A CB    1 
ATOM   1366 C  CG    . GLU A 1 172 ? -6.746  9.036   -10.692 1.00 55.96 ? 213  GLU A CG    1 
ATOM   1367 C  CD    . GLU A 1 172 ? -7.641  9.528   -11.832 1.00 57.79 ? 213  GLU A CD    1 
ATOM   1368 O  OE1   . GLU A 1 172 ? -8.883  9.505   -11.676 1.00 58.13 ? 213  GLU A OE1   1 
ATOM   1369 O  OE2   . GLU A 1 172 ? -7.105  9.959   -12.873 1.00 58.82 ? 213  GLU A OE2   1 
ATOM   1370 N  N     . MET A 1 173 ? -4.867  7.578   -8.102  1.00 54.52 ? 214  MET A N     1 
ATOM   1371 C  CA    . MET A 1 173 ? -5.345  7.723   -6.724  1.00 54.86 ? 214  MET A CA    1 
ATOM   1372 C  C     . MET A 1 173 ? -4.251  8.032   -5.694  1.00 54.21 ? 214  MET A C     1 
ATOM   1373 O  O     . MET A 1 173 ? -4.507  8.693   -4.687  1.00 54.24 ? 214  MET A O     1 
ATOM   1374 C  CB    . MET A 1 173 ? -6.153  6.489   -6.295  1.00 55.29 ? 214  MET A CB    1 
ATOM   1375 C  CG    . MET A 1 173 ? -7.593  6.463   -6.856  1.00 57.72 ? 214  MET A CG    1 
ATOM   1376 S  SD    . MET A 1 173 ? -8.903  7.277   -5.847  1.00 61.55 ? 214  MET A SD    1 
ATOM   1377 C  CE    . MET A 1 173 ? -9.515  5.906   -4.859  1.00 58.03 ? 214  MET A CE    1 
ATOM   1378 N  N     . ASN A 1 174 ? -3.036  7.570   -5.955  1.00 53.65 ? 215  ASN A N     1 
ATOM   1379 C  CA    . ASN A 1 174 ? -1.962  7.696   -4.979  1.00 53.05 ? 215  ASN A CA    1 
ATOM   1380 C  C     . ASN A 1 174 ? -0.863  8.669   -5.380  1.00 52.86 ? 215  ASN A C     1 
ATOM   1381 O  O     . ASN A 1 174 ? -0.647  8.929   -6.562  1.00 52.85 ? 215  ASN A O     1 
ATOM   1382 C  CB    . ASN A 1 174 ? -1.371  6.320   -4.653  1.00 52.78 ? 215  ASN A CB    1 
ATOM   1383 C  CG    . ASN A 1 174 ? -2.267  5.510   -3.752  1.00 51.76 ? 215  ASN A CG    1 
ATOM   1384 O  OD1   . ASN A 1 174 ? -3.404  5.893   -3.481  1.00 50.98 ? 215  ASN A OD1   1 
ATOM   1385 N  ND2   . ASN A 1 174 ? -1.759  4.384   -3.272  1.00 51.65 ? 215  ASN A ND2   1 
ATOM   1386 N  N     . GLU A 1 175 ? -0.180  9.215   -4.381  1.00 52.61 ? 216  GLU A N     1 
ATOM   1387 C  CA    . GLU A 1 175 ? 1.040   9.961   -4.622  1.00 52.52 ? 216  GLU A CA    1 
ATOM   1388 C  C     . GLU A 1 175 ? 2.246   9.036   -4.467  1.00 52.20 ? 216  GLU A C     1 
ATOM   1389 O  O     . GLU A 1 175 ? 2.313   8.246   -3.527  1.00 51.99 ? 216  GLU A O     1 
ATOM   1390 C  CB    . GLU A 1 175 ? 1.143   11.139  -3.657  1.00 52.62 ? 216  GLU A CB    1 
ATOM   1391 C  CG    . GLU A 1 175 ? 1.731   12.388  -4.293  1.00 53.67 ? 216  GLU A CG    1 
ATOM   1392 C  CD    . GLU A 1 175 ? 2.441   13.268  -3.288  1.00 55.03 ? 216  GLU A CD    1 
ATOM   1393 O  OE1   . GLU A 1 175 ? 1.800   13.648  -2.277  1.00 56.66 ? 216  GLU A OE1   1 
ATOM   1394 O  OE2   . GLU A 1 175 ? 3.636   13.573  -3.504  1.00 53.96 ? 216  GLU A OE2   1 
ATOM   1395 N  N     . LEU A 1 176 ? 3.193   9.131   -5.395  1.00 52.08 ? 217  LEU A N     1 
ATOM   1396 C  CA    . LEU A 1 176 ? 4.354   8.247   -5.383  1.00 52.16 ? 217  LEU A CA    1 
ATOM   1397 C  C     . LEU A 1 176 ? 5.480   8.806   -4.516  1.00 52.04 ? 217  LEU A C     1 
ATOM   1398 O  O     . LEU A 1 176 ? 5.872   9.962   -4.661  1.00 52.10 ? 217  LEU A O     1 
ATOM   1399 C  CB    . LEU A 1 176 ? 4.857   7.992   -6.807  1.00 52.05 ? 217  LEU A CB    1 
ATOM   1400 C  CG    . LEU A 1 176 ? 5.829   6.819   -7.000  1.00 53.02 ? 217  LEU A CG    1 
ATOM   1401 C  CD1   . LEU A 1 176 ? 5.068   5.507   -7.243  1.00 53.79 ? 217  LEU A CD1   1 
ATOM   1402 C  CD2   . LEU A 1 176 ? 6.811   7.100   -8.142  1.00 52.86 ? 217  LEU A CD2   1 
ATOM   1403 N  N     . LEU A 1 177 ? 6.002   7.971   -3.625  1.00 52.01 ? 218  LEU A N     1 
ATOM   1404 C  CA    . LEU A 1 177 ? 7.135   8.353   -2.790  1.00 52.15 ? 218  LEU A CA    1 
ATOM   1405 C  C     . LEU A 1 177 ? 8.265   7.334   -2.889  1.00 52.30 ? 218  LEU A C     1 
ATOM   1406 O  O     . LEU A 1 177 ? 8.202   6.259   -2.299  1.00 52.03 ? 218  LEU A O     1 
ATOM   1407 C  CB    . LEU A 1 177 ? 6.702   8.526   -1.328  1.00 52.04 ? 218  LEU A CB    1 
ATOM   1408 C  CG    . LEU A 1 177 ? 5.845   9.753   -0.973  1.00 52.08 ? 218  LEU A CG    1 
ATOM   1409 C  CD1   . LEU A 1 177 ? 5.195   9.572   0.391   1.00 52.03 ? 218  LEU A CD1   1 
ATOM   1410 C  CD2   . LEU A 1 177 ? 6.652   11.051  -1.011  1.00 51.73 ? 218  LEU A CD2   1 
ATOM   1411 N  N     . VAL A 1 178 ? 9.301   7.668   -3.642  1.00 52.71 ? 219  VAL A N     1 
ATOM   1412 C  CA    . VAL A 1 178 ? 10.433  6.774   -3.747  1.00 53.25 ? 219  VAL A CA    1 
ATOM   1413 C  C     . VAL A 1 178 ? 11.343  6.895   -2.541  1.00 54.15 ? 219  VAL A C     1 
ATOM   1414 O  O     . VAL A 1 178 ? 11.651  7.996   -2.087  1.00 54.08 ? 219  VAL A O     1 
ATOM   1415 C  CB    . VAL A 1 178 ? 11.231  7.010   -5.013  1.00 52.84 ? 219  VAL A CB    1 
ATOM   1416 C  CG1   . VAL A 1 178 ? 12.334  5.983   -5.119  1.00 51.98 ? 219  VAL A CG1   1 
ATOM   1417 C  CG2   . VAL A 1 178 ? 10.315  6.917   -6.205  1.00 52.57 ? 219  VAL A CG2   1 
ATOM   1418 N  N     . ILE A 1 179 ? 11.760  5.747   -2.018  1.00 55.41 ? 220  ILE A N     1 
ATOM   1419 C  CA    . ILE A 1 179 ? 12.621  5.696   -0.848  1.00 56.56 ? 220  ILE A CA    1 
ATOM   1420 C  C     . ILE A 1 179 ? 13.913  4.979   -1.193  1.00 57.53 ? 220  ILE A C     1 
ATOM   1421 O  O     . ILE A 1 179 ? 13.897  3.843   -1.672  1.00 57.59 ? 220  ILE A O     1 
ATOM   1422 C  CB    . ILE A 1 179 ? 11.916  4.993   0.313   1.00 56.43 ? 220  ILE A CB    1 
ATOM   1423 C  CG1   . ILE A 1 179 ? 10.616  5.719   0.632   1.00 56.18 ? 220  ILE A CG1   1 
ATOM   1424 C  CG2   . ILE A 1 179 ? 12.813  4.933   1.531   1.00 56.19 ? 220  ILE A CG2   1 
ATOM   1425 C  CD1   . ILE A 1 179 ? 9.873   5.097   1.741   1.00 56.73 ? 220  ILE A CD1   1 
ATOM   1426 N  N     . LYS A 1 180 ? 15.033  5.655   -0.961  1.00 59.05 ? 221  LYS A N     1 
ATOM   1427 C  CA    . LYS A 1 180 ? 16.310  5.204   -1.494  1.00 60.56 ? 221  LYS A CA    1 
ATOM   1428 C  C     . LYS A 1 180 ? 17.389  5.010   -0.439  1.00 61.58 ? 221  LYS A C     1 
ATOM   1429 O  O     . LYS A 1 180 ? 18.553  5.320   -0.669  1.00 61.97 ? 221  LYS A O     1 
ATOM   1430 C  CB    . LYS A 1 180 ? 16.793  6.152   -2.591  1.00 60.35 ? 221  LYS A CB    1 
ATOM   1431 C  CG    . LYS A 1 180 ? 15.930  6.109   -3.830  1.00 61.67 ? 221  LYS A CG    1 
ATOM   1432 C  CD    . LYS A 1 180 ? 16.742  6.371   -5.095  1.00 63.57 ? 221  LYS A CD    1 
ATOM   1433 C  CE    . LYS A 1 180 ? 17.017  7.860   -5.291  1.00 64.81 ? 221  LYS A CE    1 
ATOM   1434 N  NZ    . LYS A 1 180 ? 15.837  8.581   -5.863  1.00 65.65 ? 221  LYS A NZ    1 
ATOM   1435 N  N     . GLY A 1 181 ? 17.012  4.476   0.714   1.00 64.25 ? 222  GLY A N     1 
ATOM   1436 C  CA    . GLY A 1 181 ? 18.000  4.138   1.739   1.00 65.92 ? 222  GLY A CA    1 
ATOM   1437 C  C     . GLY A 1 181 ? 18.950  3.035   1.283   1.00 66.96 ? 222  GLY A C     1 
ATOM   1438 O  O     . GLY A 1 181 ? 18.618  2.238   0.403   1.00 67.21 ? 222  GLY A O     1 
ATOM   1439 N  N     . SER A 1 182 ? 20.134  2.980   1.878   1.00 67.95 ? 223  SER A N     1 
ATOM   1440 C  CA    . SER A 1 182 ? 21.119  1.983   1.471   1.00 68.82 ? 223  SER A CA    1 
ATOM   1441 C  C     . SER A 1 182 ? 21.556  1.111   2.644   1.00 69.18 ? 223  SER A C     1 
ATOM   1442 O  O     . SER A 1 182 ? 21.522  1.537   3.802   1.00 69.17 ? 223  SER A O     1 
ATOM   1443 C  CB    . SER A 1 182 ? 22.337  2.652   0.833   1.00 68.91 ? 223  SER A CB    1 
ATOM   1444 O  OG    . SER A 1 182 ? 22.836  1.883   -0.252  1.00 69.47 ? 223  SER A OG    1 
ATOM   1445 N  N     . ASP A 1 183 ? 21.968  -0.112  2.326   1.00 69.68 ? 224  ASP A N     1 
ATOM   1446 C  CA    . ASP A 1 183 ? 22.349  -1.107  3.331   1.00 69.82 ? 224  ASP A CA    1 
ATOM   1447 C  C     . ASP A 1 183 ? 21.118  -1.779  3.900   1.00 69.62 ? 224  ASP A C     1 
ATOM   1448 O  O     . ASP A 1 183 ? 21.194  -2.548  4.864   1.00 69.75 ? 224  ASP A O     1 
ATOM   1449 C  CB    . ASP A 1 183 ? 23.138  -0.485  4.474   1.00 70.08 ? 224  ASP A CB    1 
ATOM   1450 C  CG    . ASP A 1 183 ? 23.698  -1.531  5.419   1.00 70.54 ? 224  ASP A CG    1 
ATOM   1451 O  OD1   . ASP A 1 183 ? 24.762  -2.101  5.092   1.00 71.43 ? 224  ASP A OD1   1 
ATOM   1452 O  OD2   . ASP A 1 183 ? 23.074  -1.792  6.474   1.00 70.06 ? 224  ASP A OD2   1 
ATOM   1453 N  N     . LEU A 1 184 ? 19.973  -1.471  3.316   1.00 69.00 ? 225  LEU A N     1 
ATOM   1454 C  CA    . LEU A 1 184 ? 18.811  -2.246  3.620   1.00 68.49 ? 225  LEU A CA    1 
ATOM   1455 C  C     . LEU A 1 184 ? 18.564  -2.257  5.127   1.00 68.29 ? 225  LEU A C     1 
ATOM   1456 O  O     . LEU A 1 184 ? 18.636  -1.223  5.780   1.00 68.23 ? 225  LEU A O     1 
ATOM   1457 C  CB    . LEU A 1 184 ? 19.034  -3.658  3.117   1.00 68.34 ? 225  LEU A CB    1 
ATOM   1458 C  CG    . LEU A 1 184 ? 17.843  -4.572  3.195   1.00 68.24 ? 225  LEU A CG    1 
ATOM   1459 C  CD1   . LEU A 1 184 ? 17.921  -5.519  2.015   1.00 68.84 ? 225  LEU A CD1   1 
ATOM   1460 C  CD2   . LEU A 1 184 ? 17.846  -5.306  4.522   1.00 68.37 ? 225  LEU A CD2   1 
ATOM   1461 N  N     . ARG A 1 185 ? 18.301  -3.439  5.677   1.00 67.93 ? 226  ARG A N     1 
ATOM   1462 C  CA    . ARG A 1 185 ? 17.778  -3.555  7.038   1.00 67.32 ? 226  ARG A CA    1 
ATOM   1463 C  C     . ARG A 1 185 ? 18.791  -3.188  8.110   1.00 67.31 ? 226  ARG A C     1 
ATOM   1464 O  O     . ARG A 1 185 ? 18.413  -2.766  9.199   1.00 67.14 ? 226  ARG A O     1 
ATOM   1465 C  CB    . ARG A 1 185 ? 17.221  -4.960  7.276   1.00 66.94 ? 226  ARG A CB    1 
ATOM   1466 C  CG    . ARG A 1 185 ? 16.139  -5.344  6.279   1.00 65.91 ? 226  ARG A CG    1 
ATOM   1467 C  CD    . ARG A 1 185 ? 15.248  -6.466  6.784   1.00 63.13 ? 226  ARG A CD    1 
ATOM   1468 N  NE    . ARG A 1 185 ? 13.837  -6.214  6.489   1.00 60.92 ? 226  ARG A NE    1 
ATOM   1469 C  CZ    . ARG A 1 185 ? 13.319  -6.125  5.265   1.00 59.26 ? 226  ARG A CZ    1 
ATOM   1470 N  NH1   . ARG A 1 185 ? 14.087  -6.262  4.193   1.00 58.40 ? 226  ARG A NH1   1 
ATOM   1471 N  NH2   . ARG A 1 185 ? 12.025  -5.892  5.111   1.00 58.25 ? 226  ARG A NH2   1 
HETATM 1472 P  PB    . ADP B 2 .   ? 10.797  -2.466  3.651   1.00 46.67 ? 500  ADP A PB    1 
HETATM 1473 O  O1B   . ADP B 2 .   ? 9.336   -2.578  4.045   1.00 45.44 ? 500  ADP A O1B   1 
HETATM 1474 O  O2B   . ADP B 2 .   ? 11.076  -1.419  2.605   1.00 47.64 ? 500  ADP A O2B   1 
HETATM 1475 O  O3B   . ADP B 2 .   ? 11.459  -3.788  3.379   1.00 47.61 ? 500  ADP A O3B   1 
HETATM 1476 P  PA    . ADP B 2 .   ? 10.979  -2.295  6.455   1.00 45.84 ? 500  ADP A PA    1 
HETATM 1477 O  O1A   . ADP B 2 .   ? 9.879   -1.325  6.809   1.00 46.05 ? 500  ADP A O1A   1 
HETATM 1478 O  O2A   . ADP B 2 .   ? 10.478  -3.719  6.629   1.00 44.34 ? 500  ADP A O2A   1 
HETATM 1479 O  O3A   . ADP B 2 .   ? 11.534  -1.960  4.972   1.00 44.87 ? 500  ADP A O3A   1 
HETATM 1480 O  "O5'" . ADP B 2 .   ? 12.295  -2.024  7.343   1.00 46.41 ? 500  ADP A "O5'" 1 
HETATM 1481 C  "C5'" . ADP B 2 .   ? 13.103  -3.069  7.875   1.00 47.74 ? 500  ADP A "C5'" 1 
HETATM 1482 C  "C4'" . ADP B 2 .   ? 13.320  -2.836  9.364   1.00 47.82 ? 500  ADP A "C4'" 1 
HETATM 1483 O  "O4'" . ADP B 2 .   ? 14.022  -1.607  9.551   1.00 48.40 ? 500  ADP A "O4'" 1 
HETATM 1484 C  "C3'" . ADP B 2 .   ? 12.002  -2.700  10.099  1.00 48.47 ? 500  ADP A "C3'" 1 
HETATM 1485 O  "O3'" . ADP B 2 .   ? 12.058  -3.510  11.262  1.00 50.72 ? 500  ADP A "O3'" 1 
HETATM 1486 C  "C2'" . ADP B 2 .   ? 11.880  -1.224  10.445  1.00 48.02 ? 500  ADP A "C2'" 1 
HETATM 1487 O  "O2'" . ADP B 2 .   ? 11.333  -1.047  11.738  1.00 49.74 ? 500  ADP A "O2'" 1 
HETATM 1488 C  "C1'" . ADP B 2 .   ? 13.304  -0.726  10.421  1.00 47.53 ? 500  ADP A "C1'" 1 
HETATM 1489 N  N9    . ADP B 2 .   ? 13.436  0.678   9.947   1.00 47.16 ? 500  ADP A N9    1 
HETATM 1490 C  C8    . ADP B 2 .   ? 13.478  1.103   8.666   1.00 46.52 ? 500  ADP A C8    1 
HETATM 1491 N  N7    . ADP B 2 .   ? 13.638  2.453   8.603   1.00 45.55 ? 500  ADP A N7    1 
HETATM 1492 C  C5    . ADP B 2 .   ? 13.721  2.910   9.858   1.00 46.91 ? 500  ADP A C5    1 
HETATM 1493 C  C6    . ADP B 2 .   ? 13.894  4.232   10.520  1.00 47.16 ? 500  ADP A C6    1 
HETATM 1494 N  N6    . ADP B 2 .   ? 14.033  5.379   9.814   1.00 46.07 ? 500  ADP A N6    1 
HETATM 1495 N  N1    . ADP B 2 .   ? 13.926  4.262   11.859  1.00 47.92 ? 500  ADP A N1    1 
HETATM 1496 C  C2    . ADP B 2 .   ? 13.809  3.143   12.602  1.00 47.88 ? 500  ADP A C2    1 
HETATM 1497 N  N3    . ADP B 2 .   ? 13.651  1.916   12.071  1.00 48.03 ? 500  ADP A N3    1 
HETATM 1498 C  C4    . ADP B 2 .   ? 13.598  1.740   10.741  1.00 47.53 ? 500  ADP A C4    1 
HETATM 1499 MG MG    . MG  C 3 .   ? 8.114   -4.035  3.403   1.00 63.50 ? 300  MG  A MG    1 
HETATM 1500 BE BE    . BEF D 4 .   ? 10.377  -5.100  1.800   1.00 51.11 ? 1554 BEF A BE    1 
HETATM 1501 F  F1    . BEF D 4 .   ? 10.872  -3.882  0.629   1.00 51.68 ? 1554 BEF A F1    1 
HETATM 1502 F  F2    . BEF D 4 .   ? 8.768   -5.028  2.536   1.00 52.67 ? 1554 BEF A F2    1 
HETATM 1503 F  F3    . BEF D 4 .   ? 11.651  -6.068  2.541   1.00 50.29 ? 1554 BEF A F3    1 
HETATM 1504 O  O     . HOH E 5 .   ? -6.446  3.756   -6.837  1.00 30.00 ? 1    HOH A O     1 
HETATM 1505 O  O     . HOH E 5 .   ? 8.174   -0.946  -8.506  1.00 39.23 ? 2    HOH A O     1 
HETATM 1506 O  O     . HOH E 5 .   ? 20.333  -5.525  7.232   1.00 43.14 ? 3    HOH A O     1 
HETATM 1507 O  O     . HOH E 5 .   ? -5.507  2.503   11.742  1.00 46.07 ? 4    HOH A O     1 
HETATM 1508 O  O     . HOH E 5 .   ? 8.687   2.579   19.425  1.00 44.65 ? 5    HOH A O     1 
HETATM 1509 O  O     . HOH E 5 .   ? 2.663   6.239   -12.357 1.00 48.35 ? 6    HOH A O     1 
HETATM 1510 O  O     . HOH E 5 .   ? -12.757 2.431   -13.505 1.00 40.73 ? 7    HOH A O     1 
HETATM 1511 O  O     . HOH E 5 .   ? 19.143  0.596   2.630   1.00 48.02 ? 8    HOH A O     1 
HETATM 1512 O  O     . HOH E 5 .   ? 4.157   -11.372 -5.249  1.00 48.73 ? 9    HOH A O     1 
HETATM 1513 O  O     . HOH E 5 .   ? 4.881   -10.063 -3.573  1.00 47.04 ? 10   HOH A O     1 
HETATM 1514 O  O     . HOH E 5 .   ? 14.214  -10.617 15.012  1.00 49.53 ? 11   HOH A O     1 
HETATM 1515 O  O     . HOH E 5 .   ? -7.606  11.237  0.391   1.00 52.71 ? 12   HOH A O     1 
HETATM 1516 O  O     . HOH E 5 .   ? -11.832 -19.078 -5.722  1.00 49.84 ? 13   HOH A O     1 
HETATM 1517 O  O     . HOH E 5 .   ? 2.128   -0.296  15.052  1.00 55.65 ? 14   HOH A O     1 
HETATM 1518 O  O     . HOH E 5 .   ? 17.355  2.134   -2.746  1.00 51.64 ? 15   HOH A O     1 
HETATM 1519 O  O     . HOH E 5 .   ? 22.968  -4.804  7.526   1.00 54.24 ? 16   HOH A O     1 
HETATM 1520 O  O     . HOH E 5 .   ? -7.656  -0.284  15.492  1.00 54.15 ? 17   HOH A O     1 
HETATM 1521 O  O     . HOH E 5 .   ? 17.872  0.713   7.583   1.00 50.85 ? 18   HOH A O     1 
HETATM 1522 O  O     . HOH E 5 .   ? -4.907  -3.906  11.091  1.00 56.89 ? 19   HOH A O     1 
HETATM 1523 O  O     . HOH E 5 .   ? 4.415   2.674   20.081  1.00 55.19 ? 20   HOH A O     1 
HETATM 1524 O  O     . HOH E 5 .   ? 4.666   10.502  15.364  1.00 68.61 ? 21   HOH A O     1 
HETATM 1525 O  O     . HOH E 5 .   ? 3.622   -9.348  16.552  1.00 54.97 ? 22   HOH A O     1 
HETATM 1526 O  O     . HOH E 5 .   ? 17.848  -2.212  -0.394  1.00 61.23 ? 23   HOH A O     1 
HETATM 1527 O  O     . HOH E 5 .   ? 4.633   6.346   -15.197 1.00 62.12 ? 24   HOH A O     1 
HETATM 1528 O  O     . HOH E 5 .   ? 18.487  -6.776  8.408   1.00 69.22 ? 25   HOH A O     1 
HETATM 1529 O  O     . HOH E 5 .   ? -19.594 -23.044 2.484   1.00 55.12 ? 26   HOH A O     1 
HETATM 1530 O  O     . HOH E 5 .   ? -17.968 12.458  -0.019  1.00 63.10 ? 27   HOH A O     1 
HETATM 1531 O  O     . HOH E 5 .   ? -15.396 7.939   -0.169  1.00 55.58 ? 28   HOH A O     1 
HETATM 1532 O  O     . HOH E 5 .   ? 15.376  -8.626  15.643  1.00 46.00 ? 29   HOH A O     1 
HETATM 1533 O  O     . HOH E 5 .   ? 3.617   -13.927 -6.951  1.00 52.00 ? 30   HOH A O     1 
HETATM 1534 O  O     . HOH E 5 .   ? 22.585  -4.209  10.552  1.00 53.00 ? 31   HOH A O     1 
HETATM 1535 O  O     . HOH E 5 .   ? 21.842  -5.273  5.167   1.00 54.00 ? 32   HOH A O     1 
HETATM 1536 O  O     . HOH E 5 .   ? 15.060  2.270   -3.097  1.00 56.00 ? 33   HOH A O     1 
HETATM 1537 O  O     . HOH E 5 .   ? 3.072   -9.650  0.215   1.00 58.00 ? 34   HOH A O     1 
HETATM 1538 O  O     . HOH E 5 .   ? 7.991   -13.330 -3.676  1.00 61.00 ? 35   HOH A O     1 
HETATM 1539 O  O     . HOH E 5 .   ? -7.341  12.395  2.428   1.00 61.00 ? 36   HOH A O     1 
HETATM 1540 O  O     . HOH E 5 .   ? 8.225   12.748  14.972  1.00 61.00 ? 37   HOH A O     1 
HETATM 1541 O  O     . HOH E 5 .   ? 11.231  2.163   18.812  1.00 63.00 ? 38   HOH A O     1 
HETATM 1542 O  O     . HOH E 5 .   ? -6.237  5.490   -2.311  1.00 64.00 ? 39   HOH A O     1 
HETATM 1543 O  O     . HOH E 5 .   ? -4.047  1.649   14.194  1.00 66.00 ? 40   HOH A O     1 
HETATM 1544 O  O     . HOH E 5 .   ? 14.859  3.781   -12.422 1.00 66.00 ? 41   HOH A O     1 
HETATM 1545 O  O     . HOH E 5 .   ? 6.670   7.141   -11.402 1.00 66.00 ? 227  HOH A O     1 
HETATM 1546 O  O     . HOH E 5 .   ? -7.348  -2.628  -11.694 1.00 66.00 ? 228  HOH A O     1 
HETATM 1547 O  O     . HOH E 5 .   ? -8.961  15.256  -2.060  1.00 66.00 ? 229  HOH A O     1 
HETATM 1548 O  O     . HOH E 5 .   ? 7.983   -14.319 -9.430  1.00 66.00 ? 230  HOH A O     1 
# 
